data_2AGV
#
_entry.id   2AGV
#
_cell.length_a   71.385
_cell.length_b   71.385
_cell.length_c   591.017
_cell.angle_alpha   90.00
_cell.angle_beta   90.00
_cell.angle_gamma   90.00
#
_symmetry.space_group_name_H-M   'P 41'
#
loop_
_entity.id
_entity.type
_entity.pdbx_description
1 polymer 'Sarcoplasmic/endoplasmic reticulum calcium ATPase 1'
2 non-polymer 'SODIUM ION'
3 non-polymer 'OCTANOIC ACID [3S-[3ALPHA, 3ABETA, 4ALPHA, 6BETA, 6ABETA, 7BETA, 8ALPHA(Z), 9BALPHA]]-6-(ACETYLOXY)-2,3,-3A,4,5,6,6A,7,8,9B-DECAHYDRO-3,3A-DIHYDROXY-3,6,9-TRIMETHYL-8-[(2-METHYL-1-OXO-2-BUTENYL)OX Y]-2-OXO-4-(1-OXOBUTOXY)-AZULENO[4,5-B]FURAN-7-YL ESTER'
4 non-polymer 2,5-DITERT-BUTYLBENZENE-1,4-DIOL
5 non-polymer PHOSPHATIDYLETHANOLAMINE
6 water water
#
_entity_poly.entity_id   1
_entity_poly.type   'polypeptide(L)'
_entity_poly.pdbx_seq_one_letter_code
;MEAAHSKSTEECLAYFGVSETTGLTPDQVKRHLEKYGHNELPAEEGKSLWELVIEQFEDLLVRILLLAACISFVLAWFEE
GEETITAFVEPFVILLILIANAIVGVWQERNAENAIEALKEYEPEMGKVYRADRKSVQRIKARDIVPGDIVEVAVGDKVP
ADIRILSIKSTTLRVDQSILTGESVSVIKHTEPVPDPRAVNQDKKNMLFSGTNIAAGKALGIVATTGVSTEIGKIRDQMA
ATEQDKTPLQQKLDEFGEQLSKVISLICVAVWLINIGHFNDPVHGGSWIRGAIYYFKIAVALAVAAIPEGLPAVITTCLA
LGTRRMAKKNAIVRSLPSVETLGCTSVICSDKTGTLTTNQMSVCKMFIIDKVDGDFCSLNEFSITGSTYAPEGEVLKNDK
PIRSGQFDGLVELATICALCNDSSLDFNETKGVYEKVGEATETALTTLVEKMNVFNTEVRNLSKVERANACNSVIRQLMK
KEFTLEFSRDRKSMSVYCSPAKSSRAAVGNKMFVKGAPEGVIDRCNYVRVGTTRVPMTGPVKEKILSVIKEWGTGRDTLR
CLALATRDTPPKREEMVLDDSSRFMEYETDLTFVGVVGMLDPPRKEVMGSIQLCRDAGIRVIMITGDNKGTAIAICRRIG
IFGENEEVADRAYTGREFDDLPLAEQREACRRACCFARVEPSHKSKIVEYLQSYDEITAMTGDGVNDAPALKKAEIGIAM
GSGTAVAKTASEMVLADDNFSTIVAAVEEGRAIYNNMKQFIRYLISSNVGEVVCIFLTAALGLPEALIPVQLLWVNLVTD
GLPATALGFNPPDLDIMDRPPRSPKEPLISGWLFFRYMAIGGYVGAATVGAAAWWFMYAEDGPGVTYHQLTHFMQCTEDH
PHFEGLDCEIFEAPEPMTMALSVLVTIEMCNALNSLSENQSLMRMPPWVNIWLLGSICLSMSLHFLILYVDPLPMIFKLK
ALDLTQWLMVLKISLPVIGLDEILKFIARNYLEG
;
_entity_poly.pdbx_strand_id   A,B
#
loop_
_chem_comp.id
_chem_comp.type
_chem_comp.name
_chem_comp.formula
BHQ non-polymer 2,5-DITERT-BUTYLBENZENE-1,4-DIOL 'C14 H22 O2'
NA non-polymer 'SODIUM ION' 'Na 1'
PTY non-polymer PHOSPHATIDYLETHANOLAMINE 'C40 H80 N O8 P'
TG1 non-polymer 'OCTANOIC ACID [3S-[3ALPHA, 3ABETA, 4ALPHA, 6BETA, 6ABETA, 7BETA, 8ALPHA(Z), 9BALPHA]]-6-(ACETYLOXY)-2,3,-3A,4,5,6,6A,7,8,9B-DECAHYDRO-3,3A-DIHYDROXY-3,6,9-TRIMETHYL-8-[(2-METHYL-1-OXO-2-BUTENYL)OX Y]-2-OXO-4-(1-OXOBUTOXY)-AZULENO[4,5-B]FURAN-7-YL ESTER' 'C34 H50 O12'
#
# COMPACT_ATOMS: atom_id res chain seq x y z
N MET A 1 -36.63 44.21 -10.30
CA MET A 1 -37.65 45.06 -9.57
C MET A 1 -38.55 44.34 -8.54
N GLU A 2 -37.99 43.85 -7.45
CA GLU A 2 -38.82 43.12 -6.50
C GLU A 2 -39.80 43.90 -5.60
N ALA A 3 -39.84 45.22 -5.76
CA ALA A 3 -40.74 46.08 -4.98
C ALA A 3 -42.06 46.38 -5.72
N ALA A 4 -42.23 45.71 -6.86
CA ALA A 4 -43.38 45.89 -7.74
C ALA A 4 -44.78 46.05 -7.14
N HIS A 5 -45.11 45.22 -6.15
CA HIS A 5 -46.44 45.28 -5.52
C HIS A 5 -46.76 46.69 -5.01
N SER A 6 -45.73 47.37 -4.49
CA SER A 6 -45.89 48.72 -3.94
C SER A 6 -45.87 49.82 -4.98
N LYS A 7 -45.37 49.52 -6.18
CA LYS A 7 -45.32 50.51 -7.24
C LYS A 7 -46.63 50.52 -8.00
N SER A 8 -46.94 51.65 -8.61
CA SER A 8 -48.16 51.75 -9.38
C SER A 8 -47.88 51.02 -10.67
N THR A 9 -48.94 50.79 -11.43
CA THR A 9 -48.87 50.13 -12.72
C THR A 9 -48.03 51.01 -13.69
N GLU A 10 -48.11 52.32 -13.55
CA GLU A 10 -47.33 53.24 -14.40
C GLU A 10 -45.83 53.17 -14.08
N GLU A 11 -45.52 53.20 -12.78
CA GLU A 11 -44.12 53.14 -12.34
C GLU A 11 -43.40 51.87 -12.77
N CYS A 12 -44.10 50.73 -12.84
CA CYS A 12 -43.41 49.51 -13.26
C CYS A 12 -43.10 49.55 -14.73
N LEU A 13 -43.99 50.15 -15.51
CA LEU A 13 -43.78 50.26 -16.95
C LEU A 13 -42.62 51.22 -17.17
N ALA A 14 -42.63 52.34 -16.43
CA ALA A 14 -41.57 53.32 -16.54
C ALA A 14 -40.22 52.71 -16.16
N TYR A 15 -40.18 52.02 -15.02
CA TYR A 15 -38.93 51.44 -14.56
C TYR A 15 -38.24 50.58 -15.59
N PHE A 16 -38.99 49.76 -16.30
CA PHE A 16 -38.36 48.89 -17.27
C PHE A 16 -38.32 49.48 -18.69
N GLY A 17 -38.97 50.62 -18.91
CA GLY A 17 -38.99 51.25 -20.23
C GLY A 17 -39.67 50.40 -21.30
N VAL A 18 -40.84 49.86 -20.96
CA VAL A 18 -41.57 49.00 -21.89
C VAL A 18 -42.99 49.51 -22.07
N SER A 19 -43.57 49.25 -23.24
CA SER A 19 -44.92 49.69 -23.51
C SER A 19 -45.88 48.51 -23.36
N GLU A 20 -46.96 48.73 -22.64
CA GLU A 20 -47.97 47.71 -22.39
C GLU A 20 -48.60 47.14 -23.66
N THR A 21 -48.68 47.96 -24.71
CA THR A 21 -49.28 47.55 -25.97
C THR A 21 -48.34 46.86 -26.97
N THR A 22 -47.03 47.04 -26.84
CA THR A 22 -46.11 46.41 -27.78
C THR A 22 -45.17 45.39 -27.17
N GLY A 23 -44.84 45.58 -25.89
CA GLY A 23 -43.93 44.67 -25.23
C GLY A 23 -42.47 45.09 -25.48
N LEU A 24 -41.53 44.29 -24.99
CA LEU A 24 -40.11 44.60 -25.16
C LEU A 24 -39.66 44.45 -26.60
N THR A 25 -38.59 45.18 -26.95
CA THR A 25 -38.05 45.08 -28.30
C THR A 25 -36.93 44.06 -28.23
N PRO A 26 -36.54 43.49 -29.38
CA PRO A 26 -35.47 42.50 -29.41
C PRO A 26 -34.15 42.98 -28.78
N ASP A 27 -33.94 44.29 -28.73
CA ASP A 27 -32.73 44.82 -28.11
C ASP A 27 -32.89 44.73 -26.59
N GLN A 28 -34.07 45.10 -26.07
CA GLN A 28 -34.33 45.04 -24.63
C GLN A 28 -34.25 43.59 -24.17
N VAL A 29 -34.82 42.71 -25.00
CA VAL A 29 -34.84 41.28 -24.71
C VAL A 29 -33.43 40.73 -24.54
N LYS A 30 -32.49 41.18 -25.37
CA LYS A 30 -31.12 40.68 -25.27
C LYS A 30 -30.43 41.28 -24.06
N ARG A 31 -30.61 42.57 -23.87
CA ARG A 31 -29.98 43.24 -22.74
C ARG A 31 -30.56 42.74 -21.43
N HIS A 32 -31.89 42.63 -21.34
CA HIS A 32 -32.56 42.15 -20.13
C HIS A 32 -32.17 40.72 -19.82
N LEU A 33 -31.97 39.93 -20.87
CA LEU A 33 -31.58 38.53 -20.69
C LEU A 33 -30.16 38.44 -20.11
N GLU A 34 -29.25 39.22 -20.67
CA GLU A 34 -27.86 39.20 -20.23
C GLU A 34 -27.69 39.79 -18.82
N LYS A 35 -28.57 40.71 -18.46
CA LYS A 35 -28.53 41.35 -17.16
C LYS A 35 -29.15 40.49 -16.05
N TYR A 36 -30.30 39.88 -16.35
CA TYR A 36 -31.01 39.09 -15.38
C TYR A 36 -30.86 37.58 -15.51
N GLY A 37 -30.32 37.13 -16.64
CA GLY A 37 -30.19 35.70 -16.85
C GLY A 37 -31.54 35.11 -17.28
N HIS A 38 -31.52 33.81 -17.50
CA HIS A 38 -32.71 33.09 -17.90
C HIS A 38 -33.63 32.87 -16.69
N ASN A 39 -34.93 32.70 -16.93
CA ASN A 39 -35.92 32.52 -15.88
C ASN A 39 -36.05 31.09 -15.44
N GLU A 40 -35.11 30.66 -14.59
CA GLU A 40 -35.10 29.28 -14.12
C GLU A 40 -34.16 29.12 -12.93
N LEU A 41 -34.41 28.11 -12.10
CA LEU A 41 -33.57 27.83 -10.96
C LEU A 41 -32.35 27.07 -11.46
N PRO A 42 -31.17 27.36 -10.90
CA PRO A 42 -29.96 26.67 -11.34
C PRO A 42 -30.14 25.15 -11.35
N ALA A 43 -29.52 24.50 -12.32
CA ALA A 43 -29.61 23.04 -12.44
C ALA A 43 -28.71 22.45 -11.39
N GLU A 44 -29.17 21.37 -10.76
CA GLU A 44 -28.38 20.69 -9.73
C GLU A 44 -27.01 20.39 -10.30
N GLU A 45 -25.97 20.62 -9.50
CA GLU A 45 -24.61 20.37 -9.97
C GLU A 45 -24.44 18.86 -10.21
N GLY A 46 -24.02 18.52 -11.42
CA GLY A 46 -23.84 17.14 -11.80
C GLY A 46 -22.82 16.35 -11.01
N LYS A 47 -23.15 15.08 -10.80
CA LYS A 47 -22.29 14.15 -10.07
C LYS A 47 -22.24 12.93 -10.97
N SER A 48 -21.13 12.76 -11.68
CA SER A 48 -21.00 11.62 -12.59
C SER A 48 -21.01 10.29 -11.87
N LEU A 49 -21.36 9.25 -12.60
CA LEU A 49 -21.39 7.91 -12.06
C LEU A 49 -20.03 7.59 -11.49
N TRP A 50 -18.99 7.92 -12.24
CA TRP A 50 -17.61 7.68 -11.82
C TRP A 50 -17.24 8.50 -10.59
N GLU A 51 -17.67 9.76 -10.56
CA GLU A 51 -17.36 10.62 -9.42
C GLU A 51 -18.01 10.01 -8.18
N LEU A 52 -19.21 9.48 -8.35
CA LEU A 52 -19.94 8.85 -7.26
C LEU A 52 -19.15 7.64 -6.76
N VAL A 53 -18.89 6.68 -7.66
CA VAL A 53 -18.12 5.49 -7.30
C VAL A 53 -16.92 5.87 -6.42
N ILE A 54 -16.14 6.83 -6.88
CA ILE A 54 -14.96 7.28 -6.16
C ILE A 54 -15.27 7.71 -4.74
N GLU A 55 -16.43 8.32 -4.52
CA GLU A 55 -16.81 8.77 -3.18
C GLU A 55 -17.11 7.57 -2.28
N GLN A 56 -17.64 6.52 -2.90
CA GLN A 56 -17.96 5.29 -2.18
C GLN A 56 -16.71 4.64 -1.60
N PHE A 57 -15.56 5.26 -1.85
CA PHE A 57 -14.27 4.77 -1.38
C PHE A 57 -13.54 5.87 -0.61
N GLU A 58 -14.30 6.76 -0.01
CA GLU A 58 -13.73 7.88 0.73
C GLU A 58 -13.64 7.55 2.22
N ASP A 59 -14.56 6.71 2.69
CA ASP A 59 -14.61 6.31 4.08
C ASP A 59 -13.27 5.77 4.59
N LEU A 60 -12.98 6.00 5.86
CA LEU A 60 -11.73 5.54 6.44
C LEU A 60 -11.62 4.00 6.49
N LEU A 61 -12.72 3.35 6.84
CA LEU A 61 -12.70 1.91 6.96
C LEU A 61 -12.68 1.20 5.62
N VAL A 62 -13.34 1.74 4.60
CA VAL A 62 -13.35 1.10 3.30
C VAL A 62 -11.95 1.22 2.67
N ARG A 63 -11.19 2.21 3.11
CA ARG A 63 -9.82 2.40 2.61
C ARG A 63 -8.90 1.36 3.28
N ILE A 64 -9.04 1.21 4.60
CA ILE A 64 -8.24 0.24 5.35
C ILE A 64 -8.46 -1.13 4.73
N LEU A 65 -9.71 -1.48 4.47
CA LEU A 65 -10.02 -2.76 3.85
C LEU A 65 -9.46 -2.83 2.44
N LEU A 66 -9.71 -1.79 1.65
CA LEU A 66 -9.22 -1.75 0.29
C LEU A 66 -7.73 -2.08 0.31
N LEU A 67 -6.97 -1.42 1.18
CA LEU A 67 -5.55 -1.69 1.28
C LEU A 67 -5.32 -3.16 1.63
N ALA A 68 -5.93 -3.62 2.73
CA ALA A 68 -5.80 -5.00 3.16
C ALA A 68 -6.10 -5.97 2.04
N ALA A 69 -7.03 -5.60 1.17
CA ALA A 69 -7.40 -6.43 0.04
C ALA A 69 -6.19 -6.54 -0.90
N CYS A 70 -5.48 -5.42 -1.07
CA CYS A 70 -4.30 -5.37 -1.94
C CYS A 70 -3.19 -6.26 -1.40
N ILE A 71 -2.94 -6.17 -0.09
CA ILE A 71 -1.90 -6.99 0.52
C ILE A 71 -2.31 -8.45 0.33
N SER A 72 -3.58 -8.72 0.62
CA SER A 72 -4.14 -10.07 0.49
C SER A 72 -3.99 -10.58 -0.94
N PHE A 73 -4.28 -9.72 -1.91
CA PHE A 73 -4.17 -10.09 -3.32
C PHE A 73 -2.71 -10.40 -3.65
N VAL A 74 -1.80 -9.51 -3.27
CA VAL A 74 -0.38 -9.69 -3.52
C VAL A 74 0.10 -10.99 -2.89
N LEU A 75 -0.30 -11.22 -1.65
CA LEU A 75 0.10 -12.44 -0.95
C LEU A 75 -0.41 -13.69 -1.65
N ALA A 76 -1.69 -13.70 -2.00
CA ALA A 76 -2.28 -14.86 -2.68
C ALA A 76 -1.55 -15.13 -3.99
N TRP A 77 -0.87 -14.10 -4.50
CA TRP A 77 -0.14 -14.20 -5.75
C TRP A 77 1.30 -14.67 -5.51
N PHE A 78 2.12 -13.80 -4.94
CA PHE A 78 3.52 -14.12 -4.66
C PHE A 78 3.60 -15.19 -3.55
N GLU A 79 3.20 -16.41 -3.89
CA GLU A 79 3.23 -17.52 -2.94
C GLU A 79 3.94 -18.74 -3.51
N GLU A 80 3.97 -19.82 -2.73
CA GLU A 80 4.61 -21.07 -3.14
C GLU A 80 3.75 -22.27 -2.75
N GLY A 81 2.88 -22.69 -3.67
CA GLY A 81 2.01 -23.83 -3.42
C GLY A 81 1.20 -24.20 -4.65
N GLU A 82 0.13 -24.96 -4.45
CA GLU A 82 -0.73 -25.37 -5.56
C GLU A 82 -2.20 -25.43 -5.17
N GLU A 83 -2.52 -25.07 -3.93
CA GLU A 83 -3.90 -25.08 -3.46
C GLU A 83 -4.55 -23.77 -3.86
N THR A 84 -4.33 -23.36 -5.11
CA THR A 84 -4.89 -22.11 -5.63
C THR A 84 -6.41 -22.11 -5.66
N ILE A 85 -7.01 -23.28 -5.42
CA ILE A 85 -8.46 -23.42 -5.42
C ILE A 85 -9.08 -22.53 -4.35
N THR A 86 -8.25 -22.11 -3.38
CA THR A 86 -8.72 -21.26 -2.30
C THR A 86 -7.67 -20.19 -1.96
N ALA A 87 -6.88 -19.82 -2.96
CA ALA A 87 -5.84 -18.82 -2.79
C ALA A 87 -6.38 -17.40 -2.91
N PHE A 88 -7.15 -17.16 -3.97
CA PHE A 88 -7.73 -15.85 -4.21
C PHE A 88 -9.12 -15.67 -3.60
N VAL A 89 -9.54 -16.60 -2.75
CA VAL A 89 -10.84 -16.50 -2.10
C VAL A 89 -10.82 -15.30 -1.17
N GLU A 90 -9.86 -15.30 -0.26
CA GLU A 90 -9.70 -14.24 0.70
C GLU A 90 -9.76 -12.84 0.08
N PRO A 91 -8.84 -12.53 -0.85
CA PRO A 91 -8.87 -11.21 -1.48
C PRO A 91 -10.18 -10.88 -2.17
N PHE A 92 -10.73 -11.86 -2.88
CA PHE A 92 -11.97 -11.63 -3.60
C PHE A 92 -13.12 -11.33 -2.62
N VAL A 93 -13.26 -12.12 -1.56
CA VAL A 93 -14.33 -11.87 -0.61
C VAL A 93 -14.24 -10.44 -0.10
N ILE A 94 -13.07 -10.07 0.41
CA ILE A 94 -12.87 -8.72 0.91
C ILE A 94 -13.32 -7.71 -0.14
N LEU A 95 -12.71 -7.79 -1.32
CA LEU A 95 -13.03 -6.87 -2.42
C LEU A 95 -14.54 -6.81 -2.70
N LEU A 96 -15.16 -7.99 -2.76
CA LEU A 96 -16.59 -8.10 -3.03
C LEU A 96 -17.42 -7.27 -2.05
N ILE A 97 -17.06 -7.30 -0.77
CA ILE A 97 -17.80 -6.54 0.23
C ILE A 97 -17.73 -5.06 -0.10
N LEU A 98 -16.56 -4.61 -0.55
CA LEU A 98 -16.38 -3.21 -0.92
C LEU A 98 -17.26 -2.91 -2.13
N ILE A 99 -17.32 -3.85 -3.05
CA ILE A 99 -18.16 -3.67 -4.25
C ILE A 99 -19.58 -3.53 -3.78
N ALA A 100 -20.03 -4.51 -2.99
CA ALA A 100 -21.40 -4.48 -2.46
C ALA A 100 -21.62 -3.11 -1.83
N ASN A 101 -20.61 -2.62 -1.12
CA ASN A 101 -20.68 -1.32 -0.47
C ASN A 101 -20.94 -0.22 -1.49
N ALA A 102 -20.08 -0.16 -2.50
CA ALA A 102 -20.22 0.84 -3.55
C ALA A 102 -21.55 0.70 -4.30
N ILE A 103 -21.98 -0.51 -4.59
CA ILE A 103 -23.24 -0.71 -5.31
C ILE A 103 -24.37 -0.04 -4.55
N VAL A 104 -24.49 -0.36 -3.28
CA VAL A 104 -25.54 0.23 -2.47
C VAL A 104 -25.41 1.77 -2.54
N GLY A 105 -24.21 2.27 -2.26
CA GLY A 105 -24.00 3.69 -2.30
C GLY A 105 -24.54 4.31 -3.56
N VAL A 106 -24.14 3.77 -4.71
CA VAL A 106 -24.59 4.28 -6.00
C VAL A 106 -26.11 4.16 -6.12
N TRP A 107 -26.64 3.00 -5.77
CA TRP A 107 -28.08 2.75 -5.86
C TRP A 107 -28.92 3.76 -5.09
N GLN A 108 -28.37 4.31 -4.01
CA GLN A 108 -29.10 5.29 -3.21
C GLN A 108 -29.19 6.64 -3.88
N GLU A 109 -28.10 7.06 -4.52
CA GLU A 109 -28.09 8.34 -5.22
C GLU A 109 -28.98 8.28 -6.46
N ARG A 110 -29.13 7.11 -7.07
CA ARG A 110 -29.98 6.99 -8.26
C ARG A 110 -31.45 7.20 -7.88
N ASN A 111 -31.88 6.57 -6.80
CA ASN A 111 -33.28 6.67 -6.40
C ASN A 111 -33.62 7.71 -5.33
N ALA A 112 -32.70 8.63 -5.07
CA ALA A 112 -32.94 9.68 -4.08
C ALA A 112 -33.26 10.99 -4.79
N GLU A 113 -34.22 11.74 -4.27
CA GLU A 113 -34.58 13.04 -4.86
C GLU A 113 -34.53 14.12 -3.78
N ASN A 114 -33.96 15.29 -4.12
CA ASN A 114 -33.90 16.36 -3.14
C ASN A 114 -35.00 17.39 -3.34
N ALA A 115 -35.42 18.00 -2.24
CA ALA A 115 -36.49 18.99 -2.26
C ALA A 115 -36.23 20.13 -3.24
N ILE A 116 -34.99 20.59 -3.31
CA ILE A 116 -34.66 21.67 -4.23
C ILE A 116 -35.06 21.31 -5.67
N GLU A 117 -34.83 20.07 -6.06
CA GLU A 117 -35.19 19.67 -7.42
C GLU A 117 -36.70 19.52 -7.61
N ALA A 118 -37.43 19.32 -6.52
CA ALA A 118 -38.88 19.17 -6.60
C ALA A 118 -39.53 20.52 -6.89
N LEU A 119 -38.80 21.59 -6.60
CA LEU A 119 -39.30 22.93 -6.85
C LEU A 119 -39.54 23.14 -8.33
N LYS A 120 -38.64 22.59 -9.16
CA LYS A 120 -38.72 22.74 -10.60
C LYS A 120 -39.96 22.14 -11.21
N GLU A 121 -40.78 21.49 -10.40
CA GLU A 121 -42.00 20.90 -10.91
C GLU A 121 -43.05 22.01 -10.98
N TYR A 122 -42.75 23.12 -10.30
CA TYR A 122 -43.67 24.26 -10.28
C TYR A 122 -43.38 25.30 -11.34
N GLU A 123 -42.32 25.11 -12.12
CA GLU A 123 -42.03 26.04 -13.19
C GLU A 123 -42.56 25.46 -14.52
N PRO A 124 -43.46 26.18 -15.18
CA PRO A 124 -44.01 25.66 -16.44
C PRO A 124 -42.99 25.71 -17.59
N GLU A 125 -43.27 24.95 -18.65
CA GLU A 125 -42.39 24.89 -19.80
C GLU A 125 -42.53 26.09 -20.72
N MET A 126 -43.73 26.65 -20.78
CA MET A 126 -44.04 27.77 -21.65
C MET A 126 -44.71 28.92 -20.92
N GLY A 127 -44.73 30.06 -21.59
CA GLY A 127 -45.36 31.26 -21.10
C GLY A 127 -45.83 32.06 -22.30
N LYS A 128 -46.69 33.05 -22.08
CA LYS A 128 -47.20 33.86 -23.18
C LYS A 128 -46.84 35.34 -23.00
N VAL A 129 -46.18 35.93 -24.00
CA VAL A 129 -45.80 37.34 -23.92
C VAL A 129 -46.16 38.14 -25.16
N TYR A 130 -45.99 39.45 -25.04
CA TYR A 130 -46.24 40.40 -26.11
C TYR A 130 -44.92 41.16 -26.29
N ARG A 131 -44.23 40.88 -27.38
CA ARG A 131 -42.98 41.56 -27.66
C ARG A 131 -43.13 42.34 -28.97
N ALA A 132 -42.56 43.53 -29.02
CA ALA A 132 -42.65 44.40 -30.20
C ALA A 132 -42.53 43.71 -31.55
N ASP A 133 -41.72 42.67 -31.65
CA ASP A 133 -41.53 41.97 -32.91
C ASP A 133 -42.77 41.24 -33.42
N ARG A 134 -43.93 41.59 -32.87
CA ARG A 134 -45.22 40.99 -33.26
C ARG A 134 -46.43 41.63 -32.60
N LYS A 135 -47.54 41.54 -33.32
CA LYS A 135 -48.82 42.09 -32.89
C LYS A 135 -49.50 41.12 -31.94
N SER A 136 -49.68 39.89 -32.41
CA SER A 136 -50.34 38.85 -31.65
C SER A 136 -49.43 38.32 -30.54
N VAL A 137 -50.01 37.55 -29.63
CA VAL A 137 -49.24 36.98 -28.52
C VAL A 137 -48.43 35.80 -29.02
N GLN A 138 -47.19 35.71 -28.56
CA GLN A 138 -46.35 34.61 -28.95
C GLN A 138 -45.98 33.83 -27.71
N ARG A 139 -46.21 32.53 -27.74
CA ARG A 139 -45.88 31.75 -26.57
C ARG A 139 -44.44 31.30 -26.75
N ILE A 140 -43.67 31.43 -25.69
CA ILE A 140 -42.27 31.02 -25.74
C ILE A 140 -41.96 30.19 -24.52
N LYS A 141 -40.75 29.66 -24.44
CA LYS A 141 -40.36 28.88 -23.29
C LYS A 141 -40.27 29.81 -22.08
N ALA A 142 -40.79 29.35 -20.94
CA ALA A 142 -40.80 30.14 -19.71
C ALA A 142 -39.39 30.60 -19.34
N ARG A 143 -38.43 29.73 -19.60
CA ARG A 143 -37.02 30.02 -19.34
C ARG A 143 -36.52 31.27 -20.10
N ASP A 144 -37.22 31.65 -21.17
CA ASP A 144 -36.80 32.81 -21.94
C ASP A 144 -37.53 34.08 -21.58
N ILE A 145 -38.34 34.02 -20.52
CA ILE A 145 -39.06 35.20 -20.11
C ILE A 145 -38.09 36.03 -19.28
N VAL A 146 -38.31 37.33 -19.19
CA VAL A 146 -37.40 38.18 -18.46
C VAL A 146 -38.16 39.28 -17.77
N PRO A 147 -37.50 39.95 -16.81
CA PRO A 147 -38.14 41.05 -16.11
C PRO A 147 -38.48 42.12 -17.17
N GLY A 148 -39.61 42.81 -17.02
CA GLY A 148 -39.95 43.80 -18.01
C GLY A 148 -40.93 43.39 -19.12
N ASP A 149 -40.89 42.17 -19.64
CA ASP A 149 -41.86 41.94 -20.71
C ASP A 149 -43.28 41.64 -20.24
N ILE A 150 -44.21 42.15 -21.03
CA ILE A 150 -45.64 41.99 -20.79
C ILE A 150 -45.99 40.53 -21.02
N VAL A 151 -46.63 39.91 -20.03
CA VAL A 151 -47.05 38.50 -20.13
C VAL A 151 -48.57 38.41 -19.98
N GLU A 152 -49.12 37.33 -20.50
CA GLU A 152 -50.56 37.08 -20.44
C GLU A 152 -50.81 35.72 -19.79
N VAL A 153 -51.85 35.64 -18.96
CA VAL A 153 -52.16 34.37 -18.30
C VAL A 153 -53.68 34.21 -18.25
N ALA A 154 -54.16 32.98 -18.35
CA ALA A 154 -55.59 32.72 -18.30
C ALA A 154 -55.86 31.45 -17.49
N VAL A 155 -57.11 31.24 -17.08
CA VAL A 155 -57.47 30.06 -16.30
C VAL A 155 -56.74 28.80 -16.78
N GLY A 156 -56.12 28.09 -15.83
CA GLY A 156 -55.41 26.87 -16.18
C GLY A 156 -53.92 27.09 -16.36
N ASP A 157 -53.51 28.34 -16.51
CA ASP A 157 -52.10 28.62 -16.67
C ASP A 157 -51.35 28.52 -15.35
N LYS A 158 -50.14 27.99 -15.43
CA LYS A 158 -49.26 27.91 -14.28
C LYS A 158 -48.41 29.20 -14.45
N VAL A 159 -48.49 30.10 -13.47
CA VAL A 159 -47.73 31.37 -13.52
C VAL A 159 -46.24 31.11 -13.76
N PRO A 160 -45.68 31.73 -14.82
CA PRO A 160 -44.29 31.57 -15.21
C PRO A 160 -43.21 32.41 -14.51
N ALA A 161 -43.61 33.49 -13.85
CA ALA A 161 -42.64 34.33 -13.18
C ALA A 161 -43.43 35.19 -12.23
N ASP A 162 -42.74 35.96 -11.41
CA ASP A 162 -43.40 36.85 -10.48
C ASP A 162 -43.79 38.06 -11.30
N ILE A 163 -45.09 38.23 -11.49
CA ILE A 163 -45.63 39.28 -12.33
C ILE A 163 -46.50 40.26 -11.60
N ARG A 164 -46.34 41.53 -11.97
CA ARG A 164 -47.10 42.65 -11.41
C ARG A 164 -48.28 42.74 -12.37
N ILE A 165 -49.49 42.52 -11.89
CA ILE A 165 -50.65 42.55 -12.77
C ILE A 165 -50.90 43.97 -13.33
N LEU A 166 -50.91 44.12 -14.66
CA LEU A 166 -51.15 45.43 -15.28
C LEU A 166 -52.65 45.68 -15.45
N SER A 167 -53.40 44.69 -15.93
CA SER A 167 -54.85 44.83 -16.07
C SER A 167 -55.57 43.49 -16.22
N ILE A 168 -56.73 43.41 -15.60
CA ILE A 168 -57.51 42.18 -15.64
C ILE A 168 -58.56 42.22 -16.74
N LYS A 169 -58.30 41.47 -17.82
CA LYS A 169 -59.18 41.41 -18.97
C LYS A 169 -60.56 40.77 -18.71
N SER A 170 -60.57 39.81 -17.81
CA SER A 170 -61.79 39.09 -17.44
C SER A 170 -62.51 39.86 -16.35
N THR A 171 -63.74 39.45 -16.02
CA THR A 171 -64.52 40.15 -15.00
C THR A 171 -63.81 40.15 -13.64
N THR A 172 -63.09 39.07 -13.35
CA THR A 172 -62.33 38.97 -12.11
C THR A 172 -61.17 38.01 -12.34
N LEU A 173 -60.23 37.97 -11.40
CA LEU A 173 -59.08 37.09 -11.53
C LEU A 173 -58.90 36.29 -10.25
N ARG A 174 -58.96 34.97 -10.37
CA ARG A 174 -58.82 34.06 -9.25
C ARG A 174 -57.58 33.18 -9.42
N VAL A 175 -56.72 33.21 -8.40
CA VAL A 175 -55.48 32.45 -8.45
C VAL A 175 -55.40 31.41 -7.31
N ASP A 176 -54.88 30.24 -7.64
CA ASP A 176 -54.72 29.18 -6.66
C ASP A 176 -53.27 29.22 -6.19
N GLN A 177 -53.00 29.84 -5.04
CA GLN A 177 -51.62 29.95 -4.53
C GLN A 177 -51.33 28.84 -3.53
N SER A 178 -51.89 27.67 -3.84
CA SER A 178 -51.77 26.47 -3.02
C SER A 178 -50.34 25.98 -2.77
N ILE A 179 -49.50 26.01 -3.78
CA ILE A 179 -48.12 25.54 -3.63
C ILE A 179 -47.36 26.28 -2.54
N LEU A 180 -47.78 27.50 -2.21
CA LEU A 180 -47.07 28.27 -1.19
C LEU A 180 -47.56 27.82 0.18
N THR A 181 -48.88 27.70 0.30
CA THR A 181 -49.53 27.32 1.54
C THR A 181 -50.07 25.88 1.56
N GLY A 182 -51.21 25.65 0.91
CA GLY A 182 -51.83 24.33 0.88
C GLY A 182 -53.34 24.50 0.73
N GLU A 183 -53.82 25.65 1.20
CA GLU A 183 -55.23 26.02 1.13
C GLU A 183 -55.51 26.36 -0.32
N SER A 184 -56.09 25.41 -1.06
CA SER A 184 -56.37 25.67 -2.47
C SER A 184 -57.38 26.80 -2.64
N VAL A 185 -57.85 27.35 -1.52
CA VAL A 185 -58.82 28.45 -1.52
C VAL A 185 -58.31 29.58 -2.40
N SER A 186 -58.74 29.60 -3.65
CA SER A 186 -58.30 30.62 -4.60
C SER A 186 -58.49 32.04 -4.06
N VAL A 187 -57.58 32.95 -4.43
CA VAL A 187 -57.66 34.32 -3.95
C VAL A 187 -57.84 35.30 -5.11
N ILE A 188 -58.58 36.38 -4.86
CA ILE A 188 -58.85 37.42 -5.85
C ILE A 188 -57.69 38.42 -5.98
N LYS A 189 -57.36 38.78 -7.21
CA LYS A 189 -56.29 39.74 -7.46
C LYS A 189 -56.84 41.06 -7.93
N HIS A 190 -56.06 42.12 -7.76
CA HIS A 190 -56.43 43.47 -8.18
C HIS A 190 -55.21 44.10 -8.84
N THR A 191 -55.32 45.35 -9.29
CA THR A 191 -54.20 45.98 -9.96
C THR A 191 -53.72 47.22 -9.22
N GLU A 192 -54.52 47.68 -8.27
CA GLU A 192 -54.21 48.84 -7.46
C GLU A 192 -52.97 48.52 -6.62
N PRO A 193 -52.09 49.51 -6.38
CA PRO A 193 -50.88 49.28 -5.58
C PRO A 193 -51.06 48.97 -4.10
N VAL A 194 -50.15 48.15 -3.58
CA VAL A 194 -50.15 47.77 -2.17
C VAL A 194 -49.00 48.60 -1.55
N PRO A 195 -49.34 49.71 -0.87
CA PRO A 195 -48.46 50.68 -0.21
C PRO A 195 -47.29 50.23 0.65
N ASP A 196 -47.51 49.23 1.51
CA ASP A 196 -46.44 48.74 2.35
C ASP A 196 -45.38 48.00 1.53
N PRO A 197 -44.15 48.53 1.49
CA PRO A 197 -43.04 47.93 0.74
C PRO A 197 -42.61 46.58 1.32
N ARG A 198 -43.02 46.31 2.57
CA ARG A 198 -42.65 45.07 3.22
C ARG A 198 -43.79 44.07 3.38
N ALA A 199 -44.83 44.23 2.58
CA ALA A 199 -45.98 43.34 2.63
C ALA A 199 -45.58 41.88 2.44
N VAL A 200 -46.18 40.98 3.20
CA VAL A 200 -45.87 39.58 3.01
C VAL A 200 -46.70 39.16 1.80
N ASN A 201 -46.25 38.10 1.12
CA ASN A 201 -46.91 37.64 -0.07
C ASN A 201 -48.44 37.61 -0.03
N GLN A 202 -48.99 37.13 1.07
CA GLN A 202 -50.44 37.01 1.25
C GLN A 202 -51.23 38.28 0.96
N ASP A 203 -50.58 39.42 1.17
CA ASP A 203 -51.19 40.72 0.94
C ASP A 203 -50.78 41.38 -0.40
N LYS A 204 -50.00 40.68 -1.24
CA LYS A 204 -49.62 41.26 -2.53
C LYS A 204 -50.76 40.90 -3.46
N LYS A 205 -51.91 41.51 -3.21
CA LYS A 205 -53.07 41.20 -4.02
C LYS A 205 -52.98 41.65 -5.48
N ASN A 206 -51.86 42.26 -5.87
CA ASN A 206 -51.69 42.69 -7.25
C ASN A 206 -50.53 41.95 -7.86
N MET A 207 -50.10 40.88 -7.19
CA MET A 207 -49.01 40.10 -7.74
C MET A 207 -49.38 38.65 -8.11
N LEU A 208 -48.67 38.11 -9.09
CA LEU A 208 -48.85 36.72 -9.50
C LEU A 208 -47.49 36.08 -9.19
N PHE A 209 -47.50 34.91 -8.56
CA PHE A 209 -46.26 34.24 -8.18
C PHE A 209 -45.96 33.05 -9.07
N SER A 210 -44.74 33.03 -9.59
CA SER A 210 -44.28 31.93 -10.43
C SER A 210 -44.52 30.58 -9.71
N GLY A 211 -45.20 29.66 -10.41
CA GLY A 211 -45.48 28.36 -9.83
C GLY A 211 -46.92 28.21 -9.39
N THR A 212 -47.65 29.31 -9.36
CA THR A 212 -49.06 29.33 -8.97
C THR A 212 -49.96 29.13 -10.20
N ASN A 213 -51.25 28.86 -9.99
CA ASN A 213 -52.19 28.61 -11.10
C ASN A 213 -53.36 29.58 -11.13
N ILE A 214 -53.80 29.89 -12.34
CA ILE A 214 -54.94 30.77 -12.51
C ILE A 214 -56.19 29.91 -12.42
N ALA A 215 -57.03 30.18 -11.41
CA ALA A 215 -58.25 29.42 -11.22
C ALA A 215 -59.33 29.96 -12.13
N ALA A 216 -59.36 31.28 -12.28
CA ALA A 216 -60.34 31.93 -13.12
C ALA A 216 -59.86 33.29 -13.62
N GLY A 217 -60.40 33.69 -14.75
CA GLY A 217 -60.07 34.98 -15.31
C GLY A 217 -58.99 34.92 -16.34
N LYS A 218 -58.56 36.12 -16.76
CA LYS A 218 -57.50 36.33 -17.74
C LYS A 218 -56.87 37.69 -17.44
N ALA A 219 -55.55 37.78 -17.35
CA ALA A 219 -54.92 39.05 -17.03
C ALA A 219 -53.64 39.30 -17.80
N LEU A 220 -53.23 40.55 -17.80
CA LEU A 220 -52.01 40.96 -18.46
C LEU A 220 -51.20 41.65 -17.37
N GLY A 221 -49.90 41.37 -17.34
CA GLY A 221 -49.05 42.01 -16.35
C GLY A 221 -47.62 42.13 -16.85
N ILE A 222 -46.77 42.70 -16.00
CA ILE A 222 -45.38 42.86 -16.34
C ILE A 222 -44.54 42.03 -15.37
N VAL A 223 -43.53 41.35 -15.88
CA VAL A 223 -42.66 40.52 -15.06
C VAL A 223 -41.76 41.39 -14.18
N ALA A 224 -41.86 41.16 -12.86
CA ALA A 224 -41.10 41.89 -11.86
C ALA A 224 -39.77 41.20 -11.57
N THR A 225 -39.81 39.88 -11.43
CA THR A 225 -38.62 39.09 -11.16
C THR A 225 -38.71 37.73 -11.83
N THR A 226 -37.58 37.04 -11.91
CA THR A 226 -37.52 35.72 -12.53
C THR A 226 -36.39 34.96 -11.85
N GLY A 227 -36.25 33.69 -12.21
CA GLY A 227 -35.17 32.90 -11.65
C GLY A 227 -35.15 32.78 -10.13
N VAL A 228 -33.97 32.90 -9.54
CA VAL A 228 -33.85 32.75 -8.09
C VAL A 228 -34.35 33.97 -7.36
N SER A 229 -34.80 34.98 -8.10
CA SER A 229 -35.31 36.20 -7.49
C SER A 229 -36.81 36.20 -7.20
N THR A 230 -37.51 35.16 -7.64
CA THR A 230 -38.96 35.07 -7.40
C THR A 230 -39.16 34.55 -5.98
N GLU A 231 -40.38 34.62 -5.47
CA GLU A 231 -40.63 34.15 -4.13
C GLU A 231 -40.18 32.68 -3.99
N ILE A 232 -40.57 31.85 -4.95
CA ILE A 232 -40.20 30.45 -4.95
C ILE A 232 -38.69 30.29 -5.14
N GLY A 233 -38.08 31.19 -5.91
CA GLY A 233 -36.66 31.12 -6.14
C GLY A 233 -35.89 31.46 -4.87
N LYS A 234 -36.43 32.34 -4.05
CA LYS A 234 -35.78 32.72 -2.80
C LYS A 234 -35.86 31.53 -1.82
N ILE A 235 -36.95 30.77 -1.92
CA ILE A 235 -37.15 29.60 -1.08
C ILE A 235 -36.13 28.54 -1.48
N ARG A 236 -35.81 28.50 -2.76
CA ARG A 236 -34.81 27.55 -3.27
C ARG A 236 -33.42 27.92 -2.75
N ASP A 237 -33.12 29.21 -2.67
CA ASP A 237 -31.82 29.64 -2.18
C ASP A 237 -31.69 29.42 -0.66
N GLN A 238 -32.80 29.58 0.06
CA GLN A 238 -32.78 29.38 1.50
C GLN A 238 -32.47 27.92 1.78
N MET A 239 -33.11 27.01 1.04
CA MET A 239 -32.91 25.58 1.17
C MET A 239 -31.50 25.17 0.72
N ALA A 240 -31.04 25.75 -0.39
CA ALA A 240 -29.72 25.41 -0.92
C ALA A 240 -28.61 25.82 0.03
N ALA A 241 -28.89 26.82 0.87
CA ALA A 241 -27.92 27.31 1.84
C ALA A 241 -28.01 26.57 3.18
N THR A 242 -29.03 25.72 3.34
CA THR A 242 -29.18 25.00 4.61
C THR A 242 -28.18 23.86 4.71
N GLU A 243 -27.35 23.91 5.74
CA GLU A 243 -26.35 22.86 5.97
C GLU A 243 -26.99 21.78 6.84
N GLN A 244 -27.08 20.57 6.32
CA GLN A 244 -27.70 19.47 7.05
C GLN A 244 -26.70 18.59 7.80
N ASP A 245 -26.78 18.62 9.12
CA ASP A 245 -25.89 17.83 9.96
C ASP A 245 -26.23 16.33 9.98
N LYS A 246 -25.21 15.52 10.26
CA LYS A 246 -25.35 14.06 10.36
C LYS A 246 -26.02 13.75 11.69
N THR A 247 -26.73 12.64 11.75
CA THR A 247 -27.41 12.27 12.99
C THR A 247 -26.37 11.96 14.09
N PRO A 248 -26.81 11.97 15.35
CA PRO A 248 -25.89 11.68 16.46
C PRO A 248 -25.17 10.34 16.31
N LEU A 249 -25.85 9.34 15.75
CA LEU A 249 -25.25 8.02 15.60
C LEU A 249 -24.16 8.05 14.53
N GLN A 250 -24.46 8.75 13.44
CA GLN A 250 -23.53 8.89 12.33
C GLN A 250 -22.28 9.58 12.83
N GLN A 251 -22.44 10.50 13.77
CA GLN A 251 -21.29 11.19 14.31
C GLN A 251 -20.48 10.33 15.26
N LYS A 252 -21.18 9.54 16.08
CA LYS A 252 -20.49 8.64 17.00
C LYS A 252 -19.81 7.56 16.16
N LEU A 253 -20.51 7.12 15.12
CA LEU A 253 -20.03 6.07 14.23
C LEU A 253 -18.80 6.49 13.44
N ASP A 254 -18.77 7.74 12.98
CA ASP A 254 -17.61 8.26 12.23
C ASP A 254 -16.41 8.43 13.15
N GLU A 255 -16.66 8.77 14.42
CA GLU A 255 -15.58 8.97 15.35
C GLU A 255 -14.97 7.60 15.67
N PHE A 256 -15.82 6.57 15.73
CA PHE A 256 -15.37 5.22 16.00
C PHE A 256 -14.45 4.74 14.88
N GLY A 257 -14.72 5.22 13.66
CA GLY A 257 -13.89 4.85 12.54
C GLY A 257 -12.49 5.43 12.68
N GLU A 258 -12.42 6.76 12.86
CA GLU A 258 -11.14 7.43 13.01
C GLU A 258 -10.33 6.68 14.06
N GLN A 259 -10.89 6.57 15.26
CA GLN A 259 -10.25 5.88 16.35
C GLN A 259 -9.86 4.47 15.99
N LEU A 260 -10.77 3.73 15.37
CA LEU A 260 -10.47 2.35 14.97
C LEU A 260 -9.25 2.35 14.08
N SER A 261 -9.17 3.30 13.16
CA SER A 261 -8.03 3.41 12.26
C SER A 261 -6.77 3.77 13.05
N LYS A 262 -6.88 4.78 13.90
CA LYS A 262 -5.75 5.20 14.70
C LYS A 262 -5.22 4.07 15.59
N VAL A 263 -6.12 3.17 16.02
CA VAL A 263 -5.71 2.05 16.89
C VAL A 263 -5.03 0.93 16.11
N ILE A 264 -5.55 0.64 14.93
CA ILE A 264 -4.99 -0.40 14.10
C ILE A 264 -3.51 -0.12 13.86
N SER A 265 -3.21 1.08 13.36
CA SER A 265 -1.84 1.46 13.10
C SER A 265 -1.00 1.28 14.37
N LEU A 266 -1.57 1.70 15.50
CA LEU A 266 -0.90 1.61 16.79
C LEU A 266 -0.59 0.17 17.20
N ILE A 267 -1.45 -0.78 16.80
CA ILE A 267 -1.18 -2.17 17.16
C ILE A 267 -0.12 -2.75 16.24
N CYS A 268 0.02 -2.19 15.04
CA CYS A 268 1.04 -2.67 14.11
C CYS A 268 2.41 -2.26 14.67
N VAL A 269 2.50 -1.06 15.21
CA VAL A 269 3.76 -0.60 15.79
C VAL A 269 3.99 -1.42 17.05
N ALA A 270 2.91 -1.87 17.67
CA ALA A 270 3.00 -2.68 18.88
C ALA A 270 3.57 -4.05 18.52
N VAL A 271 3.08 -4.60 17.40
CA VAL A 271 3.56 -5.90 16.95
C VAL A 271 5.00 -5.79 16.52
N TRP A 272 5.45 -4.57 16.26
CA TRP A 272 6.83 -4.33 15.83
C TRP A 272 7.75 -4.15 17.04
N LEU A 273 7.33 -3.33 18.00
CA LEU A 273 8.13 -3.08 19.19
C LEU A 273 8.33 -4.34 20.03
N ILE A 274 7.52 -5.35 19.77
CA ILE A 274 7.62 -6.61 20.51
C ILE A 274 8.57 -7.58 19.82
N ASN A 275 8.87 -7.33 18.55
CA ASN A 275 9.78 -8.17 17.78
C ASN A 275 11.10 -7.45 17.52
N ILE A 276 11.37 -6.42 18.30
CA ILE A 276 12.61 -5.65 18.15
C ILE A 276 13.79 -6.56 18.45
N GLY A 277 13.50 -7.71 19.06
CA GLY A 277 14.53 -8.66 19.40
C GLY A 277 15.15 -9.33 18.19
N HIS A 278 14.51 -9.17 17.04
CA HIS A 278 15.02 -9.77 15.81
C HIS A 278 16.26 -9.04 15.30
N PHE A 279 16.54 -7.87 15.86
CA PHE A 279 17.73 -7.12 15.46
C PHE A 279 18.96 -7.81 16.04
N ASN A 280 18.73 -8.74 16.96
CA ASN A 280 19.81 -9.47 17.58
C ASN A 280 19.98 -10.87 17.02
N ASP A 281 19.38 -11.12 15.86
CA ASP A 281 19.50 -12.43 15.23
C ASP A 281 20.69 -12.42 14.28
N PRO A 282 21.21 -13.60 13.93
CA PRO A 282 22.36 -13.70 13.03
C PRO A 282 22.06 -13.13 11.65
N VAL A 283 23.08 -12.53 11.04
CA VAL A 283 22.93 -11.94 9.71
C VAL A 283 22.51 -13.02 8.71
N HIS A 284 23.03 -14.24 8.89
CA HIS A 284 22.69 -15.35 8.01
C HIS A 284 21.69 -16.27 8.70
N GLY A 285 20.66 -16.69 7.96
CA GLY A 285 19.65 -17.58 8.51
C GLY A 285 18.23 -17.07 8.39
N GLY A 286 17.27 -17.97 8.55
CA GLY A 286 15.87 -17.61 8.45
C GLY A 286 15.50 -17.03 7.10
N SER A 287 14.22 -16.81 6.87
CA SER A 287 13.75 -16.25 5.60
C SER A 287 13.17 -14.85 5.76
N TRP A 288 13.89 -13.86 5.26
CA TRP A 288 13.45 -12.47 5.34
C TRP A 288 12.19 -12.27 4.52
N ILE A 289 11.86 -13.26 3.71
CA ILE A 289 10.66 -13.17 2.90
C ILE A 289 9.49 -13.77 3.69
N ARG A 290 9.78 -14.80 4.49
CA ARG A 290 8.74 -15.43 5.29
C ARG A 290 8.36 -14.55 6.48
N GLY A 291 9.33 -13.76 6.94
CA GLY A 291 9.05 -12.87 8.06
C GLY A 291 8.10 -11.80 7.59
N ALA A 292 8.43 -11.21 6.45
CA ALA A 292 7.63 -10.15 5.84
C ALA A 292 6.22 -10.67 5.60
N ILE A 293 6.12 -11.87 5.03
CA ILE A 293 4.81 -12.45 4.75
C ILE A 293 4.02 -12.62 6.05
N TYR A 294 4.72 -12.99 7.13
CA TYR A 294 4.08 -13.16 8.43
C TYR A 294 3.45 -11.85 8.87
N TYR A 295 4.29 -10.82 9.00
CA TYR A 295 3.85 -9.49 9.42
C TYR A 295 2.70 -8.95 8.56
N PHE A 296 2.81 -9.12 7.24
CA PHE A 296 1.76 -8.65 6.33
C PHE A 296 0.49 -9.46 6.47
N LYS A 297 0.64 -10.74 6.78
CA LYS A 297 -0.49 -11.64 6.94
C LYS A 297 -1.36 -11.23 8.15
N ILE A 298 -0.71 -10.78 9.22
CA ILE A 298 -1.45 -10.40 10.40
C ILE A 298 -2.08 -9.02 10.29
N ALA A 299 -1.55 -8.19 9.39
CA ALA A 299 -2.11 -6.86 9.21
C ALA A 299 -3.51 -7.11 8.63
N VAL A 300 -3.58 -7.97 7.62
CA VAL A 300 -4.84 -8.32 6.99
C VAL A 300 -5.85 -8.81 8.03
N ALA A 301 -5.38 -9.66 8.93
CA ALA A 301 -6.22 -10.21 9.99
C ALA A 301 -6.61 -9.12 10.99
N LEU A 302 -5.68 -8.22 11.25
CA LEU A 302 -5.89 -7.11 12.17
C LEU A 302 -7.00 -6.29 11.57
N ALA A 303 -6.78 -5.89 10.32
CA ALA A 303 -7.73 -5.05 9.61
C ALA A 303 -9.11 -5.70 9.52
N VAL A 304 -9.15 -6.99 9.25
CA VAL A 304 -10.44 -7.67 9.13
C VAL A 304 -11.09 -7.94 10.49
N ALA A 305 -10.27 -8.02 11.53
CA ALA A 305 -10.78 -8.31 12.87
C ALA A 305 -11.29 -7.07 13.60
N ALA A 306 -10.74 -5.92 13.27
CA ALA A 306 -11.15 -4.67 13.90
C ALA A 306 -12.41 -4.09 13.29
N ILE A 307 -12.68 -4.45 12.04
CA ILE A 307 -13.85 -3.92 11.35
C ILE A 307 -15.11 -4.76 11.49
N PRO A 308 -16.17 -4.19 12.05
CA PRO A 308 -17.38 -5.00 12.14
C PRO A 308 -18.01 -4.93 10.75
N GLU A 309 -17.56 -5.81 9.86
CA GLU A 309 -18.04 -5.86 8.48
C GLU A 309 -19.55 -5.89 8.27
N GLY A 310 -20.27 -6.60 9.13
CA GLY A 310 -21.70 -6.70 8.96
C GLY A 310 -22.56 -5.70 9.72
N LEU A 311 -21.93 -4.74 10.40
CA LEU A 311 -22.67 -3.74 11.18
C LEU A 311 -23.55 -2.85 10.32
N PRO A 312 -23.04 -2.41 9.16
CA PRO A 312 -23.82 -1.54 8.27
C PRO A 312 -25.09 -2.20 7.73
N ALA A 313 -25.07 -3.53 7.61
CA ALA A 313 -26.23 -4.24 7.10
C ALA A 313 -27.25 -4.53 8.18
N VAL A 314 -26.76 -4.78 9.39
CA VAL A 314 -27.66 -5.09 10.49
C VAL A 314 -28.43 -3.80 10.80
N ILE A 315 -27.69 -2.70 10.92
CA ILE A 315 -28.29 -1.40 11.18
C ILE A 315 -29.35 -1.14 10.12
N THR A 316 -29.00 -1.38 8.87
CA THR A 316 -29.92 -1.15 7.77
C THR A 316 -31.16 -2.01 7.81
N THR A 317 -31.02 -3.26 8.24
CA THR A 317 -32.16 -4.17 8.32
C THR A 317 -33.10 -3.76 9.45
N CYS A 318 -32.52 -3.38 10.58
CA CYS A 318 -33.33 -2.99 11.72
C CYS A 318 -34.19 -1.78 11.36
N LEU A 319 -33.53 -0.80 10.75
CA LEU A 319 -34.16 0.44 10.31
C LEU A 319 -35.29 0.17 9.32
N ALA A 320 -35.04 -0.65 8.31
CA ALA A 320 -36.09 -0.94 7.32
C ALA A 320 -37.29 -1.58 8.00
N LEU A 321 -37.01 -2.57 8.86
CA LEU A 321 -38.06 -3.27 9.60
C LEU A 321 -38.83 -2.32 10.50
N GLY A 322 -38.11 -1.47 11.23
CA GLY A 322 -38.77 -0.50 12.09
C GLY A 322 -39.63 0.46 11.29
N THR A 323 -39.13 0.85 10.13
CA THR A 323 -39.83 1.77 9.23
C THR A 323 -41.19 1.20 8.81
N ARG A 324 -41.22 -0.04 8.34
CA ARG A 324 -42.49 -0.66 7.95
C ARG A 324 -43.41 -0.70 9.17
N ARG A 325 -42.79 -0.75 10.34
CA ARG A 325 -43.53 -0.81 11.60
C ARG A 325 -44.14 0.55 11.94
N MET A 326 -43.40 1.61 11.63
CA MET A 326 -43.88 2.95 11.90
C MET A 326 -44.97 3.37 10.94
N ALA A 327 -44.90 2.85 9.72
CA ALA A 327 -45.92 3.16 8.72
C ALA A 327 -47.25 2.55 9.16
N LYS A 328 -47.21 1.53 10.01
CA LYS A 328 -48.44 0.92 10.49
C LYS A 328 -49.14 1.84 11.49
N LYS A 329 -48.37 2.76 12.06
CA LYS A 329 -48.92 3.72 13.00
C LYS A 329 -49.04 5.08 12.34
N ASN A 330 -49.13 5.07 11.02
CA ASN A 330 -49.29 6.29 10.23
C ASN A 330 -48.11 7.25 10.20
N ALA A 331 -46.92 6.76 10.52
CA ALA A 331 -45.72 7.60 10.47
C ALA A 331 -44.82 7.12 9.33
N ILE A 332 -44.72 7.95 8.29
CA ILE A 332 -43.92 7.64 7.10
C ILE A 332 -42.55 8.30 7.20
N VAL A 333 -41.55 7.50 7.54
CA VAL A 333 -40.19 8.00 7.70
C VAL A 333 -39.53 7.88 6.36
N ARG A 334 -38.95 8.99 5.88
CA ARG A 334 -38.34 8.97 4.57
C ARG A 334 -36.86 8.64 4.69
N SER A 335 -36.21 9.26 5.67
CA SER A 335 -34.79 9.08 5.92
C SER A 335 -34.55 7.99 6.97
N LEU A 336 -33.90 6.88 6.57
CA LEU A 336 -33.61 5.79 7.50
C LEU A 336 -32.90 6.27 8.75
N PRO A 337 -31.85 7.09 8.59
CA PRO A 337 -31.08 7.61 9.72
C PRO A 337 -31.89 8.57 10.58
N SER A 338 -33.14 8.79 10.18
CA SER A 338 -34.00 9.70 10.93
C SER A 338 -34.65 9.04 12.14
N VAL A 339 -34.88 7.73 12.07
CA VAL A 339 -35.48 7.00 13.18
C VAL A 339 -34.70 7.26 14.47
N GLU A 340 -33.38 7.38 14.36
CA GLU A 340 -32.58 7.64 15.54
C GLU A 340 -32.89 9.04 16.05
N THR A 341 -32.53 10.02 15.24
CA THR A 341 -32.73 11.41 15.59
C THR A 341 -34.14 11.68 16.11
N LEU A 342 -35.11 10.89 15.64
CA LEU A 342 -36.51 11.03 16.06
C LEU A 342 -36.62 10.63 17.54
N GLY A 343 -35.95 9.54 17.91
CA GLY A 343 -35.98 9.10 19.29
C GLY A 343 -35.46 10.18 20.24
N CYS A 344 -34.56 11.03 19.74
CA CYS A 344 -33.96 12.11 20.54
C CYS A 344 -34.74 13.43 20.51
N THR A 345 -35.83 13.46 19.75
CA THR A 345 -36.64 14.69 19.66
C THR A 345 -36.67 15.35 21.03
N SER A 346 -36.25 16.61 21.07
CA SER A 346 -36.20 17.40 22.29
C SER A 346 -37.38 18.41 22.33
N VAL A 347 -37.70 19.00 21.18
CA VAL A 347 -38.80 19.95 21.06
C VAL A 347 -39.63 19.64 19.83
N ILE A 348 -40.95 19.73 19.98
CA ILE A 348 -41.87 19.48 18.87
C ILE A 348 -42.74 20.69 18.55
N CYS A 349 -42.50 21.33 17.40
CA CYS A 349 -43.27 22.51 16.98
C CYS A 349 -44.39 22.03 16.07
N SER A 350 -45.64 22.25 16.49
CA SER A 350 -46.75 21.78 15.69
C SER A 350 -47.75 22.86 15.32
N ASP A 351 -48.25 22.78 14.11
CA ASP A 351 -49.27 23.72 13.64
C ASP A 351 -50.53 23.22 14.34
N LYS A 352 -51.45 24.13 14.66
CA LYS A 352 -52.69 23.71 15.30
C LYS A 352 -53.72 23.13 14.31
N THR A 353 -54.25 23.97 13.41
CA THR A 353 -55.29 23.53 12.49
C THR A 353 -55.04 22.24 11.70
N GLY A 354 -55.85 21.21 11.98
CA GLY A 354 -55.73 19.94 11.28
C GLY A 354 -54.72 18.95 11.85
N THR A 355 -53.88 19.41 12.77
CA THR A 355 -52.87 18.53 13.38
C THR A 355 -53.12 18.33 14.88
N LEU A 356 -53.48 19.41 15.57
CA LEU A 356 -53.80 19.38 16.99
C LEU A 356 -55.31 19.37 17.00
N THR A 357 -55.91 19.95 15.97
CA THR A 357 -57.36 20.02 15.85
C THR A 357 -57.82 19.18 14.66
N THR A 358 -59.13 18.97 14.55
CA THR A 358 -59.68 18.17 13.46
C THR A 358 -59.90 19.02 12.21
N ASN A 359 -60.15 20.30 12.41
CA ASN A 359 -60.40 21.24 11.32
C ASN A 359 -61.83 21.05 10.81
N GLN A 360 -62.67 20.49 11.67
CA GLN A 360 -64.08 20.27 11.34
C GLN A 360 -64.85 21.30 12.15
N MET A 361 -65.03 22.48 11.56
CA MET A 361 -65.69 23.61 12.19
C MET A 361 -67.18 23.43 12.51
N SER A 362 -67.61 24.03 13.61
CA SER A 362 -69.01 23.96 13.98
C SER A 362 -69.36 25.13 14.89
N VAL A 363 -70.53 25.71 14.67
CA VAL A 363 -70.99 26.83 15.50
C VAL A 363 -71.72 26.24 16.70
N CYS A 364 -71.39 26.69 17.91
CA CYS A 364 -72.10 26.15 19.08
C CYS A 364 -72.73 27.23 19.94
N LYS A 365 -72.48 28.47 19.57
CA LYS A 365 -73.05 29.59 20.30
C LYS A 365 -73.24 30.75 19.33
N MET A 366 -74.14 31.65 19.68
CA MET A 366 -74.42 32.83 18.86
C MET A 366 -75.37 33.69 19.66
N PHE A 367 -75.19 35.00 19.66
CA PHE A 367 -76.12 35.85 20.38
C PHE A 367 -76.50 37.10 19.59
N ILE A 368 -77.69 37.63 19.89
CA ILE A 368 -78.22 38.82 19.26
C ILE A 368 -78.57 39.77 20.40
N ILE A 369 -78.96 41.00 20.09
CA ILE A 369 -79.33 41.93 21.14
C ILE A 369 -80.80 41.70 21.44
N ASP A 370 -81.10 41.48 22.73
CA ASP A 370 -82.47 41.22 23.16
C ASP A 370 -83.23 42.53 23.32
N LYS A 371 -82.59 43.52 23.91
CA LYS A 371 -83.22 44.81 24.05
C LYS A 371 -82.26 45.79 24.71
N VAL A 372 -82.37 47.06 24.32
CA VAL A 372 -81.53 48.12 24.86
C VAL A 372 -82.47 49.24 25.32
N ASP A 373 -82.32 49.64 26.58
CA ASP A 373 -83.14 50.69 27.13
C ASP A 373 -82.31 51.47 28.14
N GLY A 374 -81.77 52.60 27.68
CA GLY A 374 -80.94 53.43 28.52
C GLY A 374 -79.69 52.68 28.92
N ASP A 375 -79.42 52.65 30.23
CA ASP A 375 -78.23 51.97 30.72
C ASP A 375 -78.47 50.46 30.84
N PHE A 376 -79.73 50.04 30.69
CA PHE A 376 -80.10 48.64 30.79
C PHE A 376 -79.89 47.91 29.47
N CYS A 377 -79.44 46.67 29.54
CA CYS A 377 -79.17 45.93 28.32
C CYS A 377 -79.17 44.42 28.48
N SER A 378 -79.87 43.72 27.60
CA SER A 378 -79.92 42.27 27.63
C SER A 378 -79.61 41.70 26.24
N LEU A 379 -78.88 40.59 26.22
CA LEU A 379 -78.52 39.91 24.97
C LEU A 379 -79.34 38.65 24.90
N ASN A 380 -79.30 37.97 23.77
CA ASN A 380 -80.05 36.72 23.63
C ASN A 380 -79.14 35.58 23.22
N GLU A 381 -78.32 35.12 24.16
CA GLU A 381 -77.37 34.04 23.95
C GLU A 381 -78.06 32.70 23.63
N PHE A 382 -77.49 31.94 22.69
CA PHE A 382 -78.01 30.62 22.30
C PHE A 382 -76.90 29.55 22.28
N SER A 383 -77.28 28.31 21.93
CA SER A 383 -76.36 27.18 21.83
C SER A 383 -76.85 26.34 20.69
N ILE A 384 -75.93 25.59 20.08
CA ILE A 384 -76.25 24.74 18.94
C ILE A 384 -75.54 23.39 19.09
N THR A 385 -76.25 22.30 18.88
CA THR A 385 -75.63 20.99 19.00
C THR A 385 -75.33 20.44 17.61
N GLY A 386 -74.37 19.53 17.53
CA GLY A 386 -73.99 18.95 16.25
C GLY A 386 -72.60 19.40 15.89
N SER A 387 -71.62 18.51 16.01
CA SER A 387 -70.24 18.87 15.74
C SER A 387 -69.79 18.50 14.33
N THR A 388 -70.72 18.04 13.50
CA THR A 388 -70.40 17.69 12.12
C THR A 388 -70.94 18.79 11.23
N TYR A 389 -70.71 18.67 9.93
CA TYR A 389 -71.22 19.65 8.99
C TYR A 389 -72.68 19.31 8.71
N ALA A 390 -73.05 18.07 9.03
CA ALA A 390 -74.40 17.57 8.84
C ALA A 390 -75.41 18.57 9.40
N PRO A 391 -76.51 18.82 8.68
CA PRO A 391 -77.55 19.75 9.12
C PRO A 391 -78.26 19.26 10.39
N GLU A 392 -77.91 18.03 10.78
CA GLU A 392 -78.48 17.40 11.96
C GLU A 392 -78.05 18.13 13.23
N GLY A 393 -79.04 18.67 13.95
CA GLY A 393 -78.76 19.39 15.17
C GLY A 393 -79.93 20.27 15.54
N GLU A 394 -79.77 21.08 16.58
CA GLU A 394 -80.84 21.96 17.01
C GLU A 394 -80.31 23.14 17.82
N VAL A 395 -81.09 24.21 17.84
CA VAL A 395 -80.75 25.43 18.56
C VAL A 395 -81.43 25.38 19.92
N LEU A 396 -80.87 26.08 20.91
CA LEU A 396 -81.45 26.12 22.24
C LEU A 396 -81.06 27.37 23.00
N LYS A 397 -81.94 27.77 23.92
CA LYS A 397 -81.69 28.93 24.77
C LYS A 397 -81.81 28.36 26.18
N ASN A 398 -81.02 28.87 27.10
CA ASN A 398 -81.03 28.36 28.48
C ASN A 398 -81.01 26.84 28.48
N ASP A 399 -80.44 26.26 27.43
CA ASP A 399 -80.28 24.82 27.26
C ASP A 399 -81.54 24.11 26.80
N LYS A 400 -82.62 24.86 26.71
CA LYS A 400 -83.89 24.31 26.24
C LYS A 400 -84.02 24.73 24.78
N PRO A 401 -84.49 23.81 23.92
CA PRO A 401 -84.67 24.10 22.50
C PRO A 401 -85.77 25.12 22.20
N ILE A 402 -85.52 25.98 21.22
CA ILE A 402 -86.49 26.98 20.78
C ILE A 402 -86.54 26.97 19.25
N ARG A 403 -87.32 27.88 18.69
CA ARG A 403 -87.44 28.00 17.24
C ARG A 403 -86.76 29.30 16.87
N SER A 404 -85.67 29.20 16.13
CA SER A 404 -84.94 30.39 15.71
C SER A 404 -85.87 31.39 15.02
N GLY A 405 -86.94 30.88 14.41
CA GLY A 405 -87.88 31.76 13.73
C GLY A 405 -88.61 32.76 14.61
N GLN A 406 -88.88 32.38 15.85
CA GLN A 406 -89.59 33.26 16.80
C GLN A 406 -88.77 34.48 17.18
N PHE A 407 -87.52 34.54 16.72
CA PHE A 407 -86.66 35.70 17.00
C PHE A 407 -86.25 36.32 15.66
N ASP A 408 -86.66 37.57 15.43
CA ASP A 408 -86.33 38.20 14.16
C ASP A 408 -84.83 38.35 13.99
N GLY A 409 -84.16 38.87 15.01
CA GLY A 409 -82.73 39.04 14.94
C GLY A 409 -82.04 37.78 14.44
N LEU A 410 -82.59 36.62 14.78
CA LEU A 410 -81.99 35.35 14.35
C LEU A 410 -82.27 35.06 12.89
N VAL A 411 -83.31 35.68 12.34
CA VAL A 411 -83.64 35.47 10.94
C VAL A 411 -82.62 36.22 10.08
N GLU A 412 -82.36 37.48 10.43
CA GLU A 412 -81.39 38.29 9.70
C GLU A 412 -80.02 37.67 9.96
N LEU A 413 -79.77 37.34 11.22
CA LEU A 413 -78.52 36.71 11.64
C LEU A 413 -78.25 35.58 10.64
N ALA A 414 -79.28 34.77 10.41
CA ALA A 414 -79.19 33.64 9.50
C ALA A 414 -79.16 34.06 8.03
N THR A 415 -79.69 35.23 7.73
CA THR A 415 -79.70 35.70 6.37
C THR A 415 -78.27 36.05 6.01
N ILE A 416 -77.59 36.71 6.93
CA ILE A 416 -76.20 37.09 6.76
C ILE A 416 -75.31 35.85 6.57
N CYS A 417 -75.44 34.88 7.49
CA CYS A 417 -74.62 33.69 7.38
C CYS A 417 -74.80 32.95 6.05
N ALA A 418 -75.95 33.11 5.42
CA ALA A 418 -76.20 32.42 4.16
C ALA A 418 -75.71 33.22 2.96
N LEU A 419 -76.12 34.48 2.89
CA LEU A 419 -75.74 35.33 1.77
C LEU A 419 -74.26 35.69 1.74
N CYS A 420 -73.71 36.07 2.88
CA CYS A 420 -72.31 36.44 3.01
C CYS A 420 -71.52 35.14 3.18
N ASN A 421 -71.47 34.34 2.12
CA ASN A 421 -70.84 33.03 2.16
C ASN A 421 -70.49 32.60 0.73
N ASP A 422 -69.34 31.93 0.56
CA ASP A 422 -68.92 31.46 -0.76
C ASP A 422 -68.79 29.94 -0.75
N SER A 423 -69.40 29.29 0.24
CA SER A 423 -69.31 27.83 0.36
C SER A 423 -70.68 27.17 0.48
N SER A 424 -70.70 25.85 0.42
CA SER A 424 -71.95 25.10 0.53
C SER A 424 -71.73 23.70 1.11
N LEU A 425 -72.75 22.87 0.98
CA LEU A 425 -72.68 21.49 1.48
C LEU A 425 -72.98 20.53 0.33
N ASP A 426 -72.54 19.29 0.51
CA ASP A 426 -72.76 18.25 -0.49
C ASP A 426 -72.78 16.89 0.20
N PHE A 427 -73.86 16.15 0.02
CA PHE A 427 -73.96 14.83 0.64
C PHE A 427 -73.29 13.80 -0.26
N ASN A 428 -72.25 13.15 0.25
CA ASN A 428 -71.51 12.14 -0.50
C ASN A 428 -72.20 10.78 -0.44
N GLU A 429 -72.69 10.32 -1.59
CA GLU A 429 -73.37 9.03 -1.69
C GLU A 429 -72.50 7.93 -1.10
N THR A 430 -71.24 7.89 -1.53
CA THR A 430 -70.28 6.89 -1.07
C THR A 430 -70.15 6.89 0.45
N LYS A 431 -69.39 7.85 0.98
CA LYS A 431 -69.19 7.97 2.43
C LYS A 431 -70.51 7.98 3.19
N GLY A 432 -71.56 8.49 2.56
CA GLY A 432 -72.86 8.55 3.21
C GLY A 432 -72.91 9.61 4.29
N VAL A 433 -72.10 10.65 4.13
CA VAL A 433 -72.03 11.75 5.09
C VAL A 433 -71.88 13.10 4.38
N TYR A 434 -72.36 14.16 5.03
CA TYR A 434 -72.27 15.50 4.46
C TYR A 434 -70.82 16.01 4.42
N GLU A 435 -70.36 16.30 3.21
CA GLU A 435 -69.00 16.81 2.99
C GLU A 435 -69.11 18.32 2.78
N LYS A 436 -68.05 19.05 3.11
CA LYS A 436 -68.05 20.49 2.96
C LYS A 436 -67.53 20.87 1.58
N VAL A 437 -67.89 22.07 1.13
CA VAL A 437 -67.43 22.54 -0.16
C VAL A 437 -66.97 23.98 -0.02
N GLY A 438 -65.67 24.17 0.17
CA GLY A 438 -65.13 25.50 0.31
C GLY A 438 -64.35 25.68 1.59
N GLU A 439 -64.63 26.77 2.30
CA GLU A 439 -63.97 27.09 3.56
C GLU A 439 -64.64 26.37 4.73
N ALA A 440 -63.83 25.85 5.65
CA ALA A 440 -64.36 25.14 6.82
C ALA A 440 -65.19 26.11 7.64
N THR A 441 -64.67 27.32 7.82
CA THR A 441 -65.34 28.33 8.59
C THR A 441 -66.68 28.74 7.97
N GLU A 442 -66.71 28.85 6.65
CA GLU A 442 -67.92 29.24 5.92
C GLU A 442 -68.96 28.15 5.89
N THR A 443 -68.53 26.92 5.70
CA THR A 443 -69.46 25.80 5.66
C THR A 443 -70.15 25.69 7.01
N ALA A 444 -69.41 26.01 8.06
CA ALA A 444 -69.97 25.97 9.41
C ALA A 444 -71.16 26.90 9.47
N LEU A 445 -71.06 28.04 8.81
CA LEU A 445 -72.16 29.00 8.81
C LEU A 445 -73.31 28.41 8.02
N THR A 446 -72.96 27.69 6.96
CA THR A 446 -73.96 27.05 6.12
C THR A 446 -74.71 26.02 6.96
N THR A 447 -73.95 25.18 7.67
CA THR A 447 -74.54 24.15 8.51
C THR A 447 -75.42 24.79 9.57
N LEU A 448 -75.05 25.99 9.99
CA LEU A 448 -75.79 26.72 10.99
C LEU A 448 -77.19 27.12 10.52
N VAL A 449 -77.28 27.73 9.35
CA VAL A 449 -78.58 28.16 8.84
C VAL A 449 -79.55 26.98 8.71
N GLU A 450 -79.01 25.80 8.36
CA GLU A 450 -79.83 24.62 8.21
C GLU A 450 -80.40 24.10 9.52
N LYS A 451 -79.66 24.28 10.61
CA LYS A 451 -80.11 23.85 11.92
C LYS A 451 -81.10 24.86 12.49
N MET A 452 -80.91 26.13 12.15
CA MET A 452 -81.77 27.21 12.63
C MET A 452 -83.15 27.18 11.97
N ASN A 453 -83.15 27.14 10.64
CA ASN A 453 -84.35 27.07 9.83
C ASN A 453 -85.32 28.20 10.21
N VAL A 454 -84.80 29.42 10.24
CA VAL A 454 -85.60 30.59 10.61
C VAL A 454 -86.95 30.75 9.91
N PHE A 455 -87.17 30.01 8.83
CA PHE A 455 -88.43 30.11 8.11
C PHE A 455 -89.31 28.87 8.19
N ASN A 456 -88.96 27.97 9.10
CA ASN A 456 -89.73 26.75 9.29
C ASN A 456 -90.05 26.05 7.97
N THR A 457 -89.08 26.02 7.07
CA THR A 457 -89.24 25.37 5.78
C THR A 457 -89.35 23.86 6.00
N GLU A 458 -90.14 23.19 5.18
CA GLU A 458 -90.31 21.74 5.29
C GLU A 458 -89.15 20.99 4.68
N VAL A 459 -88.18 20.65 5.52
CA VAL A 459 -86.99 19.94 5.08
C VAL A 459 -87.01 18.46 5.44
N ARG A 460 -88.00 18.04 6.21
CA ARG A 460 -88.11 16.64 6.62
C ARG A 460 -88.82 15.81 5.56
N ASN A 461 -88.99 16.40 4.38
CA ASN A 461 -89.64 15.74 3.24
C ASN A 461 -88.55 15.44 2.21
N LEU A 462 -87.48 16.22 2.27
CA LEU A 462 -86.35 16.07 1.35
C LEU A 462 -85.39 15.01 1.86
N SER A 463 -84.60 14.46 0.94
CA SER A 463 -83.63 13.44 1.28
C SER A 463 -82.40 14.06 1.95
N LYS A 464 -81.27 13.37 1.87
CA LYS A 464 -80.03 13.85 2.44
C LYS A 464 -79.40 14.91 1.54
N VAL A 465 -79.26 14.58 0.26
CA VAL A 465 -78.67 15.47 -0.72
C VAL A 465 -79.59 16.64 -1.06
N GLU A 466 -80.85 16.53 -0.65
CA GLU A 466 -81.82 17.58 -0.94
C GLU A 466 -82.00 18.58 0.19
N ARG A 467 -81.82 18.14 1.43
CA ARG A 467 -81.98 19.05 2.56
C ARG A 467 -80.65 19.66 3.00
N ALA A 468 -79.58 19.27 2.32
CA ALA A 468 -78.26 19.79 2.62
C ALA A 468 -78.28 21.33 2.61
N ASN A 469 -78.63 21.89 1.47
CA ASN A 469 -78.68 23.34 1.31
C ASN A 469 -80.11 23.90 1.26
N ALA A 470 -81.05 23.21 1.88
CA ALA A 470 -82.45 23.64 1.87
C ALA A 470 -82.70 25.04 2.43
N CYS A 471 -82.55 25.21 3.74
CA CYS A 471 -82.78 26.49 4.40
C CYS A 471 -81.97 27.65 3.81
N ASN A 472 -80.83 27.34 3.22
CA ASN A 472 -79.99 28.36 2.58
C ASN A 472 -80.72 28.83 1.33
N SER A 473 -80.98 27.86 0.44
CA SER A 473 -81.65 28.11 -0.83
C SER A 473 -82.89 28.98 -0.65
N VAL A 474 -83.56 28.80 0.47
CA VAL A 474 -84.74 29.60 0.77
C VAL A 474 -84.30 31.05 0.94
N ILE A 475 -83.25 31.25 1.73
CA ILE A 475 -82.74 32.59 1.99
C ILE A 475 -82.17 33.22 0.72
N ARG A 476 -81.65 32.39 -0.17
CA ARG A 476 -81.08 32.88 -1.42
C ARG A 476 -82.14 33.43 -2.36
N GLN A 477 -83.41 33.32 -1.98
CA GLN A 477 -84.50 33.79 -2.83
C GLN A 477 -85.02 35.16 -2.39
N LEU A 478 -84.77 35.53 -1.14
CA LEU A 478 -85.23 36.81 -0.63
C LEU A 478 -84.34 37.96 -1.11
N MET A 479 -83.09 37.64 -1.41
CA MET A 479 -82.15 38.66 -1.85
C MET A 479 -81.36 38.21 -3.07
N LYS A 480 -81.10 39.16 -3.96
CA LYS A 480 -80.31 38.90 -5.15
C LYS A 480 -78.91 39.38 -4.77
N LYS A 481 -77.93 38.49 -4.81
CA LYS A 481 -76.58 38.88 -4.46
C LYS A 481 -75.93 39.57 -5.66
N GLU A 482 -75.91 40.89 -5.63
CA GLU A 482 -75.34 41.68 -6.71
C GLU A 482 -73.88 41.33 -6.92
N PHE A 483 -73.07 41.57 -5.91
CA PHE A 483 -71.64 41.30 -5.97
C PHE A 483 -71.08 41.13 -4.57
N THR A 484 -69.85 40.67 -4.45
CA THR A 484 -69.26 40.50 -3.14
C THR A 484 -67.89 41.17 -3.00
N LEU A 485 -67.66 41.81 -1.85
CA LEU A 485 -66.39 42.46 -1.51
C LEU A 485 -65.57 41.50 -0.67
N GLU A 486 -64.63 40.79 -1.30
CA GLU A 486 -63.80 39.80 -0.61
C GLU A 486 -63.16 40.24 0.69
N PHE A 487 -62.71 39.22 1.43
CA PHE A 487 -62.03 39.39 2.70
C PHE A 487 -60.58 39.81 2.48
N SER A 488 -60.05 40.65 3.37
CA SER A 488 -58.64 41.06 3.28
C SER A 488 -58.14 41.28 4.72
N ARG A 489 -57.03 40.64 5.06
CA ARG A 489 -56.41 40.74 6.38
C ARG A 489 -56.35 42.18 6.83
N ASP A 490 -56.41 43.05 5.84
CA ASP A 490 -56.39 44.48 6.08
C ASP A 490 -57.54 44.89 7.01
N ARG A 491 -58.79 44.66 6.58
CA ARG A 491 -59.95 45.02 7.40
C ARG A 491 -60.51 43.81 8.13
N LYS A 492 -60.00 42.63 7.80
CA LYS A 492 -60.46 41.40 8.42
C LYS A 492 -61.99 41.21 8.42
N SER A 493 -62.60 41.36 7.23
CA SER A 493 -64.03 41.16 7.08
C SER A 493 -64.38 41.05 5.60
N MET A 494 -65.64 40.74 5.32
CA MET A 494 -66.11 40.61 3.95
C MET A 494 -67.59 40.93 3.89
N SER A 495 -68.08 41.43 2.77
CA SER A 495 -69.50 41.76 2.67
C SER A 495 -70.09 41.43 1.30
N VAL A 496 -71.41 41.42 1.24
CA VAL A 496 -72.12 41.16 0.00
C VAL A 496 -73.25 42.17 -0.17
N TYR A 497 -73.29 42.79 -1.35
CA TYR A 497 -74.31 43.77 -1.69
C TYR A 497 -75.50 42.97 -2.19
N CYS A 498 -76.68 43.26 -1.66
CA CYS A 498 -77.87 42.52 -2.08
C CYS A 498 -79.07 43.43 -2.31
N SER A 499 -79.84 43.09 -3.34
CA SER A 499 -81.02 43.87 -3.69
C SER A 499 -82.21 42.94 -3.54
N PRO A 500 -83.35 43.49 -3.10
CA PRO A 500 -84.57 42.69 -2.91
C PRO A 500 -84.87 41.85 -4.14
N ALA A 501 -85.55 40.71 -3.93
CA ALA A 501 -85.88 39.85 -5.06
C ALA A 501 -87.02 40.46 -5.86
N LYS A 502 -88.21 40.33 -5.33
CA LYS A 502 -89.43 40.85 -5.98
C LYS A 502 -89.45 42.38 -5.92
N SER A 503 -88.74 42.92 -6.87
CA SER A 503 -88.60 44.36 -7.08
C SER A 503 -88.25 44.63 -8.53
N SER A 504 -88.40 45.87 -8.92
CA SER A 504 -88.11 46.30 -10.28
C SER A 504 -88.21 47.81 -10.39
N ARG A 505 -87.08 48.37 -10.79
CA ARG A 505 -86.90 49.81 -11.02
C ARG A 505 -87.08 50.68 -9.76
N ALA A 506 -86.70 50.16 -8.63
CA ALA A 506 -86.79 50.92 -7.36
C ALA A 506 -85.43 51.58 -7.09
N ALA A 507 -85.46 52.69 -6.37
CA ALA A 507 -84.24 53.44 -6.03
C ALA A 507 -83.86 53.21 -4.57
N VAL A 508 -84.52 52.30 -3.90
CA VAL A 508 -84.23 51.97 -2.50
C VAL A 508 -84.50 50.49 -2.22
N GLY A 509 -83.88 49.97 -1.17
CA GLY A 509 -84.07 48.57 -0.80
C GLY A 509 -82.80 47.75 -0.67
N ASN A 510 -81.71 48.20 -1.30
CA ASN A 510 -80.43 47.51 -1.25
C ASN A 510 -79.90 47.32 0.15
N LYS A 511 -79.23 46.20 0.37
CA LYS A 511 -78.65 45.88 1.68
C LYS A 511 -77.24 45.30 1.60
N MET A 512 -76.41 45.63 2.57
CA MET A 512 -75.06 45.06 2.63
C MET A 512 -74.94 44.22 3.92
N PHE A 513 -74.56 42.99 3.76
CA PHE A 513 -74.37 42.04 4.87
C PHE A 513 -72.87 41.79 5.05
N VAL A 514 -72.37 42.14 6.24
CA VAL A 514 -70.93 41.99 6.56
C VAL A 514 -70.67 40.89 7.59
N LYS A 515 -69.50 40.31 7.44
CA LYS A 515 -69.03 39.24 8.30
C LYS A 515 -67.51 39.43 8.52
N GLY A 516 -67.06 39.16 9.77
CA GLY A 516 -65.65 39.33 10.07
C GLY A 516 -65.26 39.32 11.54
N ALA A 517 -63.98 39.56 11.79
CA ALA A 517 -63.46 39.60 13.16
C ALA A 517 -64.19 40.72 13.87
N PRO A 518 -64.62 40.46 15.12
CA PRO A 518 -65.36 41.34 16.03
C PRO A 518 -64.88 42.75 16.28
N GLU A 519 -63.59 42.93 16.57
CA GLU A 519 -63.06 44.26 16.88
C GLU A 519 -63.44 45.28 15.82
N GLY A 520 -62.87 45.13 14.62
CA GLY A 520 -63.14 46.04 13.54
C GLY A 520 -64.59 46.10 13.10
N VAL A 521 -65.24 44.96 12.90
CA VAL A 521 -66.62 44.99 12.46
C VAL A 521 -67.51 45.74 13.44
N ILE A 522 -67.31 45.52 14.74
CA ILE A 522 -68.10 46.23 15.73
C ILE A 522 -67.72 47.71 15.77
N ASP A 523 -66.44 48.03 15.65
CA ASP A 523 -66.05 49.44 15.66
C ASP A 523 -66.71 50.25 14.54
N ARG A 524 -67.09 49.59 13.45
CA ARG A 524 -67.71 50.32 12.35
C ARG A 524 -69.23 50.30 12.40
N CYS A 525 -69.78 49.77 13.48
CA CYS A 525 -71.23 49.73 13.68
C CYS A 525 -71.63 50.97 14.45
N ASN A 526 -72.61 51.72 13.93
CA ASN A 526 -73.08 52.93 14.63
C ASN A 526 -74.46 52.66 15.20
N TYR A 527 -75.00 51.49 14.87
CA TYR A 527 -76.32 51.09 15.31
C TYR A 527 -76.30 49.62 15.74
N VAL A 528 -77.33 49.25 16.51
CA VAL A 528 -77.47 47.89 17.01
C VAL A 528 -78.87 47.43 16.68
N ARG A 529 -79.02 46.17 16.30
CA ARG A 529 -80.35 45.69 15.98
C ARG A 529 -81.02 44.99 17.16
N VAL A 530 -82.31 45.25 17.32
CA VAL A 530 -83.12 44.68 18.39
C VAL A 530 -84.43 44.22 17.78
N GLY A 531 -84.44 42.98 17.31
CA GLY A 531 -85.62 42.43 16.68
C GLY A 531 -85.65 42.94 15.25
N THR A 532 -86.51 43.92 14.99
CA THR A 532 -86.61 44.52 13.66
C THR A 532 -86.21 45.98 13.76
N THR A 533 -86.14 46.46 15.00
CA THR A 533 -85.78 47.86 15.26
C THR A 533 -84.29 48.07 15.37
N ARG A 534 -83.88 49.33 15.49
CA ARG A 534 -82.46 49.67 15.57
C ARG A 534 -82.23 50.86 16.49
N VAL A 535 -81.07 50.91 17.15
CA VAL A 535 -80.78 52.01 18.05
C VAL A 535 -79.28 52.33 18.07
N PRO A 536 -78.93 53.61 18.28
CA PRO A 536 -77.52 54.00 18.32
C PRO A 536 -76.62 53.13 19.19
N MET A 537 -75.46 52.76 18.67
CA MET A 537 -74.51 51.95 19.41
C MET A 537 -74.08 52.76 20.63
N THR A 538 -74.35 52.24 21.83
CA THR A 538 -73.98 52.96 23.04
C THR A 538 -72.72 52.35 23.61
N GLY A 539 -71.82 53.20 24.10
CA GLY A 539 -70.57 52.72 24.66
C GLY A 539 -70.73 51.51 25.56
N PRO A 540 -71.65 51.57 26.53
CA PRO A 540 -71.87 50.43 27.42
C PRO A 540 -72.28 49.16 26.70
N VAL A 541 -73.34 49.24 25.89
CA VAL A 541 -73.83 48.05 25.17
C VAL A 541 -72.73 47.43 24.30
N LYS A 542 -71.76 48.24 23.89
CA LYS A 542 -70.66 47.76 23.07
C LYS A 542 -69.73 46.91 23.95
N GLU A 543 -69.63 47.26 25.22
CA GLU A 543 -68.78 46.49 26.13
C GLU A 543 -69.45 45.17 26.44
N LYS A 544 -70.76 45.18 26.48
CA LYS A 544 -71.52 43.95 26.74
C LYS A 544 -71.15 42.99 25.62
N ILE A 545 -71.31 43.45 24.38
CA ILE A 545 -70.98 42.64 23.21
C ILE A 545 -69.52 42.17 23.28
N LEU A 546 -68.61 43.10 23.54
CA LEU A 546 -67.20 42.77 23.61
C LEU A 546 -66.87 41.82 24.74
N SER A 547 -67.50 41.99 25.91
CA SER A 547 -67.21 41.12 27.05
C SER A 547 -67.56 39.67 26.76
N VAL A 548 -68.74 39.43 26.18
CA VAL A 548 -69.15 38.07 25.86
C VAL A 548 -68.22 37.45 24.82
N ILE A 549 -67.78 38.26 23.86
CA ILE A 549 -66.87 37.77 22.84
C ILE A 549 -65.58 37.33 23.52
N LYS A 550 -65.07 38.16 24.42
CA LYS A 550 -63.83 37.85 25.15
C LYS A 550 -63.99 36.54 25.91
N GLU A 551 -65.16 36.37 26.51
CA GLU A 551 -65.51 35.17 27.27
C GLU A 551 -65.47 33.92 26.40
N TRP A 552 -66.16 33.95 25.27
CA TRP A 552 -66.19 32.81 24.36
C TRP A 552 -64.80 32.52 23.76
N GLY A 553 -64.06 33.56 23.45
CA GLY A 553 -62.77 33.34 22.82
C GLY A 553 -61.63 33.05 23.78
N THR A 554 -61.67 33.63 24.96
CA THR A 554 -60.60 33.43 25.92
C THR A 554 -60.93 32.48 27.06
N GLY A 555 -62.21 32.09 27.14
CA GLY A 555 -62.63 31.15 28.16
C GLY A 555 -62.40 29.71 27.71
N ARG A 556 -62.91 28.73 28.46
CA ARG A 556 -62.72 27.33 28.12
C ARG A 556 -63.35 26.89 26.81
N ASP A 557 -64.29 27.69 26.30
CA ASP A 557 -64.92 27.32 25.03
C ASP A 557 -63.96 27.43 23.86
N THR A 558 -62.94 28.27 23.99
CA THR A 558 -61.95 28.50 22.91
C THR A 558 -62.63 28.58 21.55
N LEU A 559 -63.61 29.46 21.42
CA LEU A 559 -64.34 29.62 20.17
C LEU A 559 -63.82 30.77 19.31
N ARG A 560 -63.87 30.59 17.99
CA ARG A 560 -63.47 31.63 17.05
C ARG A 560 -64.73 32.43 16.81
N CYS A 561 -64.71 33.71 17.13
CA CYS A 561 -65.90 34.53 16.95
C CYS A 561 -65.95 35.38 15.68
N LEU A 562 -67.15 35.50 15.13
CA LEU A 562 -67.43 36.29 13.95
C LEU A 562 -68.56 37.28 14.26
N ALA A 563 -68.39 38.54 13.87
CA ALA A 563 -69.41 39.55 14.08
C ALA A 563 -70.23 39.65 12.78
N LEU A 564 -71.53 39.77 12.92
CA LEU A 564 -72.43 39.85 11.79
C LEU A 564 -73.16 41.19 11.81
N ALA A 565 -73.09 41.91 10.69
CA ALA A 565 -73.75 43.20 10.61
C ALA A 565 -74.30 43.48 9.22
N THR A 566 -75.17 44.47 9.14
CA THR A 566 -75.73 44.86 7.86
C THR A 566 -75.69 46.36 7.76
N ARG A 567 -75.30 46.87 6.60
CA ARG A 567 -75.29 48.31 6.39
C ARG A 567 -76.71 48.56 5.86
N ASP A 568 -77.60 49.05 6.73
CA ASP A 568 -78.99 49.30 6.34
C ASP A 568 -79.12 50.18 5.07
N THR A 569 -78.35 51.26 4.99
CA THR A 569 -78.40 52.14 3.83
C THR A 569 -77.04 52.08 3.13
N PRO A 570 -76.83 51.06 2.30
CA PRO A 570 -75.55 50.95 1.60
C PRO A 570 -75.38 52.10 0.59
N PRO A 571 -74.13 52.48 0.28
CA PRO A 571 -73.99 53.57 -0.69
C PRO A 571 -74.59 53.24 -2.05
N LYS A 572 -74.92 54.29 -2.81
CA LYS A 572 -75.48 54.09 -4.16
C LYS A 572 -74.55 53.16 -4.93
N ARG A 573 -75.14 52.24 -5.68
CA ARG A 573 -74.33 51.28 -6.41
C ARG A 573 -73.38 51.94 -7.39
N GLU A 574 -73.79 53.07 -7.99
CA GLU A 574 -72.92 53.75 -8.96
C GLU A 574 -71.74 54.38 -8.24
N GLU A 575 -71.95 54.74 -6.98
CA GLU A 575 -70.89 55.39 -6.21
C GLU A 575 -69.84 54.43 -5.67
N MET A 576 -69.83 53.20 -6.15
CA MET A 576 -68.85 52.24 -5.68
C MET A 576 -67.93 51.71 -6.77
N VAL A 577 -66.66 51.54 -6.41
CA VAL A 577 -65.68 50.98 -7.34
C VAL A 577 -65.27 49.62 -6.78
N LEU A 578 -65.67 48.58 -7.48
CA LEU A 578 -65.39 47.20 -7.09
C LEU A 578 -63.95 46.76 -7.40
N ASP A 579 -63.10 47.68 -7.85
CA ASP A 579 -61.73 47.33 -8.19
C ASP A 579 -60.67 47.68 -7.16
N ASP A 580 -60.96 48.67 -6.32
CA ASP A 580 -60.00 49.10 -5.32
C ASP A 580 -60.34 48.50 -3.97
N SER A 581 -59.86 47.30 -3.72
CA SER A 581 -60.12 46.63 -2.47
C SER A 581 -59.87 47.58 -1.30
N SER A 582 -59.11 48.65 -1.55
CA SER A 582 -58.77 49.63 -0.52
C SER A 582 -59.98 50.43 -0.03
N ARG A 583 -61.01 50.52 -0.86
CA ARG A 583 -62.21 51.27 -0.48
C ARG A 583 -63.27 50.37 0.16
N PHE A 584 -62.96 49.08 0.32
CA PHE A 584 -63.93 48.15 0.90
C PHE A 584 -64.30 48.44 2.35
N MET A 585 -63.32 48.75 3.19
CA MET A 585 -63.63 49.06 4.57
C MET A 585 -64.65 50.20 4.57
N GLU A 586 -64.31 51.29 3.89
CA GLU A 586 -65.19 52.47 3.80
C GLU A 586 -66.63 52.09 3.40
N TYR A 587 -66.76 51.18 2.44
CA TYR A 587 -68.08 50.77 2.00
C TYR A 587 -68.81 50.08 3.15
N GLU A 588 -68.04 49.37 3.99
CA GLU A 588 -68.60 48.66 5.13
C GLU A 588 -68.56 49.54 6.36
N THR A 589 -69.20 50.70 6.27
CA THR A 589 -69.23 51.66 7.35
C THR A 589 -70.68 51.93 7.72
N ASP A 590 -70.88 52.52 8.91
CA ASP A 590 -72.25 52.83 9.34
C ASP A 590 -73.10 51.56 9.37
N LEU A 591 -72.51 50.53 9.93
CA LEU A 591 -73.18 49.21 10.02
C LEU A 591 -74.11 49.11 11.23
N THR A 592 -74.78 47.99 11.22
CA THR A 592 -75.71 47.61 12.25
C THR A 592 -75.28 46.27 12.79
N PHE A 593 -75.06 46.24 14.06
CA PHE A 593 -74.67 45.00 14.68
C PHE A 593 -75.89 44.12 14.79
N VAL A 594 -75.78 42.94 14.23
CA VAL A 594 -76.87 41.96 14.27
C VAL A 594 -76.59 40.92 15.33
N GLY A 595 -75.41 40.32 15.26
CA GLY A 595 -75.08 39.33 16.26
C GLY A 595 -73.66 38.79 16.15
N VAL A 596 -73.42 37.71 16.88
CA VAL A 596 -72.12 37.06 16.93
C VAL A 596 -72.33 35.56 16.93
N VAL A 597 -71.43 34.85 16.27
CA VAL A 597 -71.48 33.40 16.23
C VAL A 597 -70.08 32.93 16.63
N GLY A 598 -70.02 31.93 17.50
CA GLY A 598 -68.74 31.42 17.95
C GLY A 598 -68.61 30.00 17.49
N MET A 599 -67.57 29.70 16.71
CA MET A 599 -67.36 28.35 16.22
C MET A 599 -66.14 27.65 16.78
N LEU A 600 -66.17 26.32 16.78
CA LEU A 600 -65.09 25.53 17.32
C LEU A 600 -64.41 24.58 16.38
N ASP A 601 -63.09 24.55 16.48
CA ASP A 601 -62.28 23.61 15.69
C ASP A 601 -61.72 22.70 16.79
N PRO A 602 -62.47 21.65 17.12
CA PRO A 602 -62.11 20.68 18.15
C PRO A 602 -60.74 20.02 18.10
N PRO A 603 -60.07 19.94 19.25
CA PRO A 603 -58.74 19.33 19.37
C PRO A 603 -58.93 17.84 19.05
N ARG A 604 -57.93 17.22 18.44
CA ARG A 604 -57.99 15.79 18.12
C ARG A 604 -58.27 15.08 19.43
N LYS A 605 -59.07 14.01 19.36
CA LYS A 605 -59.40 13.27 20.57
C LYS A 605 -58.20 12.64 21.28
N GLU A 606 -57.03 12.62 20.65
CA GLU A 606 -55.86 12.02 21.27
C GLU A 606 -54.80 13.01 21.75
N VAL A 607 -54.88 14.24 21.26
CA VAL A 607 -53.89 15.23 21.60
C VAL A 607 -53.71 15.49 23.10
N MET A 608 -54.80 15.44 23.86
CA MET A 608 -54.68 15.65 25.30
C MET A 608 -53.68 14.64 25.87
N GLY A 609 -53.92 13.37 25.55
CA GLY A 609 -53.05 12.30 26.00
C GLY A 609 -51.61 12.43 25.53
N SER A 610 -51.42 12.52 24.21
CA SER A 610 -50.08 12.65 23.64
C SER A 610 -49.31 13.83 24.20
N ILE A 611 -49.98 14.98 24.37
CA ILE A 611 -49.29 16.15 24.92
C ILE A 611 -48.73 15.74 26.27
N GLN A 612 -49.54 15.02 27.04
CA GLN A 612 -49.15 14.55 28.38
C GLN A 612 -47.97 13.58 28.28
N LEU A 613 -48.01 12.69 27.31
CA LEU A 613 -46.89 11.76 27.13
C LEU A 613 -45.60 12.56 26.93
N CYS A 614 -45.69 13.66 26.17
CA CYS A 614 -44.52 14.48 25.91
C CYS A 614 -43.93 15.08 27.18
N ARG A 615 -44.79 15.47 28.11
CA ARG A 615 -44.34 16.06 29.37
C ARG A 615 -43.65 14.96 30.18
N ASP A 616 -44.20 13.74 30.11
CA ASP A 616 -43.62 12.62 30.83
C ASP A 616 -42.25 12.27 30.24
N ALA A 617 -42.09 12.54 28.93
CA ALA A 617 -40.84 12.24 28.25
C ALA A 617 -39.87 13.41 28.21
N GLY A 618 -40.22 14.52 28.83
CA GLY A 618 -39.33 15.65 28.80
C GLY A 618 -39.27 16.31 27.42
N ILE A 619 -40.28 16.08 26.60
CA ILE A 619 -40.31 16.68 25.28
C ILE A 619 -41.22 17.91 25.28
N ARG A 620 -40.66 19.06 24.94
CA ARG A 620 -41.45 20.30 24.90
C ARG A 620 -42.33 20.33 23.64
N VAL A 621 -43.52 20.91 23.81
CA VAL A 621 -44.48 21.04 22.73
C VAL A 621 -44.78 22.52 22.51
N ILE A 622 -44.56 23.00 21.27
CA ILE A 622 -44.85 24.40 20.93
C ILE A 622 -45.92 24.41 19.85
N MET A 623 -46.99 25.14 20.12
CA MET A 623 -48.08 25.27 19.17
C MET A 623 -47.90 26.52 18.28
N ILE A 624 -48.05 26.35 16.97
CA ILE A 624 -47.96 27.49 16.06
C ILE A 624 -49.36 27.61 15.47
N THR A 625 -50.03 28.73 15.71
CA THR A 625 -51.40 28.93 15.26
C THR A 625 -51.70 30.32 14.69
N GLY A 626 -52.75 30.39 13.89
CA GLY A 626 -53.18 31.65 13.30
C GLY A 626 -54.20 32.34 14.20
N ASP A 627 -54.59 31.69 15.29
CA ASP A 627 -55.56 32.29 16.21
C ASP A 627 -54.91 33.54 16.80
N ASN A 628 -55.72 34.45 17.34
CA ASN A 628 -55.13 35.61 17.95
C ASN A 628 -54.46 35.07 19.23
N LYS A 629 -53.58 35.86 19.82
CA LYS A 629 -52.86 35.47 21.01
C LYS A 629 -53.77 34.87 22.09
N GLY A 630 -54.85 35.57 22.42
CA GLY A 630 -55.78 35.14 23.45
C GLY A 630 -56.37 33.75 23.33
N THR A 631 -57.08 33.52 22.23
CA THR A 631 -57.69 32.22 22.00
C THR A 631 -56.58 31.16 21.91
N ALA A 632 -55.41 31.57 21.41
CA ALA A 632 -54.28 30.65 21.27
C ALA A 632 -53.88 30.11 22.64
N ILE A 633 -53.76 31.00 23.61
CA ILE A 633 -53.41 30.61 24.96
C ILE A 633 -54.52 29.72 25.52
N ALA A 634 -55.75 30.13 25.27
CA ALA A 634 -56.89 29.38 25.76
C ALA A 634 -56.92 27.97 25.19
N ILE A 635 -56.43 27.80 23.96
CA ILE A 635 -56.41 26.48 23.34
C ILE A 635 -55.29 25.65 23.96
N CYS A 636 -54.20 26.32 24.30
CA CYS A 636 -53.05 25.67 24.92
C CYS A 636 -53.43 25.19 26.33
N ARG A 637 -54.18 26.02 27.07
CA ARG A 637 -54.61 25.63 28.40
C ARG A 637 -55.54 24.44 28.27
N ARG A 638 -56.38 24.48 27.23
CA ARG A 638 -57.35 23.41 27.00
C ARG A 638 -56.75 22.07 26.63
N ILE A 639 -55.72 22.05 25.78
CA ILE A 639 -55.14 20.76 25.41
C ILE A 639 -54.03 20.35 26.37
N GLY A 640 -53.74 21.21 27.34
CA GLY A 640 -52.75 20.87 28.33
C GLY A 640 -51.34 21.36 28.10
N ILE A 641 -51.12 22.24 27.13
CA ILE A 641 -49.78 22.76 26.88
C ILE A 641 -49.43 23.64 28.06
N PHE A 642 -50.42 24.43 28.48
CA PHE A 642 -50.28 25.33 29.62
C PHE A 642 -51.27 24.83 30.67
N GLY A 643 -50.97 25.10 31.93
CA GLY A 643 -51.87 24.72 33.01
C GLY A 643 -52.99 25.74 33.04
N GLU A 644 -54.18 25.30 33.39
CA GLU A 644 -55.35 26.15 33.45
C GLU A 644 -55.14 27.53 34.09
N ASN A 645 -54.31 27.61 35.12
CA ASN A 645 -54.09 28.90 35.79
C ASN A 645 -52.64 29.38 35.90
N GLU A 646 -51.71 28.74 35.18
CA GLU A 646 -50.33 29.19 35.27
C GLU A 646 -50.08 30.44 34.44
N GLU A 647 -49.03 31.16 34.78
CA GLU A 647 -48.66 32.37 34.05
C GLU A 647 -47.98 32.02 32.74
N VAL A 648 -48.31 32.75 31.69
CA VAL A 648 -47.73 32.49 30.38
C VAL A 648 -47.29 33.77 29.68
N ALA A 649 -47.22 34.87 30.41
CA ALA A 649 -46.84 36.16 29.85
C ALA A 649 -45.68 36.09 28.85
N ASP A 650 -44.63 35.37 29.22
CA ASP A 650 -43.45 35.23 28.37
C ASP A 650 -43.29 33.83 27.81
N ARG A 651 -44.41 33.14 27.61
CA ARG A 651 -44.35 31.79 27.07
C ARG A 651 -45.19 31.69 25.80
N ALA A 652 -45.82 32.80 25.44
CA ALA A 652 -46.66 32.87 24.26
C ALA A 652 -46.40 34.18 23.53
N TYR A 653 -46.23 34.12 22.22
CA TYR A 653 -45.98 35.33 21.44
C TYR A 653 -46.65 35.32 20.07
N THR A 654 -47.00 36.51 19.58
CA THR A 654 -47.59 36.65 18.25
C THR A 654 -46.41 37.05 17.37
N GLY A 655 -46.55 36.90 16.06
CA GLY A 655 -45.48 37.29 15.17
C GLY A 655 -44.97 38.67 15.54
N ARG A 656 -45.88 39.66 15.51
CA ARG A 656 -45.55 41.05 15.83
C ARG A 656 -44.66 41.18 17.08
N GLU A 657 -45.15 40.68 18.21
CA GLU A 657 -44.41 40.76 19.47
C GLU A 657 -43.01 40.18 19.34
N PHE A 658 -42.91 39.08 18.58
CA PHE A 658 -41.63 38.43 18.37
C PHE A 658 -40.64 39.32 17.64
N ASP A 659 -41.08 39.96 16.56
CA ASP A 659 -40.21 40.85 15.79
C ASP A 659 -39.70 42.03 16.61
N ASP A 660 -40.54 42.52 17.52
CA ASP A 660 -40.17 43.67 18.36
C ASP A 660 -39.06 43.34 19.34
N LEU A 661 -38.73 42.05 19.46
CA LEU A 661 -37.67 41.64 20.37
C LEU A 661 -36.35 41.60 19.61
N PRO A 662 -35.25 41.98 20.27
CA PRO A 662 -33.92 41.97 19.66
C PRO A 662 -33.37 40.54 19.57
N LEU A 663 -32.53 40.29 18.57
CA LEU A 663 -31.94 38.97 18.34
C LEU A 663 -31.54 38.19 19.60
N ALA A 664 -31.25 38.90 20.69
CA ALA A 664 -30.85 38.23 21.93
C ALA A 664 -32.08 37.77 22.71
N GLU A 665 -33.11 38.60 22.70
CA GLU A 665 -34.34 38.29 23.41
C GLU A 665 -35.22 37.28 22.67
N GLN A 666 -35.08 37.24 21.36
CA GLN A 666 -35.84 36.30 20.55
C GLN A 666 -35.33 34.90 20.85
N ARG A 667 -34.01 34.77 20.92
CA ARG A 667 -33.38 33.49 21.23
C ARG A 667 -33.90 33.03 22.58
N GLU A 668 -33.83 33.93 23.55
CA GLU A 668 -34.26 33.64 24.90
C GLU A 668 -35.72 33.17 24.91
N ALA A 669 -36.59 33.91 24.21
CA ALA A 669 -38.00 33.56 24.17
C ALA A 669 -38.27 32.16 23.62
N CYS A 670 -37.45 31.70 22.68
CA CYS A 670 -37.68 30.38 22.09
C CYS A 670 -37.38 29.21 23.02
N ARG A 671 -36.57 29.44 24.05
CA ARG A 671 -36.26 28.35 24.96
C ARG A 671 -37.39 28.15 25.94
N ARG A 672 -38.18 29.21 26.14
CA ARG A 672 -39.31 29.18 27.08
C ARG A 672 -40.72 29.14 26.46
N ALA A 673 -40.87 29.70 25.26
CA ALA A 673 -42.16 29.76 24.61
C ALA A 673 -42.77 28.41 24.22
N CYS A 674 -44.10 28.35 24.29
CA CYS A 674 -44.82 27.14 23.93
C CYS A 674 -46.03 27.50 23.07
N CYS A 675 -46.14 28.77 22.74
CA CYS A 675 -47.26 29.24 21.93
C CYS A 675 -46.89 30.41 21.01
N PHE A 676 -46.87 30.15 19.71
CA PHE A 676 -46.60 31.23 18.74
C PHE A 676 -47.86 31.46 17.90
N ALA A 677 -48.39 32.67 18.00
CA ALA A 677 -49.61 33.01 17.27
C ALA A 677 -49.37 34.08 16.20
N ARG A 678 -50.08 33.98 15.08
CA ARG A 678 -49.96 34.95 13.98
C ARG A 678 -48.48 35.17 13.62
N VAL A 679 -47.83 34.08 13.22
CA VAL A 679 -46.42 34.06 12.88
C VAL A 679 -46.11 34.51 11.45
N GLU A 680 -44.97 35.18 11.30
CA GLU A 680 -44.53 35.68 10.00
C GLU A 680 -43.94 34.56 9.12
N PRO A 681 -43.81 34.81 7.81
CA PRO A 681 -43.27 33.82 6.89
C PRO A 681 -41.87 33.31 7.25
N SER A 682 -41.08 34.17 7.85
CA SER A 682 -39.71 33.84 8.23
C SER A 682 -39.55 33.49 9.72
N HIS A 683 -40.58 32.97 10.36
CA HIS A 683 -40.44 32.66 11.78
C HIS A 683 -40.16 31.21 12.08
N LYS A 684 -40.85 30.30 11.41
CA LYS A 684 -40.59 28.89 11.68
C LYS A 684 -39.09 28.62 11.57
N SER A 685 -38.44 29.24 10.60
CA SER A 685 -37.01 29.06 10.39
C SER A 685 -36.19 29.67 11.51
N LYS A 686 -36.53 30.87 11.92
CA LYS A 686 -35.79 31.50 12.99
C LYS A 686 -35.97 30.70 14.28
N ILE A 687 -37.19 30.23 14.52
CA ILE A 687 -37.46 29.47 15.73
C ILE A 687 -36.65 28.16 15.79
N VAL A 688 -36.56 27.46 14.66
CA VAL A 688 -35.79 26.22 14.63
C VAL A 688 -34.32 26.56 14.90
N GLU A 689 -33.87 27.65 14.31
CA GLU A 689 -32.50 28.09 14.50
C GLU A 689 -32.19 28.40 15.96
N TYR A 690 -33.05 29.21 16.58
CA TYR A 690 -32.84 29.58 17.99
C TYR A 690 -32.91 28.35 18.88
N LEU A 691 -33.80 27.43 18.55
CA LEU A 691 -33.93 26.20 19.32
C LEU A 691 -32.63 25.38 19.20
N GLN A 692 -32.08 25.33 18.00
CA GLN A 692 -30.85 24.57 17.78
C GLN A 692 -29.65 25.24 18.44
N SER A 693 -29.78 26.52 18.80
CA SER A 693 -28.68 27.22 19.46
C SER A 693 -28.61 26.81 20.95
N TYR A 694 -29.52 25.93 21.34
CA TYR A 694 -29.56 25.43 22.71
C TYR A 694 -29.40 23.92 22.56
N ASP A 695 -28.86 23.52 21.42
CA ASP A 695 -28.61 22.11 21.12
C ASP A 695 -29.82 21.17 21.15
N GLU A 696 -31.02 21.72 21.04
CA GLU A 696 -32.23 20.90 21.05
C GLU A 696 -32.55 20.25 19.71
N ILE A 697 -32.86 18.96 19.73
CA ILE A 697 -33.22 18.26 18.49
C ILE A 697 -34.66 18.67 18.25
N THR A 698 -34.86 19.51 17.25
CA THR A 698 -36.19 20.02 16.95
C THR A 698 -36.98 19.36 15.84
N ALA A 699 -38.27 19.14 16.10
CA ALA A 699 -39.19 18.56 15.12
C ALA A 699 -40.11 19.72 14.76
N MET A 700 -40.35 19.91 13.46
CA MET A 700 -41.20 21.02 12.99
C MET A 700 -42.16 20.53 11.90
N THR A 701 -43.42 20.96 11.99
CA THR A 701 -44.45 20.57 11.02
C THR A 701 -44.72 21.71 10.04
N GLY A 702 -45.38 21.40 8.92
CA GLY A 702 -45.72 22.45 7.96
C GLY A 702 -45.97 21.95 6.56
N ASP A 703 -46.32 22.86 5.65
CA ASP A 703 -46.47 22.49 4.25
C ASP A 703 -46.23 23.67 3.33
N GLY A 704 -46.43 23.44 2.03
CA GLY A 704 -46.20 24.47 1.05
C GLY A 704 -44.71 24.79 0.98
N VAL A 705 -44.31 25.53 -0.06
CA VAL A 705 -42.92 25.90 -0.25
C VAL A 705 -42.48 26.84 0.89
N ASN A 706 -43.42 27.59 1.44
CA ASN A 706 -43.08 28.51 2.53
C ASN A 706 -42.45 27.76 3.70
N ASP A 707 -42.89 26.54 3.98
CA ASP A 707 -42.34 25.82 5.13
C ASP A 707 -41.18 24.93 4.80
N ALA A 708 -40.92 24.76 3.50
CA ALA A 708 -39.81 23.90 3.08
C ALA A 708 -38.51 24.26 3.79
N PRO A 709 -38.13 25.54 3.79
CA PRO A 709 -36.87 25.91 4.47
C PRO A 709 -36.81 25.37 5.89
N ALA A 710 -37.82 25.73 6.68
CA ALA A 710 -37.88 25.30 8.08
C ALA A 710 -37.90 23.80 8.20
N LEU A 711 -38.65 23.14 7.32
CA LEU A 711 -38.71 21.68 7.36
C LEU A 711 -37.32 21.12 7.10
N LYS A 712 -36.62 21.72 6.14
CA LYS A 712 -35.27 21.26 5.84
C LYS A 712 -34.35 21.46 7.04
N LYS A 713 -34.43 22.63 7.68
CA LYS A 713 -33.56 22.94 8.81
C LYS A 713 -33.75 22.12 10.09
N ALA A 714 -34.97 22.03 10.60
CA ALA A 714 -35.23 21.27 11.82
C ALA A 714 -34.63 19.86 11.65
N GLU A 715 -34.39 19.18 12.76
CA GLU A 715 -33.80 17.85 12.69
C GLU A 715 -34.79 16.86 12.11
N ILE A 716 -36.06 17.04 12.44
CA ILE A 716 -37.14 16.18 11.94
C ILE A 716 -38.25 17.05 11.37
N GLY A 717 -38.11 17.46 10.12
CA GLY A 717 -39.15 18.25 9.48
C GLY A 717 -40.29 17.28 9.27
N ILE A 718 -41.51 17.71 9.58
CA ILE A 718 -42.64 16.82 9.42
C ILE A 718 -43.71 17.36 8.48
N ALA A 719 -44.18 16.53 7.57
CA ALA A 719 -45.19 16.98 6.62
C ALA A 719 -46.49 16.24 6.83
N MET A 720 -47.57 16.81 6.31
CA MET A 720 -48.88 16.18 6.41
C MET A 720 -49.03 15.30 5.17
N GLY A 721 -49.74 14.19 5.30
CA GLY A 721 -49.95 13.33 4.14
C GLY A 721 -50.74 14.11 3.10
N SER A 722 -51.63 14.98 3.57
CA SER A 722 -52.46 15.81 2.71
C SER A 722 -51.75 17.10 2.34
N GLY A 723 -50.43 17.10 2.53
CA GLY A 723 -49.64 18.28 2.25
C GLY A 723 -49.07 18.26 0.84
N THR A 724 -48.36 19.32 0.45
CA THR A 724 -47.81 19.41 -0.90
C THR A 724 -46.61 18.48 -1.09
N ALA A 725 -46.40 18.08 -2.35
CA ALA A 725 -45.29 17.20 -2.70
C ALA A 725 -43.95 17.77 -2.27
N VAL A 726 -43.78 19.09 -2.35
CA VAL A 726 -42.52 19.69 -1.95
C VAL A 726 -42.27 19.63 -0.45
N ALA A 727 -43.28 19.92 0.35
CA ALA A 727 -43.11 19.87 1.80
C ALA A 727 -42.67 18.45 2.21
N LYS A 728 -43.28 17.46 1.58
CA LYS A 728 -42.99 16.08 1.86
C LYS A 728 -41.54 15.75 1.60
N THR A 729 -41.08 16.06 0.39
CA THR A 729 -39.71 15.77 -0.01
C THR A 729 -38.72 16.54 0.85
N ALA A 730 -39.18 17.61 1.47
CA ALA A 730 -38.29 18.40 2.33
C ALA A 730 -38.34 17.86 3.76
N SER A 731 -39.17 16.83 4.00
CA SER A 731 -39.28 16.33 5.36
C SER A 731 -38.70 14.95 5.64
N GLU A 732 -38.36 14.73 6.91
CA GLU A 732 -37.85 13.45 7.36
C GLU A 732 -39.05 12.51 7.57
N MET A 733 -40.19 13.10 7.94
CA MET A 733 -41.38 12.31 8.22
C MET A 733 -42.67 12.86 7.64
N VAL A 734 -43.54 11.95 7.21
CA VAL A 734 -44.86 12.34 6.69
C VAL A 734 -45.97 11.74 7.57
N LEU A 735 -47.01 12.53 7.88
CA LEU A 735 -48.10 12.02 8.69
C LEU A 735 -49.30 11.60 7.83
N ALA A 736 -49.39 10.31 7.52
CA ALA A 736 -50.48 9.80 6.71
C ALA A 736 -51.82 10.31 7.22
N ASP A 737 -51.97 10.43 8.54
CA ASP A 737 -53.24 10.92 9.11
C ASP A 737 -53.23 12.38 9.62
N ASP A 738 -52.12 13.09 9.41
CA ASP A 738 -52.01 14.50 9.79
C ASP A 738 -52.06 14.74 11.31
N ASN A 739 -52.23 13.67 12.08
CA ASN A 739 -52.35 13.73 13.53
C ASN A 739 -51.10 13.98 14.36
N PHE A 740 -51.12 15.03 15.16
CA PHE A 740 -50.00 15.36 16.04
C PHE A 740 -49.57 14.12 16.86
N SER A 741 -50.54 13.34 17.34
CA SER A 741 -50.23 12.17 18.16
C SER A 741 -49.35 11.13 17.47
N THR A 742 -49.34 11.13 16.14
CA THR A 742 -48.50 10.22 15.36
C THR A 742 -47.04 10.60 15.65
N ILE A 743 -46.76 11.89 15.66
CA ILE A 743 -45.41 12.34 15.92
C ILE A 743 -44.88 11.67 17.21
N VAL A 744 -45.65 11.82 18.29
CA VAL A 744 -45.31 11.28 19.59
C VAL A 744 -45.08 9.79 19.52
N ALA A 745 -46.05 9.08 18.95
CA ALA A 745 -45.94 7.64 18.82
C ALA A 745 -44.69 7.23 18.07
N ALA A 746 -44.29 8.06 17.09
CA ALA A 746 -43.09 7.74 16.31
C ALA A 746 -41.83 8.06 17.11
N VAL A 747 -41.87 9.08 17.95
CA VAL A 747 -40.69 9.41 18.74
C VAL A 747 -40.44 8.23 19.67
N GLU A 748 -41.52 7.69 20.24
CA GLU A 748 -41.40 6.54 21.13
C GLU A 748 -40.84 5.36 20.34
N GLU A 749 -41.46 5.03 19.22
CA GLU A 749 -40.95 3.94 18.41
C GLU A 749 -39.45 4.19 18.20
N GLY A 750 -39.11 5.44 17.93
CA GLY A 750 -37.72 5.81 17.73
C GLY A 750 -36.84 5.55 18.95
N ARG A 751 -37.38 5.72 20.15
CA ARG A 751 -36.58 5.47 21.34
C ARG A 751 -36.33 3.98 21.52
N ALA A 752 -37.33 3.18 21.13
CA ALA A 752 -37.27 1.73 21.22
C ALA A 752 -36.24 1.09 20.26
N ILE A 753 -36.15 1.63 19.05
CA ILE A 753 -35.22 1.10 18.05
C ILE A 753 -33.80 1.36 18.53
N TYR A 754 -33.53 2.60 18.89
CA TYR A 754 -32.19 2.95 19.32
C TYR A 754 -31.67 2.10 20.49
N ASN A 755 -32.49 1.93 21.53
CA ASN A 755 -32.07 1.14 22.69
C ASN A 755 -31.59 -0.23 22.21
N ASN A 756 -32.34 -0.83 21.30
CA ASN A 756 -32.00 -2.13 20.74
C ASN A 756 -30.79 -2.03 19.83
N MET A 757 -30.70 -0.92 19.09
CA MET A 757 -29.58 -0.73 18.17
C MET A 757 -28.32 -0.63 19.01
N LYS A 758 -28.40 0.17 20.07
CA LYS A 758 -27.27 0.37 20.97
C LYS A 758 -26.77 -0.99 21.48
N GLN A 759 -27.68 -1.96 21.52
CA GLN A 759 -27.33 -3.27 22.01
C GLN A 759 -26.66 -4.13 20.94
N PHE A 760 -27.19 -4.15 19.72
CA PHE A 760 -26.54 -4.99 18.75
C PHE A 760 -25.26 -4.32 18.29
N ILE A 761 -25.21 -3.00 18.44
CA ILE A 761 -23.99 -2.30 18.06
C ILE A 761 -22.89 -2.65 19.04
N ARG A 762 -23.20 -2.57 20.33
CA ARG A 762 -22.20 -2.89 21.35
C ARG A 762 -21.82 -4.37 21.29
N TYR A 763 -22.75 -5.20 20.86
CA TYR A 763 -22.52 -6.64 20.73
C TYR A 763 -21.47 -6.94 19.67
N LEU A 764 -21.61 -6.30 18.52
CA LEU A 764 -20.69 -6.53 17.41
C LEU A 764 -19.34 -5.88 17.58
N ILE A 765 -19.30 -4.62 18.00
CA ILE A 765 -18.00 -3.98 18.12
C ILE A 765 -17.22 -4.71 19.19
N SER A 766 -17.95 -5.17 20.21
CA SER A 766 -17.38 -5.92 21.30
C SER A 766 -16.59 -7.12 20.76
N SER A 767 -17.20 -7.87 19.84
CA SER A 767 -16.56 -9.04 19.27
C SER A 767 -15.34 -8.67 18.41
N ASN A 768 -15.34 -7.47 17.82
CA ASN A 768 -14.19 -7.07 17.02
C ASN A 768 -13.02 -6.79 17.96
N VAL A 769 -13.33 -6.25 19.13
CA VAL A 769 -12.27 -5.99 20.11
C VAL A 769 -11.62 -7.34 20.45
N GLY A 770 -12.44 -8.32 20.83
CA GLY A 770 -11.91 -9.63 21.16
C GLY A 770 -11.15 -10.27 20.01
N GLU A 771 -11.59 -10.00 18.79
CA GLU A 771 -10.92 -10.55 17.61
C GLU A 771 -9.53 -9.96 17.45
N VAL A 772 -9.37 -8.68 17.76
CA VAL A 772 -8.07 -8.04 17.62
C VAL A 772 -7.11 -8.47 18.73
N VAL A 773 -7.65 -8.87 19.88
CA VAL A 773 -6.82 -9.32 20.99
C VAL A 773 -6.20 -10.67 20.62
N CYS A 774 -7.01 -11.52 19.99
CA CYS A 774 -6.56 -12.83 19.58
C CYS A 774 -5.49 -12.73 18.50
N ILE A 775 -5.64 -11.76 17.59
CA ILE A 775 -4.67 -11.57 16.52
C ILE A 775 -3.42 -10.92 17.10
N PHE A 776 -3.61 -10.04 18.08
CA PHE A 776 -2.46 -9.40 18.70
C PHE A 776 -1.68 -10.38 19.53
N LEU A 777 -2.39 -11.17 20.33
CA LEU A 777 -1.77 -12.19 21.19
C LEU A 777 -0.91 -13.12 20.35
N THR A 778 -1.58 -13.74 19.37
CA THR A 778 -0.96 -14.69 18.47
C THR A 778 0.25 -14.10 17.74
N ALA A 779 0.36 -12.78 17.72
CA ALA A 779 1.50 -12.13 17.06
C ALA A 779 2.58 -11.76 18.07
N ALA A 780 2.16 -11.38 19.27
CA ALA A 780 3.07 -11.01 20.33
C ALA A 780 3.73 -12.25 20.92
N LEU A 781 3.15 -13.42 20.64
CA LEU A 781 3.72 -14.67 21.13
C LEU A 781 4.43 -15.38 19.99
N GLY A 782 4.10 -15.02 18.75
CA GLY A 782 4.73 -15.66 17.61
C GLY A 782 4.10 -17.00 17.28
N LEU A 783 2.93 -17.26 17.85
CA LEU A 783 2.21 -18.50 17.61
C LEU A 783 1.61 -18.54 16.22
N PRO A 784 1.20 -19.73 15.78
CA PRO A 784 0.62 -19.89 14.44
C PRO A 784 -0.76 -19.21 14.45
N GLU A 785 -1.11 -18.57 13.34
CA GLU A 785 -2.40 -17.89 13.23
C GLU A 785 -3.53 -18.79 13.73
N ALA A 786 -4.24 -18.33 14.76
CA ALA A 786 -5.36 -19.09 15.31
C ALA A 786 -6.57 -18.91 14.38
N LEU A 787 -6.71 -17.70 13.85
CA LEU A 787 -7.82 -17.38 12.95
C LEU A 787 -7.35 -16.57 11.76
N ILE A 788 -7.98 -16.80 10.62
CA ILE A 788 -7.66 -16.11 9.37
C ILE A 788 -8.84 -15.27 8.87
N PRO A 789 -8.55 -14.26 8.03
CA PRO A 789 -9.54 -13.34 7.45
C PRO A 789 -10.85 -13.98 7.00
N VAL A 790 -10.78 -14.99 6.14
CA VAL A 790 -11.98 -15.63 5.67
C VAL A 790 -12.87 -16.13 6.82
N GLN A 791 -12.28 -16.67 7.87
CA GLN A 791 -13.03 -17.16 9.03
C GLN A 791 -13.71 -16.00 9.79
N LEU A 792 -12.92 -15.00 10.16
CA LEU A 792 -13.46 -13.87 10.87
C LEU A 792 -14.64 -13.26 10.10
N LEU A 793 -14.43 -13.03 8.79
CA LEU A 793 -15.45 -12.44 7.93
C LEU A 793 -16.79 -13.18 7.90
N TRP A 794 -16.77 -14.51 8.01
CA TRP A 794 -18.01 -15.28 7.99
C TRP A 794 -18.71 -14.97 9.31
N VAL A 795 -17.93 -14.96 10.38
CA VAL A 795 -18.47 -14.68 11.70
C VAL A 795 -19.08 -13.28 11.81
N ASN A 796 -18.37 -12.28 11.27
CA ASN A 796 -18.85 -10.91 11.36
C ASN A 796 -19.93 -10.59 10.35
N LEU A 797 -20.17 -11.51 9.43
CA LEU A 797 -21.17 -11.28 8.40
C LEU A 797 -22.37 -12.18 8.60
N VAL A 798 -22.11 -13.46 8.87
CA VAL A 798 -23.19 -14.40 9.05
C VAL A 798 -23.44 -14.81 10.51
N THR A 799 -22.49 -15.53 11.08
CA THR A 799 -22.62 -16.02 12.44
C THR A 799 -23.11 -15.00 13.46
N ASP A 800 -22.42 -13.88 13.57
CA ASP A 800 -22.80 -12.85 14.53
C ASP A 800 -23.85 -11.88 14.04
N GLY A 801 -24.12 -11.92 12.75
CA GLY A 801 -25.11 -11.03 12.18
C GLY A 801 -26.53 -11.41 12.58
N LEU A 802 -26.85 -12.70 12.49
CA LEU A 802 -28.19 -13.16 12.83
C LEU A 802 -28.56 -12.75 14.26
N PRO A 803 -27.67 -13.01 15.22
CA PRO A 803 -27.92 -12.65 16.62
C PRO A 803 -27.98 -11.13 16.78
N ALA A 804 -27.07 -10.45 16.09
CA ALA A 804 -27.01 -8.99 16.13
C ALA A 804 -28.37 -8.44 15.73
N THR A 805 -28.87 -8.95 14.60
CA THR A 805 -30.15 -8.54 14.06
C THR A 805 -31.28 -8.90 15.02
N ALA A 806 -31.33 -10.14 15.48
CA ALA A 806 -32.38 -10.58 16.41
C ALA A 806 -32.44 -9.68 17.64
N LEU A 807 -31.29 -9.15 18.04
CA LEU A 807 -31.19 -8.24 19.18
C LEU A 807 -31.95 -6.94 18.90
N GLY A 808 -32.20 -6.69 17.62
CA GLY A 808 -32.92 -5.50 17.23
C GLY A 808 -34.39 -5.64 17.57
N PHE A 809 -34.78 -6.83 18.04
CA PHE A 809 -36.18 -7.07 18.41
C PHE A 809 -36.33 -7.26 19.92
N ASN A 810 -35.34 -6.80 20.67
CA ASN A 810 -35.37 -6.88 22.13
C ASN A 810 -36.58 -6.11 22.64
N PRO A 811 -37.34 -6.71 23.57
CA PRO A 811 -38.52 -6.04 24.13
C PRO A 811 -38.12 -4.66 24.69
N PRO A 812 -39.02 -3.67 24.57
CA PRO A 812 -38.71 -2.33 25.08
C PRO A 812 -38.98 -2.10 26.56
N ASP A 813 -38.09 -1.34 27.20
CA ASP A 813 -38.25 -1.02 28.62
C ASP A 813 -39.62 -0.37 28.76
N LEU A 814 -40.28 -0.61 29.90
CA LEU A 814 -41.62 -0.07 30.15
C LEU A 814 -41.62 1.41 30.54
N ASP A 815 -40.46 1.89 30.98
CA ASP A 815 -40.28 3.27 31.40
C ASP A 815 -39.76 4.11 30.22
N ILE A 816 -39.87 3.53 29.02
CA ILE A 816 -39.41 4.16 27.78
C ILE A 816 -39.74 5.65 27.66
N MET A 817 -41.02 6.02 27.74
CA MET A 817 -41.44 7.42 27.66
C MET A 817 -41.56 8.13 29.00
N ASP A 818 -41.03 7.51 30.05
CA ASP A 818 -41.10 8.09 31.38
C ASP A 818 -39.75 8.69 31.75
N ARG A 819 -38.87 8.84 30.76
CA ARG A 819 -37.57 9.45 31.00
C ARG A 819 -37.30 10.55 29.96
N PRO A 820 -36.45 11.52 30.30
CA PRO A 820 -36.11 12.63 29.39
C PRO A 820 -35.48 12.19 28.08
N PRO A 821 -35.39 13.12 27.11
CA PRO A 821 -34.80 12.81 25.80
C PRO A 821 -33.32 12.50 25.99
N ARG A 822 -32.85 11.45 25.34
CA ARG A 822 -31.45 11.08 25.42
C ARG A 822 -30.58 12.22 24.91
N SER A 823 -29.39 12.38 25.49
CA SER A 823 -28.49 13.42 25.03
C SER A 823 -27.78 12.94 23.76
N PRO A 824 -27.64 13.83 22.77
CA PRO A 824 -26.98 13.45 21.51
C PRO A 824 -25.54 13.01 21.77
N LYS A 825 -24.87 13.71 22.68
CA LYS A 825 -23.48 13.41 23.04
C LYS A 825 -23.31 12.04 23.68
N GLU A 826 -24.40 11.49 24.20
CA GLU A 826 -24.34 10.20 24.89
C GLU A 826 -23.60 9.12 24.11
N PRO A 827 -22.35 8.84 24.50
CA PRO A 827 -21.53 7.83 23.83
C PRO A 827 -22.14 6.46 24.06
N LEU A 828 -21.86 5.53 23.16
CA LEU A 828 -22.44 4.21 23.29
C LEU A 828 -21.72 3.38 24.32
N ILE A 829 -20.40 3.49 24.35
CA ILE A 829 -19.59 2.71 25.26
C ILE A 829 -18.61 3.60 26.01
N SER A 830 -18.57 3.43 27.33
CA SER A 830 -17.66 4.22 28.16
C SER A 830 -17.86 3.80 29.61
N GLY A 831 -16.90 4.13 30.46
CA GLY A 831 -17.04 3.80 31.87
C GLY A 831 -16.96 2.32 32.19
N TRP A 832 -17.82 1.85 33.08
CA TRP A 832 -17.79 0.44 33.45
C TRP A 832 -18.09 -0.48 32.28
N LEU A 833 -18.84 0.03 31.30
CA LEU A 833 -19.15 -0.77 30.13
C LEU A 833 -17.91 -0.87 29.26
N PHE A 834 -17.05 0.15 29.34
CA PHE A 834 -15.81 0.19 28.57
C PHE A 834 -14.89 -0.89 29.13
N PHE A 835 -14.69 -0.84 30.44
CA PHE A 835 -13.86 -1.81 31.13
C PHE A 835 -14.43 -3.21 30.95
N ARG A 836 -15.75 -3.32 30.98
CA ARG A 836 -16.41 -4.61 30.82
C ARG A 836 -16.07 -5.30 29.50
N TYR A 837 -16.17 -4.56 28.41
CA TYR A 837 -15.89 -5.13 27.09
C TYR A 837 -14.40 -5.32 26.90
N MET A 838 -13.63 -4.64 27.74
CA MET A 838 -12.20 -4.75 27.72
C MET A 838 -11.92 -6.15 28.27
N ALA A 839 -12.51 -6.44 29.43
CA ALA A 839 -12.34 -7.75 30.05
C ALA A 839 -12.76 -8.82 29.07
N ILE A 840 -14.00 -8.73 28.59
CA ILE A 840 -14.55 -9.67 27.62
C ILE A 840 -13.61 -9.77 26.42
N GLY A 841 -13.04 -8.64 26.04
CA GLY A 841 -12.13 -8.64 24.91
C GLY A 841 -10.93 -9.55 25.19
N GLY A 842 -10.25 -9.26 26.30
CA GLY A 842 -9.09 -10.04 26.71
C GLY A 842 -9.49 -11.49 26.91
N TYR A 843 -10.74 -11.71 27.33
CA TYR A 843 -11.19 -13.07 27.55
C TYR A 843 -11.23 -13.77 26.21
N VAL A 844 -11.98 -13.22 25.25
CA VAL A 844 -12.06 -13.85 23.94
C VAL A 844 -10.68 -14.07 23.33
N GLY A 845 -9.84 -13.04 23.41
CA GLY A 845 -8.50 -13.17 22.87
C GLY A 845 -7.80 -14.38 23.46
N ALA A 846 -7.74 -14.43 24.78
CA ALA A 846 -7.10 -15.54 25.48
C ALA A 846 -7.76 -16.87 25.11
N ALA A 847 -9.07 -16.93 25.24
CA ALA A 847 -9.82 -18.14 24.95
C ALA A 847 -9.65 -18.71 23.56
N THR A 848 -9.63 -17.86 22.53
CA THR A 848 -9.48 -18.38 21.17
C THR A 848 -8.04 -18.74 20.82
N VAL A 849 -7.08 -18.09 21.47
CA VAL A 849 -5.69 -18.39 21.20
C VAL A 849 -5.33 -19.69 21.91
N GLY A 850 -5.68 -19.77 23.20
CA GLY A 850 -5.40 -20.97 23.94
C GLY A 850 -6.12 -22.17 23.32
N ALA A 851 -7.38 -22.00 22.96
CA ALA A 851 -8.16 -23.09 22.36
C ALA A 851 -7.41 -23.78 21.23
N ALA A 852 -6.69 -23.00 20.42
CA ALA A 852 -5.93 -23.54 19.30
C ALA A 852 -4.57 -24.02 19.78
N ALA A 853 -3.94 -23.23 20.65
CA ALA A 853 -2.62 -23.56 21.21
C ALA A 853 -2.74 -24.81 22.11
N TRP A 854 -3.97 -25.15 22.46
CA TRP A 854 -4.26 -26.31 23.29
C TRP A 854 -4.12 -27.55 22.43
N TRP A 855 -4.93 -27.60 21.38
CA TRP A 855 -4.91 -28.73 20.46
C TRP A 855 -3.49 -29.12 20.12
N PHE A 856 -2.62 -28.13 20.00
CA PHE A 856 -1.22 -28.38 19.68
C PHE A 856 -0.48 -29.11 20.80
N MET A 857 -0.75 -28.74 22.04
CA MET A 857 -0.04 -29.33 23.16
C MET A 857 -0.73 -30.42 23.99
N TYR A 858 -1.92 -30.12 24.49
CA TYR A 858 -2.62 -31.06 25.36
C TYR A 858 -3.68 -31.93 24.70
N ALA A 859 -3.91 -31.73 23.41
CA ALA A 859 -4.91 -32.52 22.69
C ALA A 859 -4.45 -33.97 22.49
N GLU A 860 -5.42 -34.88 22.48
CA GLU A 860 -5.15 -36.30 22.31
C GLU A 860 -4.80 -36.63 20.86
N ASP A 861 -5.68 -36.26 19.93
CA ASP A 861 -5.44 -36.53 18.52
C ASP A 861 -4.58 -35.45 17.89
N GLY A 862 -3.82 -34.75 18.72
CA GLY A 862 -2.96 -33.70 18.21
C GLY A 862 -1.51 -33.84 18.58
N PRO A 863 -0.61 -33.16 17.84
CA PRO A 863 0.84 -33.18 18.04
C PRO A 863 1.27 -32.72 19.43
N GLY A 864 0.77 -33.42 20.45
CA GLY A 864 1.10 -33.07 21.83
C GLY A 864 2.52 -32.54 21.98
N VAL A 865 2.65 -31.24 22.19
CA VAL A 865 3.97 -30.62 22.35
C VAL A 865 3.97 -29.62 23.52
N THR A 866 3.73 -30.13 24.72
CA THR A 866 3.67 -29.32 25.95
C THR A 866 4.80 -28.30 26.12
N TYR A 867 4.52 -27.04 25.75
CA TYR A 867 5.49 -25.96 25.86
C TYR A 867 6.61 -26.13 24.84
N HIS A 868 6.30 -26.80 23.73
CA HIS A 868 7.29 -27.07 22.68
C HIS A 868 7.91 -25.82 22.07
N GLN A 869 7.88 -24.71 22.80
CA GLN A 869 8.47 -23.49 22.29
C GLN A 869 7.91 -23.17 20.91
N LEU A 870 6.59 -23.07 20.81
CA LEU A 870 5.96 -22.73 19.53
C LEU A 870 6.49 -21.35 19.21
N THR A 871 6.76 -20.61 20.28
CA THR A 871 7.29 -19.26 20.20
C THR A 871 8.69 -19.30 19.58
N HIS A 872 9.60 -20.01 20.25
CA HIS A 872 10.98 -20.14 19.81
C HIS A 872 11.08 -20.21 18.29
N PHE A 873 10.24 -21.03 17.66
CA PHE A 873 10.29 -21.13 16.21
C PHE A 873 9.05 -21.62 15.45
N MET A 874 9.18 -21.46 14.15
CA MET A 874 8.22 -21.83 13.14
C MET A 874 9.03 -21.53 11.89
N GLN A 875 10.26 -22.04 11.89
CA GLN A 875 11.19 -21.84 10.78
C GLN A 875 11.50 -23.20 10.16
N CYS A 876 11.57 -24.24 11.00
CA CYS A 876 11.87 -25.60 10.56
C CYS A 876 13.19 -25.66 9.80
N THR A 877 13.88 -24.53 9.74
CA THR A 877 15.16 -24.45 9.03
C THR A 877 16.18 -25.25 9.85
N GLU A 878 15.92 -25.34 11.15
CA GLU A 878 16.81 -26.09 12.05
C GLU A 878 16.31 -27.52 12.18
N ASP A 879 15.06 -27.66 12.62
CA ASP A 879 14.46 -28.97 12.79
C ASP A 879 15.19 -29.72 13.90
N HIS A 880 16.01 -28.99 14.66
CA HIS A 880 16.77 -29.56 15.75
C HIS A 880 15.93 -29.83 16.99
N PRO A 881 15.03 -28.89 17.35
CA PRO A 881 14.18 -29.08 18.52
C PRO A 881 13.31 -30.33 18.41
N HIS A 882 13.29 -30.91 17.20
CA HIS A 882 12.54 -32.14 16.93
C HIS A 882 13.46 -33.07 16.14
N PHE A 883 14.25 -33.87 16.85
CA PHE A 883 15.19 -34.80 16.24
C PHE A 883 14.55 -35.71 15.17
N GLU A 884 14.15 -36.91 15.58
CA GLU A 884 13.53 -37.88 14.67
C GLU A 884 12.14 -37.40 14.23
N GLY A 885 11.85 -37.57 12.94
CA GLY A 885 10.57 -37.16 12.41
C GLY A 885 10.74 -36.28 11.19
N LEU A 886 9.72 -36.25 10.33
CA LEU A 886 9.76 -35.45 9.11
C LEU A 886 8.40 -34.78 8.84
N ASP A 887 8.03 -33.82 9.68
CA ASP A 887 6.76 -33.12 9.52
C ASP A 887 6.67 -31.81 10.30
N CYS A 888 6.65 -30.70 9.57
CA CYS A 888 6.58 -29.37 10.17
C CYS A 888 5.28 -28.64 9.81
N GLU A 889 4.70 -28.96 8.66
CA GLU A 889 3.48 -28.30 8.24
C GLU A 889 2.25 -28.68 9.07
N ILE A 890 2.44 -29.48 10.11
CA ILE A 890 1.31 -29.86 10.96
C ILE A 890 0.82 -28.61 11.68
N PHE A 891 1.63 -27.55 11.58
CA PHE A 891 1.30 -26.27 12.18
C PHE A 891 0.16 -25.66 11.37
N GLU A 892 0.17 -25.93 10.07
CA GLU A 892 -0.85 -25.43 9.16
C GLU A 892 -2.09 -26.31 9.22
N ALA A 893 -2.19 -27.12 10.27
CA ALA A 893 -3.34 -28.01 10.44
C ALA A 893 -4.60 -27.19 10.70
N PRO A 894 -5.73 -27.62 10.13
CA PRO A 894 -7.00 -26.92 10.31
C PRO A 894 -7.64 -27.10 11.69
N GLU A 895 -7.33 -28.22 12.35
CA GLU A 895 -7.86 -28.52 13.67
C GLU A 895 -7.76 -27.37 14.68
N PRO A 896 -6.53 -26.88 14.93
CA PRO A 896 -6.34 -25.79 15.89
C PRO A 896 -7.13 -24.52 15.56
N MET A 897 -7.33 -24.27 14.27
CA MET A 897 -8.08 -23.09 13.86
C MET A 897 -9.56 -23.36 14.05
N THR A 898 -9.98 -24.57 13.72
CA THR A 898 -11.38 -24.92 13.88
C THR A 898 -11.73 -24.85 15.36
N MET A 899 -10.75 -25.13 16.21
CA MET A 899 -10.95 -25.07 17.65
C MET A 899 -11.09 -23.61 18.06
N ALA A 900 -10.33 -22.74 17.41
CA ALA A 900 -10.38 -21.31 17.71
C ALA A 900 -11.69 -20.73 17.21
N LEU A 901 -12.01 -21.05 15.96
CA LEU A 901 -13.23 -20.57 15.34
C LEU A 901 -14.44 -20.97 16.15
N SER A 902 -14.54 -22.28 16.43
CA SER A 902 -15.65 -22.83 17.20
C SER A 902 -15.81 -22.15 18.54
N VAL A 903 -14.68 -21.79 19.15
CA VAL A 903 -14.69 -21.11 20.43
C VAL A 903 -15.31 -19.73 20.27
N LEU A 904 -14.83 -19.00 19.26
CA LEU A 904 -15.34 -17.66 18.99
C LEU A 904 -16.85 -17.71 18.79
N VAL A 905 -17.31 -18.61 17.92
CA VAL A 905 -18.73 -18.75 17.64
C VAL A 905 -19.53 -19.00 18.93
N THR A 906 -19.07 -19.94 19.75
CA THR A 906 -19.78 -20.25 20.99
C THR A 906 -19.77 -19.09 21.97
N ILE A 907 -18.62 -18.46 22.15
CA ILE A 907 -18.55 -17.32 23.07
C ILE A 907 -19.50 -16.23 22.57
N GLU A 908 -19.49 -15.96 21.26
CA GLU A 908 -20.35 -14.92 20.71
C GLU A 908 -21.84 -15.24 20.83
N MET A 909 -22.21 -16.51 20.78
CA MET A 909 -23.63 -16.85 20.93
C MET A 909 -23.95 -16.59 22.40
N CYS A 910 -22.94 -16.73 23.26
CA CYS A 910 -23.08 -16.50 24.69
C CYS A 910 -23.17 -15.01 24.94
N ASN A 911 -22.32 -14.24 24.27
CA ASN A 911 -22.31 -12.81 24.48
C ASN A 911 -23.58 -12.17 23.91
N ALA A 912 -24.23 -12.86 22.98
CA ALA A 912 -25.47 -12.36 22.41
C ALA A 912 -26.46 -12.32 23.56
N LEU A 913 -26.48 -13.41 24.33
CA LEU A 913 -27.36 -13.51 25.50
C LEU A 913 -26.94 -12.48 26.56
N ASN A 914 -25.65 -12.15 26.62
CA ASN A 914 -25.19 -11.15 27.57
C ASN A 914 -25.61 -9.76 27.10
N SER A 915 -26.25 -9.70 25.93
CA SER A 915 -26.67 -8.42 25.38
C SER A 915 -28.16 -8.12 25.42
N LEU A 916 -28.97 -9.02 25.96
CA LEU A 916 -30.39 -8.75 26.06
C LEU A 916 -30.63 -7.53 26.96
N SER A 917 -29.67 -7.30 27.86
CA SER A 917 -29.77 -6.20 28.80
C SER A 917 -28.38 -5.78 29.19
N GLU A 918 -28.16 -4.48 29.30
CA GLU A 918 -26.86 -4.00 29.67
C GLU A 918 -26.46 -4.41 31.08
N ASN A 919 -27.43 -4.40 32.00
CA ASN A 919 -27.15 -4.71 33.38
C ASN A 919 -27.92 -5.82 34.06
N GLN A 920 -29.04 -6.24 33.48
CA GLN A 920 -29.84 -7.30 34.09
C GLN A 920 -29.30 -8.69 33.82
N SER A 921 -29.00 -9.43 34.90
CA SER A 921 -28.50 -10.78 34.78
C SER A 921 -29.48 -11.68 34.06
N LEU A 922 -28.95 -12.74 33.44
CA LEU A 922 -29.78 -13.68 32.73
C LEU A 922 -30.71 -14.39 33.71
N MET A 923 -30.55 -14.07 35.00
CA MET A 923 -31.35 -14.64 36.08
C MET A 923 -32.70 -13.91 36.20
N ARG A 924 -32.67 -12.59 36.04
CA ARG A 924 -33.87 -11.76 36.11
C ARG A 924 -34.38 -11.47 34.69
N MET A 925 -33.45 -11.38 33.74
CA MET A 925 -33.78 -11.14 32.34
C MET A 925 -33.44 -12.45 31.65
N PRO A 926 -34.41 -13.37 31.56
CA PRO A 926 -34.27 -14.69 30.94
C PRO A 926 -33.90 -14.67 29.46
N PRO A 927 -33.07 -15.63 29.03
CA PRO A 927 -32.64 -15.75 27.65
C PRO A 927 -33.82 -15.84 26.68
N TRP A 928 -34.90 -16.45 27.13
CA TRP A 928 -36.07 -16.62 26.29
C TRP A 928 -36.94 -15.36 26.19
N VAL A 929 -36.49 -14.30 26.84
CA VAL A 929 -37.19 -13.01 26.80
C VAL A 929 -37.25 -12.50 25.35
N ASN A 930 -36.33 -12.99 24.53
CA ASN A 930 -36.29 -12.63 23.11
C ASN A 930 -36.23 -13.96 22.36
N ILE A 931 -37.40 -14.46 21.96
CA ILE A 931 -37.46 -15.73 21.25
C ILE A 931 -36.71 -15.70 19.93
N TRP A 932 -36.73 -14.55 19.26
CA TRP A 932 -36.04 -14.43 17.98
C TRP A 932 -34.56 -14.71 18.16
N LEU A 933 -33.98 -14.17 19.24
CA LEU A 933 -32.57 -14.35 19.52
C LEU A 933 -32.23 -15.83 19.68
N LEU A 934 -32.96 -16.54 20.54
CA LEU A 934 -32.69 -17.95 20.73
C LEU A 934 -32.69 -18.62 19.36
N GLY A 935 -33.74 -18.36 18.60
CA GLY A 935 -33.84 -18.94 17.27
C GLY A 935 -32.68 -18.56 16.34
N SER A 936 -32.19 -17.32 16.45
CA SER A 936 -31.09 -16.92 15.59
C SER A 936 -29.85 -17.78 15.91
N ILE A 937 -29.61 -18.00 17.20
CA ILE A 937 -28.46 -18.78 17.63
C ILE A 937 -28.50 -20.20 17.08
N CYS A 938 -29.68 -20.83 17.13
CA CYS A 938 -29.80 -22.19 16.60
C CYS A 938 -29.41 -22.19 15.12
N LEU A 939 -29.84 -21.16 14.41
CA LEU A 939 -29.54 -21.04 12.98
C LEU A 939 -28.06 -20.76 12.73
N SER A 940 -27.43 -19.97 13.59
CA SER A 940 -26.01 -19.66 13.46
C SER A 940 -25.19 -20.91 13.72
N MET A 941 -25.60 -21.69 14.71
CA MET A 941 -24.88 -22.93 15.03
C MET A 941 -25.02 -23.91 13.88
N SER A 942 -26.24 -24.05 13.38
CA SER A 942 -26.46 -24.97 12.28
C SER A 942 -25.62 -24.55 11.08
N LEU A 943 -25.50 -23.24 10.87
CA LEU A 943 -24.70 -22.72 9.76
C LEU A 943 -23.22 -23.02 9.96
N HIS A 944 -22.78 -22.99 11.22
CA HIS A 944 -21.39 -23.28 11.55
C HIS A 944 -21.07 -24.72 11.17
N PHE A 945 -21.97 -25.62 11.53
CA PHE A 945 -21.79 -27.03 11.21
C PHE A 945 -21.77 -27.17 9.70
N LEU A 946 -22.55 -26.33 9.03
CA LEU A 946 -22.62 -26.33 7.58
C LEU A 946 -21.24 -26.26 6.94
N ILE A 947 -20.49 -25.21 7.27
CA ILE A 947 -19.16 -25.04 6.71
C ILE A 947 -18.19 -26.11 7.16
N LEU A 948 -18.53 -26.77 8.28
CA LEU A 948 -17.69 -27.82 8.83
C LEU A 948 -17.87 -29.20 8.18
N TYR A 949 -18.96 -29.40 7.46
CA TYR A 949 -19.20 -30.72 6.85
C TYR A 949 -19.42 -30.77 5.35
N VAL A 950 -20.13 -29.80 4.78
CA VAL A 950 -20.39 -29.82 3.35
C VAL A 950 -19.10 -29.49 2.58
N ASP A 951 -18.34 -30.54 2.33
CA ASP A 951 -17.03 -30.56 1.66
C ASP A 951 -16.46 -29.32 0.93
N PRO A 952 -17.23 -28.68 0.04
CA PRO A 952 -16.55 -27.53 -0.57
C PRO A 952 -16.14 -26.52 0.50
N LEU A 953 -17.06 -26.30 1.45
CA LEU A 953 -16.89 -25.35 2.53
C LEU A 953 -15.74 -25.55 3.53
N PRO A 954 -15.64 -26.74 4.15
CA PRO A 954 -14.54 -26.93 5.11
C PRO A 954 -13.16 -26.63 4.54
N MET A 955 -12.96 -26.94 3.25
CA MET A 955 -11.68 -26.70 2.62
C MET A 955 -11.49 -25.22 2.28
N ILE A 956 -12.59 -24.51 2.03
CA ILE A 956 -12.52 -23.08 1.70
C ILE A 956 -12.18 -22.26 2.95
N PHE A 957 -12.71 -22.68 4.08
CA PHE A 957 -12.48 -22.00 5.36
C PHE A 957 -11.31 -22.60 6.16
N LYS A 958 -10.74 -23.69 5.65
CA LYS A 958 -9.65 -24.36 6.33
C LYS A 958 -10.12 -24.89 7.68
N LEU A 959 -11.20 -25.68 7.65
CA LEU A 959 -11.75 -26.24 8.87
C LEU A 959 -11.83 -27.77 8.84
N LYS A 960 -12.11 -28.37 9.99
CA LYS A 960 -12.24 -29.82 10.11
C LYS A 960 -13.13 -30.17 11.28
N ALA A 961 -14.17 -30.95 11.02
CA ALA A 961 -15.11 -31.37 12.04
C ALA A 961 -14.39 -31.79 13.32
N LEU A 962 -14.89 -31.32 14.46
CA LEU A 962 -14.29 -31.64 15.76
C LEU A 962 -14.84 -32.93 16.37
N ASP A 963 -14.03 -33.54 17.23
CA ASP A 963 -14.43 -34.77 17.92
C ASP A 963 -15.37 -34.35 19.04
N LEU A 964 -16.24 -35.25 19.49
CA LEU A 964 -17.17 -34.92 20.56
C LEU A 964 -16.40 -34.49 21.79
N THR A 965 -15.09 -34.74 21.78
CA THR A 965 -14.20 -34.38 22.87
C THR A 965 -13.68 -32.96 22.65
N GLN A 966 -13.41 -32.63 21.39
CA GLN A 966 -12.91 -31.31 21.03
C GLN A 966 -14.00 -30.26 21.25
N TRP A 967 -15.24 -30.61 20.90
CA TRP A 967 -16.36 -29.71 21.09
C TRP A 967 -16.47 -29.45 22.58
N LEU A 968 -16.44 -30.53 23.34
CA LEU A 968 -16.52 -30.49 24.78
C LEU A 968 -15.48 -29.55 25.37
N MET A 969 -14.36 -29.40 24.69
CA MET A 969 -13.31 -28.50 25.16
C MET A 969 -13.73 -27.06 24.85
N VAL A 970 -14.42 -26.89 23.73
CA VAL A 970 -14.90 -25.57 23.32
C VAL A 970 -15.86 -25.03 24.37
N LEU A 971 -16.77 -25.87 24.85
CA LEU A 971 -17.74 -25.46 25.85
C LEU A 971 -17.06 -25.14 27.20
N LYS A 972 -15.94 -25.77 27.49
CA LYS A 972 -15.21 -25.51 28.74
C LYS A 972 -14.56 -24.13 28.69
N ILE A 973 -14.20 -23.71 27.49
CA ILE A 973 -13.56 -22.42 27.34
C ILE A 973 -14.54 -21.28 27.02
N SER A 974 -15.66 -21.61 26.38
CA SER A 974 -16.65 -20.60 26.01
C SER A 974 -17.67 -20.22 27.10
N LEU A 975 -18.56 -21.16 27.42
CA LEU A 975 -19.62 -20.94 28.40
C LEU A 975 -19.30 -20.06 29.60
N PRO A 976 -18.10 -20.18 30.18
CA PRO A 976 -17.74 -19.35 31.33
C PRO A 976 -17.85 -17.85 31.11
N VAL A 977 -17.91 -17.43 29.85
CA VAL A 977 -18.00 -15.99 29.53
C VAL A 977 -19.27 -15.41 30.18
N ILE A 978 -20.34 -16.18 30.16
CA ILE A 978 -21.60 -15.73 30.74
C ILE A 978 -21.43 -15.42 32.23
N GLY A 979 -20.61 -16.19 32.93
CA GLY A 979 -20.40 -15.93 34.34
C GLY A 979 -19.59 -14.65 34.55
N LEU A 980 -18.55 -14.49 33.73
CA LEU A 980 -17.69 -13.31 33.82
C LEU A 980 -18.49 -12.01 33.71
N ASP A 981 -19.40 -11.95 32.75
CA ASP A 981 -20.19 -10.74 32.56
C ASP A 981 -21.24 -10.64 33.65
N GLU A 982 -21.75 -11.79 34.08
CA GLU A 982 -22.75 -11.81 35.15
C GLU A 982 -22.17 -11.12 36.38
N ILE A 983 -20.90 -11.42 36.66
CA ILE A 983 -20.19 -10.85 37.80
C ILE A 983 -19.95 -9.37 37.54
N LEU A 984 -19.57 -9.05 36.31
CA LEU A 984 -19.31 -7.67 35.93
C LEU A 984 -20.58 -6.82 36.03
N LYS A 985 -21.70 -7.44 35.68
CA LYS A 985 -22.97 -6.74 35.77
C LYS A 985 -23.32 -6.57 37.24
N PHE A 986 -23.08 -7.63 38.01
CA PHE A 986 -23.37 -7.60 39.44
C PHE A 986 -22.66 -6.41 40.08
N ILE A 987 -21.45 -6.12 39.60
CA ILE A 987 -20.66 -5.03 40.13
C ILE A 987 -21.24 -3.67 39.74
N ALA A 988 -21.77 -3.57 38.52
CA ALA A 988 -22.35 -2.32 38.06
C ALA A 988 -23.68 -2.04 38.76
N ARG A 989 -24.33 -3.11 39.23
CA ARG A 989 -25.63 -2.97 39.89
C ARG A 989 -25.57 -2.64 41.36
N ASN A 990 -24.70 -3.32 42.10
CA ASN A 990 -24.60 -3.09 43.53
C ASN A 990 -23.47 -2.20 44.04
N TYR A 991 -22.58 -1.76 43.16
CA TYR A 991 -21.47 -0.90 43.62
C TYR A 991 -21.24 0.29 42.72
N LEU A 992 -22.23 0.58 41.86
CA LEU A 992 -22.13 1.71 40.95
C LEU A 992 -23.44 2.50 40.86
N GLU A 993 -24.32 2.31 41.84
CA GLU A 993 -25.58 3.03 41.85
C GLU A 993 -25.50 4.26 42.75
N GLY A 994 -25.61 5.45 42.14
CA GLY A 994 -25.54 6.69 42.89
C GLY A 994 -25.61 7.92 42.01
N MET B 1 47.12 -37.41 16.98
CA MET B 1 48.14 -38.28 16.27
C MET B 1 48.26 -38.07 14.76
N GLU B 2 48.73 -36.90 14.31
CA GLU B 2 48.79 -36.66 12.87
C GLU B 2 49.88 -37.36 12.05
N ALA B 3 50.71 -38.18 12.70
CA ALA B 3 51.78 -38.91 12.02
C ALA B 3 51.35 -40.34 11.66
N ALA B 4 50.06 -40.64 11.88
CA ALA B 4 49.47 -41.95 11.64
C ALA B 4 49.86 -42.74 10.39
N HIS B 5 49.92 -42.08 9.24
CA HIS B 5 50.30 -42.77 7.99
C HIS B 5 51.62 -43.53 8.11
N SER B 6 52.56 -42.95 8.85
CA SER B 6 53.89 -43.54 9.05
C SER B 6 53.94 -44.58 10.15
N LYS B 7 52.92 -44.63 11.01
CA LYS B 7 52.90 -45.60 12.09
C LYS B 7 52.26 -46.89 11.59
N SER B 8 52.61 -47.99 12.24
CA SER B 8 52.04 -49.26 11.86
C SER B 8 50.64 -49.24 12.42
N THR B 9 49.84 -50.21 12.00
CA THR B 9 48.48 -50.39 12.46
C THR B 9 48.49 -50.72 13.99
N GLU B 10 49.52 -51.42 14.45
CA GLU B 10 49.63 -51.74 15.87
C GLU B 10 49.95 -50.49 16.71
N GLU B 11 50.90 -49.71 16.22
CA GLU B 11 51.30 -48.48 16.92
C GLU B 11 50.17 -47.47 17.10
N CYS B 12 49.25 -47.37 16.14
CA CYS B 12 48.16 -46.42 16.31
C CYS B 12 47.19 -46.91 17.35
N LEU B 13 46.99 -48.23 17.42
CA LEU B 13 46.08 -48.78 18.41
C LEU B 13 46.72 -48.58 19.78
N ALA B 14 48.03 -48.84 19.86
CA ALA B 14 48.76 -48.67 21.13
C ALA B 14 48.72 -47.21 21.59
N TYR B 15 49.00 -46.29 20.67
CA TYR B 15 49.03 -44.89 21.02
C TYR B 15 47.76 -44.40 21.69
N PHE B 16 46.62 -44.83 21.17
CA PHE B 16 45.37 -44.36 21.76
C PHE B 16 44.80 -45.28 22.84
N GLY B 17 45.40 -46.46 23.04
CA GLY B 17 44.92 -47.41 24.04
C GLY B 17 43.52 -47.94 23.75
N VAL B 18 43.27 -48.30 22.50
CA VAL B 18 41.95 -48.77 22.10
C VAL B 18 42.04 -50.15 21.44
N SER B 19 40.97 -50.94 21.57
CA SER B 19 40.97 -52.26 20.97
C SER B 19 40.15 -52.23 19.69
N GLU B 20 40.72 -52.80 18.64
CA GLU B 20 40.08 -52.85 17.34
C GLU B 20 38.73 -53.56 17.34
N THR B 21 38.56 -54.53 18.24
CA THR B 21 37.33 -55.31 18.33
C THR B 21 36.24 -54.73 19.22
N THR B 22 36.58 -53.83 20.14
CA THR B 22 35.55 -53.25 21.01
C THR B 22 35.34 -51.76 20.86
N GLY B 23 36.41 -51.05 20.49
CA GLY B 23 36.31 -49.61 20.35
C GLY B 23 36.56 -48.92 21.69
N LEU B 24 36.42 -47.60 21.71
CA LEU B 24 36.65 -46.84 22.93
C LEU B 24 35.58 -47.08 23.99
N THR B 25 35.96 -46.90 25.24
CA THR B 25 35.00 -47.06 26.33
C THR B 25 34.42 -45.68 26.63
N PRO B 26 33.25 -45.63 27.26
CA PRO B 26 32.62 -44.34 27.59
C PRO B 26 33.53 -43.39 28.37
N ASP B 27 34.51 -43.93 29.10
CA ASP B 27 35.44 -43.07 29.83
C ASP B 27 36.44 -42.45 28.85
N GLN B 28 36.93 -43.26 27.91
CA GLN B 28 37.87 -42.77 26.90
C GLN B 28 37.17 -41.72 26.04
N VAL B 29 35.92 -42.02 25.70
CA VAL B 29 35.11 -41.12 24.88
C VAL B 29 34.99 -39.75 25.51
N LYS B 30 34.79 -39.71 26.83
CA LYS B 30 34.63 -38.41 27.52
C LYS B 30 35.96 -37.70 27.59
N ARG B 31 37.00 -38.42 27.97
CA ARG B 31 38.32 -37.84 28.09
C ARG B 31 38.83 -37.37 26.73
N HIS B 32 38.70 -38.22 25.70
CA HIS B 32 39.15 -37.89 24.35
C HIS B 32 38.38 -36.69 23.81
N LEU B 33 37.10 -36.59 24.17
CA LEU B 33 36.28 -35.49 23.70
C LEU B 33 36.74 -34.18 24.32
N GLU B 34 36.99 -34.19 25.63
CA GLU B 34 37.43 -32.99 26.35
C GLU B 34 38.84 -32.56 25.96
N LYS B 35 39.66 -33.53 25.56
CA LYS B 35 41.03 -33.25 25.17
C LYS B 35 41.13 -32.72 23.72
N TYR B 36 40.39 -33.36 22.81
CA TYR B 36 40.45 -32.98 21.41
C TYR B 36 39.29 -32.12 20.91
N GLY B 37 38.24 -32.01 21.70
CA GLY B 37 37.08 -31.24 21.27
C GLY B 37 36.23 -32.08 20.32
N HIS B 38 35.16 -31.47 19.84
CA HIS B 38 34.26 -32.10 18.91
C HIS B 38 34.86 -32.06 17.50
N ASN B 39 34.47 -33.01 16.64
CA ASN B 39 34.99 -33.13 15.27
C ASN B 39 34.27 -32.25 14.30
N GLU B 40 34.66 -30.97 14.27
CA GLU B 40 34.01 -29.99 13.40
C GLU B 40 34.81 -28.71 13.33
N LEU B 41 34.64 -27.96 12.24
CA LEU B 41 35.32 -26.69 12.07
C LEU B 41 34.54 -25.66 12.87
N PRO B 42 35.25 -24.71 13.50
CA PRO B 42 34.57 -23.68 14.29
C PRO B 42 33.46 -23.01 13.48
N ALA B 43 32.38 -22.64 14.16
CA ALA B 43 31.26 -21.98 13.51
C ALA B 43 31.67 -20.54 13.28
N GLU B 44 31.29 -20.00 12.11
CA GLU B 44 31.61 -18.61 11.80
C GLU B 44 31.12 -17.73 12.93
N GLU B 45 31.94 -16.75 13.32
CA GLU B 45 31.55 -15.87 14.42
C GLU B 45 30.35 -15.03 13.99
N GLY B 46 29.29 -15.11 14.79
CA GLY B 46 28.06 -14.41 14.50
C GLY B 46 28.15 -12.91 14.42
N LYS B 47 27.38 -12.35 13.50
CA LYS B 47 27.30 -10.91 13.28
C LYS B 47 25.80 -10.62 13.25
N SER B 48 25.29 -10.07 14.35
CA SER B 48 23.86 -9.77 14.44
C SER B 48 23.42 -8.73 13.42
N LEU B 49 22.13 -8.76 13.10
CA LEU B 49 21.56 -7.81 12.17
C LEU B 49 21.87 -6.40 12.66
N TRP B 50 21.68 -6.19 13.96
CA TRP B 50 21.92 -4.89 14.57
C TRP B 50 23.40 -4.51 14.54
N GLU B 51 24.28 -5.48 14.80
CA GLU B 51 25.71 -5.20 14.77
C GLU B 51 26.08 -4.77 13.36
N LEU B 52 25.48 -5.43 12.37
CA LEU B 52 25.73 -5.10 10.97
C LEU B 52 25.29 -3.65 10.70
N VAL B 53 24.01 -3.36 10.94
CA VAL B 53 23.49 -2.01 10.75
C VAL B 53 24.49 -0.97 11.27
N ILE B 54 24.91 -1.15 12.51
CA ILE B 54 25.85 -0.23 13.14
C ILE B 54 27.12 -0.03 12.33
N GLU B 55 27.59 -1.08 11.68
CA GLU B 55 28.82 -0.99 10.88
C GLU B 55 28.56 -0.14 9.64
N GLN B 56 27.34 -0.23 9.12
CA GLN B 56 26.93 0.53 7.94
C GLN B 56 27.01 2.03 8.21
N PHE B 57 27.38 2.39 9.43
CA PHE B 57 27.48 3.79 9.85
C PHE B 57 28.87 4.06 10.45
N GLU B 58 29.85 3.31 9.99
CA GLU B 58 31.21 3.45 10.47
C GLU B 58 32.03 4.37 9.56
N ASP B 59 31.67 4.38 8.29
CA ASP B 59 32.36 5.20 7.29
C ASP B 59 32.45 6.67 7.70
N LEU B 60 33.54 7.32 7.32
CA LEU B 60 33.72 8.72 7.67
C LEU B 60 32.69 9.64 7.00
N LEU B 61 32.37 9.38 5.75
CA LEU B 61 31.43 10.24 5.04
C LEU B 61 29.97 10.02 5.47
N VAL B 62 29.60 8.79 5.82
CA VAL B 62 28.23 8.56 6.26
C VAL B 62 28.00 9.18 7.63
N ARG B 63 29.10 9.40 8.36
CA ARG B 63 29.01 10.03 9.68
C ARG B 63 28.82 11.54 9.47
N ILE B 64 29.62 12.13 8.59
CA ILE B 64 29.54 13.56 8.28
C ILE B 64 28.11 13.87 7.86
N LEU B 65 27.57 13.04 6.98
CA LEU B 65 26.20 13.23 6.52
C LEU B 65 25.20 13.02 7.65
N LEU B 66 25.38 11.94 8.39
CA LEU B 66 24.50 11.65 9.51
C LEU B 66 24.40 12.89 10.39
N LEU B 67 25.55 13.46 10.73
CA LEU B 67 25.56 14.67 11.56
C LEU B 67 24.78 15.78 10.86
N ALA B 68 25.18 16.09 9.63
CA ALA B 68 24.53 17.13 8.85
C ALA B 68 23.02 16.94 8.81
N ALA B 69 22.59 15.69 8.78
CA ALA B 69 21.17 15.37 8.78
C ALA B 69 20.55 15.85 10.10
N CYS B 70 21.29 15.66 11.20
CA CYS B 70 20.82 16.08 12.53
C CYS B 70 20.68 17.59 12.61
N ILE B 71 21.68 18.32 12.11
CA ILE B 71 21.62 19.77 12.13
C ILE B 71 20.42 20.19 11.28
N SER B 72 20.31 19.56 10.10
CA SER B 72 19.21 19.83 9.18
C SER B 72 17.86 19.57 9.84
N PHE B 73 17.77 18.46 10.56
CA PHE B 73 16.53 18.10 11.25
C PHE B 73 16.20 19.15 12.31
N VAL B 74 17.19 19.48 13.14
CA VAL B 74 17.01 20.47 14.18
C VAL B 74 16.59 21.80 13.58
N LEU B 75 17.26 22.22 12.52
CA LEU B 75 16.93 23.47 11.86
C LEU B 75 15.49 23.48 11.32
N ALA B 76 15.11 22.41 10.62
CA ALA B 76 13.78 22.30 10.06
C ALA B 76 12.74 22.38 11.16
N TRP B 77 13.17 22.06 12.38
CA TRP B 77 12.30 22.07 13.54
C TRP B 77 12.25 23.45 14.20
N PHE B 78 13.34 23.83 14.86
CA PHE B 78 13.44 25.12 15.53
C PHE B 78 13.47 26.25 14.50
N GLU B 79 12.33 26.48 13.86
CA GLU B 79 12.21 27.52 12.84
C GLU B 79 11.01 28.43 13.10
N GLU B 80 10.80 29.39 12.20
CA GLU B 80 9.70 30.34 12.31
C GLU B 80 9.03 30.55 10.95
N GLY B 81 8.01 29.76 10.65
CA GLY B 81 7.30 29.86 9.40
C GLY B 81 6.11 28.93 9.33
N GLU B 82 5.60 28.67 8.13
CA GLU B 82 4.46 27.78 7.96
C GLU B 82 4.55 26.95 6.68
N GLU B 83 5.64 27.09 5.94
CA GLU B 83 5.84 26.34 4.71
C GLU B 83 6.43 24.98 5.06
N THR B 84 5.87 24.35 6.10
CA THR B 84 6.34 23.05 6.56
C THR B 84 6.17 21.96 5.51
N ILE B 85 5.46 22.28 4.44
CA ILE B 85 5.22 21.32 3.36
C ILE B 85 6.56 20.89 2.73
N THR B 86 7.60 21.67 2.97
CA THR B 86 8.92 21.38 2.43
C THR B 86 10.00 21.69 3.47
N ALA B 87 9.63 21.61 4.74
CA ALA B 87 10.56 21.89 5.82
C ALA B 87 11.42 20.67 6.15
N PHE B 88 10.78 19.52 6.31
CA PHE B 88 11.50 18.28 6.62
C PHE B 88 11.93 17.48 5.39
N VAL B 89 11.84 18.08 4.21
CA VAL B 89 12.23 17.40 2.98
C VAL B 89 13.73 17.18 3.04
N GLU B 90 14.45 18.28 3.20
CA GLU B 90 15.90 18.25 3.27
C GLU B 90 16.45 17.17 4.20
N PRO B 91 16.10 17.23 5.50
CA PRO B 91 16.59 16.22 6.43
C PRO B 91 16.21 14.78 6.04
N PHE B 92 14.97 14.60 5.61
CA PHE B 92 14.51 13.29 5.23
C PHE B 92 15.31 12.74 4.04
N VAL B 93 15.48 13.55 3.00
CA VAL B 93 16.23 13.10 1.83
C VAL B 93 17.61 12.63 2.26
N ILE B 94 18.33 13.48 2.98
CA ILE B 94 19.65 13.12 3.45
C ILE B 94 19.58 11.78 4.16
N LEU B 95 18.77 11.71 5.22
CA LEU B 95 18.63 10.49 6.00
C LEU B 95 18.34 9.27 5.13
N LEU B 96 17.40 9.43 4.20
CA LEU B 96 17.00 8.36 3.29
C LEU B 96 18.19 7.76 2.55
N ILE B 97 19.09 8.61 2.07
CA ILE B 97 20.26 8.13 1.35
C ILE B 97 21.08 7.22 2.27
N LEU B 98 21.21 7.62 3.53
CA LEU B 98 21.97 6.83 4.50
C LEU B 98 21.25 5.49 4.68
N ILE B 99 19.93 5.54 4.72
CA ILE B 99 19.15 4.31 4.88
C ILE B 99 19.43 3.43 3.69
N ALA B 100 19.25 3.99 2.50
CA ALA B 100 19.50 3.26 1.27
C ALA B 100 20.90 2.63 1.39
N ASN B 101 21.84 3.42 1.90
CA ASN B 101 23.21 2.97 2.09
C ASN B 101 23.25 1.73 2.97
N ALA B 102 22.67 1.83 4.15
CA ALA B 102 22.64 0.71 5.08
C ALA B 102 21.89 -0.49 4.50
N ILE B 103 20.78 -0.26 3.81
CA ILE B 103 20.03 -1.38 3.25
C ILE B 103 20.92 -2.20 2.35
N VAL B 104 21.58 -1.54 1.41
CA VAL B 104 22.46 -2.24 0.51
C VAL B 104 23.51 -3.00 1.33
N GLY B 105 24.17 -2.29 2.25
CA GLY B 105 25.17 -2.93 3.06
C GLY B 105 24.68 -4.23 3.67
N VAL B 106 23.53 -4.17 4.33
CA VAL B 106 22.95 -5.35 4.95
C VAL B 106 22.63 -6.42 3.91
N TRP B 107 22.01 -6.01 2.81
CA TRP B 107 21.64 -6.93 1.74
C TRP B 107 22.80 -7.73 1.18
N GLN B 108 24.00 -7.15 1.22
CA GLN B 108 25.19 -7.82 0.70
C GLN B 108 25.68 -8.93 1.64
N GLU B 109 25.62 -8.68 2.93
CA GLU B 109 26.05 -9.67 3.90
C GLU B 109 25.05 -10.84 3.94
N ARG B 110 23.78 -10.57 3.65
CA ARG B 110 22.79 -11.65 3.66
C ARG B 110 23.06 -12.64 2.51
N ASN B 111 23.34 -12.12 1.32
CA ASN B 111 23.55 -12.98 0.17
C ASN B 111 25.01 -13.29 -0.19
N ALA B 112 25.94 -13.02 0.73
CA ALA B 112 27.34 -13.31 0.49
C ALA B 112 27.75 -14.57 1.25
N GLU B 113 28.56 -15.42 0.63
CA GLU B 113 29.04 -16.64 1.30
C GLU B 113 30.55 -16.70 1.23
N ASN B 114 31.20 -17.10 2.33
CA ASN B 114 32.65 -17.18 2.35
C ASN B 114 33.13 -18.60 2.15
N ALA B 115 34.29 -18.73 1.51
CA ALA B 115 34.89 -20.03 1.22
C ALA B 115 35.04 -20.91 2.46
N ILE B 116 35.42 -20.32 3.58
CA ILE B 116 35.58 -21.08 4.81
C ILE B 116 34.28 -21.82 5.15
N GLU B 117 33.13 -21.16 4.99
CA GLU B 117 31.87 -21.82 5.30
C GLU B 117 31.49 -22.90 4.28
N ALA B 118 32.04 -22.81 3.07
CA ALA B 118 31.76 -23.78 2.04
C ALA B 118 32.43 -25.12 2.35
N LEU B 119 33.47 -25.05 3.17
CA LEU B 119 34.20 -26.24 3.57
C LEU B 119 33.29 -27.20 4.31
N LYS B 120 32.42 -26.64 5.16
CA LYS B 120 31.50 -27.43 5.97
C LYS B 120 30.53 -28.26 5.17
N GLU B 121 30.57 -28.12 3.84
CA GLU B 121 29.67 -28.90 3.01
C GLU B 121 30.32 -30.27 2.81
N TYR B 122 31.60 -30.35 3.17
CA TYR B 122 32.33 -31.60 3.03
C TYR B 122 32.36 -32.44 4.30
N GLU B 123 31.77 -31.96 5.37
CA GLU B 123 31.71 -32.74 6.59
C GLU B 123 30.33 -33.39 6.68
N PRO B 124 30.27 -34.72 6.75
CA PRO B 124 28.99 -35.41 6.83
C PRO B 124 28.32 -35.25 8.19
N GLU B 125 27.02 -35.50 8.23
CA GLU B 125 26.24 -35.37 9.46
C GLU B 125 26.43 -36.53 10.40
N MET B 126 26.68 -37.71 9.85
CA MET B 126 26.83 -38.94 10.63
C MET B 126 28.08 -39.71 10.25
N GLY B 127 28.42 -40.65 11.13
CA GLY B 127 29.56 -41.51 10.95
C GLY B 127 29.25 -42.82 11.65
N LYS B 128 30.02 -43.86 11.40
CA LYS B 128 29.79 -45.15 12.02
C LYS B 128 30.99 -45.62 12.84
N VAL B 129 30.77 -45.93 14.12
CA VAL B 129 31.87 -46.40 14.97
C VAL B 129 31.52 -47.64 15.77
N TYR B 130 32.55 -48.18 16.41
CA TYR B 130 32.44 -49.36 17.28
C TYR B 130 32.97 -48.90 18.63
N ARG B 131 32.09 -48.77 19.60
CA ARG B 131 32.49 -48.37 20.93
C ARG B 131 32.11 -49.49 21.91
N ALA B 132 32.98 -49.77 22.87
CA ALA B 132 32.76 -50.82 23.85
C ALA B 132 31.34 -50.98 24.38
N ASP B 133 30.61 -49.88 24.51
CA ASP B 133 29.24 -49.96 25.03
C ASP B 133 28.25 -50.66 24.11
N ARG B 134 28.78 -51.43 23.14
CA ARG B 134 27.96 -52.18 22.19
C ARG B 134 28.77 -53.09 21.27
N LYS B 135 28.11 -54.15 20.85
CA LYS B 135 28.67 -55.16 19.98
C LYS B 135 28.59 -54.70 18.53
N SER B 136 27.38 -54.36 18.11
CA SER B 136 27.11 -53.92 16.76
C SER B 136 27.60 -52.49 16.54
N VAL B 137 27.64 -52.07 15.29
CA VAL B 137 28.06 -50.71 14.95
C VAL B 137 26.96 -49.73 15.25
N GLN B 138 27.33 -48.60 15.83
CA GLN B 138 26.35 -47.58 16.13
C GLN B 138 26.71 -46.33 15.35
N ARG B 139 25.75 -45.80 14.61
CA ARG B 139 26.03 -44.62 13.85
C ARG B 139 25.72 -43.43 14.74
N ILE B 140 26.63 -42.47 14.78
CA ILE B 140 26.43 -41.29 15.58
C ILE B 140 26.74 -40.06 14.75
N LYS B 141 26.53 -38.88 15.32
CA LYS B 141 26.82 -37.65 14.61
C LYS B 141 28.32 -37.55 14.42
N ALA B 142 28.76 -37.14 13.22
CA ALA B 142 30.18 -37.03 12.89
C ALA B 142 30.90 -36.10 13.87
N ARG B 143 30.19 -35.08 14.31
CA ARG B 143 30.69 -34.13 15.28
C ARG B 143 31.08 -34.78 16.60
N ASP B 144 30.55 -35.98 16.87
CA ASP B 144 30.87 -36.66 18.13
C ASP B 144 31.96 -37.69 18.00
N ILE B 145 32.57 -37.75 16.83
CA ILE B 145 33.64 -38.72 16.62
C ILE B 145 34.90 -38.11 17.23
N VAL B 146 35.87 -38.94 17.58
CA VAL B 146 37.06 -38.41 18.21
C VAL B 146 38.26 -39.23 17.81
N PRO B 147 39.47 -38.70 18.06
CA PRO B 147 40.68 -39.42 17.72
C PRO B 147 40.65 -40.72 18.56
N GLY B 148 41.16 -41.82 18.01
CA GLY B 148 41.13 -43.05 18.76
C GLY B 148 39.97 -44.02 18.49
N ASP B 149 38.74 -43.57 18.26
CA ASP B 149 37.75 -44.61 18.05
C ASP B 149 37.73 -45.25 16.67
N ILE B 150 37.44 -46.54 16.68
CA ILE B 150 37.37 -47.36 15.48
C ILE B 150 36.14 -46.93 14.71
N VAL B 151 36.32 -46.60 13.43
CA VAL B 151 35.21 -46.19 12.56
C VAL B 151 35.10 -47.14 11.37
N GLU B 152 33.92 -47.18 10.76
CA GLU B 152 33.66 -48.04 9.62
C GLU B 152 33.14 -47.18 8.46
N VAL B 153 33.57 -47.48 7.25
CA VAL B 153 33.10 -46.74 6.09
C VAL B 153 32.88 -47.71 4.92
N ALA B 154 31.90 -47.42 4.07
CA ALA B 154 31.60 -48.27 2.93
C ALA B 154 31.25 -47.40 1.73
N VAL B 155 31.28 -47.99 0.53
CA VAL B 155 30.96 -47.26 -0.70
C VAL B 155 29.81 -46.27 -0.48
N GLY B 156 30.01 -45.03 -0.90
CA GLY B 156 28.98 -44.02 -0.77
C GLY B 156 29.15 -43.16 0.45
N ASP B 157 29.93 -43.63 1.42
CA ASP B 157 30.15 -42.84 2.62
C ASP B 157 31.08 -41.67 2.37
N LYS B 158 30.75 -40.55 3.02
CA LYS B 158 31.60 -39.37 2.97
C LYS B 158 32.47 -39.53 4.25
N VAL B 159 33.79 -39.64 4.06
CA VAL B 159 34.72 -39.82 5.19
C VAL B 159 34.50 -38.73 6.23
N PRO B 160 34.29 -39.14 7.50
CA PRO B 160 34.02 -38.24 8.62
C PRO B 160 35.20 -37.61 9.37
N ALA B 161 36.39 -38.18 9.25
CA ALA B 161 37.55 -37.63 9.93
C ALA B 161 38.72 -38.24 9.23
N ASP B 162 39.91 -37.79 9.60
CA ASP B 162 41.14 -38.32 9.03
C ASP B 162 41.39 -39.61 9.75
N ILE B 163 41.25 -40.72 9.03
CA ILE B 163 41.35 -42.05 9.62
C ILE B 163 42.49 -42.86 9.04
N ARG B 164 43.15 -43.60 9.93
CA ARG B 164 44.25 -44.48 9.59
C ARG B 164 43.55 -45.81 9.35
N ILE B 165 43.60 -46.32 8.12
CA ILE B 165 42.90 -47.57 7.81
C ILE B 165 43.50 -48.75 8.59
N LEU B 166 42.66 -49.44 9.36
CA LEU B 166 43.14 -50.61 10.13
C LEU B 166 43.07 -51.88 9.28
N SER B 167 41.96 -52.08 8.56
CA SER B 167 41.83 -53.25 7.69
C SER B 167 40.70 -53.13 6.68
N ILE B 168 40.97 -53.60 5.48
CA ILE B 168 40.00 -53.53 4.41
C ILE B 168 39.16 -54.80 4.30
N LYS B 169 37.92 -54.70 4.75
CA LYS B 169 36.98 -55.83 4.74
C LYS B 169 36.58 -56.33 3.35
N SER B 170 36.53 -55.41 2.39
CA SER B 170 36.17 -55.71 1.02
C SER B 170 37.41 -56.15 0.24
N THR B 171 37.23 -56.65 -0.97
CA THR B 171 38.36 -57.11 -1.76
C THR B 171 39.38 -55.99 -2.00
N THR B 172 38.88 -54.77 -2.17
CA THR B 172 39.75 -53.61 -2.36
C THR B 172 39.02 -52.38 -1.86
N LEU B 173 39.73 -51.27 -1.73
CA LEU B 173 39.12 -50.03 -1.25
C LEU B 173 39.47 -48.89 -2.20
N ARG B 174 38.45 -48.27 -2.76
CA ARG B 174 38.60 -47.16 -3.71
C ARG B 174 37.98 -45.90 -3.15
N VAL B 175 38.78 -44.83 -3.11
CA VAL B 175 38.33 -43.56 -2.57
C VAL B 175 38.40 -42.43 -3.61
N ASP B 176 37.38 -41.58 -3.59
CA ASP B 176 37.34 -40.45 -4.49
C ASP B 176 37.82 -39.22 -3.71
N GLN B 177 39.10 -38.86 -3.87
CA GLN B 177 39.65 -37.70 -3.14
C GLN B 177 39.59 -36.43 -4.00
N SER B 178 38.50 -36.35 -4.74
CA SER B 178 38.23 -35.24 -5.65
C SER B 178 38.19 -33.84 -5.02
N ILE B 179 37.60 -33.72 -3.84
CA ILE B 179 37.50 -32.43 -3.18
C ILE B 179 38.86 -31.80 -2.91
N LEU B 180 39.91 -32.60 -2.82
CA LEU B 180 41.23 -32.05 -2.55
C LEU B 180 41.83 -31.53 -3.85
N THR B 181 41.70 -32.35 -4.90
CA THR B 181 42.24 -32.04 -6.22
C THR B 181 41.18 -31.64 -7.27
N GLY B 182 40.46 -32.62 -7.81
CA GLY B 182 39.44 -32.37 -8.83
C GLY B 182 39.32 -33.59 -9.72
N GLU B 183 40.42 -34.34 -9.79
CA GLU B 183 40.50 -35.57 -10.57
C GLU B 183 39.70 -36.61 -9.82
N SER B 184 38.46 -36.83 -10.23
CA SER B 184 37.63 -37.82 -9.55
C SER B 184 38.22 -39.21 -9.66
N VAL B 185 39.36 -39.33 -10.33
CA VAL B 185 40.03 -40.61 -10.52
C VAL B 185 40.27 -41.27 -9.17
N SER B 186 39.36 -42.16 -8.76
CA SER B 186 39.46 -42.85 -7.48
C SER B 186 40.83 -43.49 -7.25
N VAL B 187 41.28 -43.51 -6.01
CA VAL B 187 42.58 -44.11 -5.69
C VAL B 187 42.45 -45.29 -4.73
N ILE B 188 43.32 -46.27 -4.91
CA ILE B 188 43.33 -47.48 -4.09
C ILE B 188 44.06 -47.24 -2.76
N LYS B 189 43.50 -47.77 -1.67
CA LYS B 189 44.11 -47.63 -0.36
C LYS B 189 44.67 -48.96 0.12
N HIS B 190 45.60 -48.90 1.07
CA HIS B 190 46.22 -50.08 1.66
C HIS B 190 46.33 -49.88 3.16
N THR B 191 46.90 -50.82 3.88
CA THR B 191 46.98 -50.67 5.33
C THR B 191 48.41 -50.66 5.83
N GLU B 192 49.32 -51.03 4.94
CA GLU B 192 50.75 -51.08 5.24
C GLU B 192 51.22 -49.65 5.49
N PRO B 193 52.18 -49.45 6.43
CA PRO B 193 52.68 -48.11 6.73
C PRO B 193 53.48 -47.40 5.64
N VAL B 194 53.36 -46.07 5.64
CA VAL B 194 54.08 -45.22 4.70
C VAL B 194 55.19 -44.59 5.54
N PRO B 195 56.43 -45.12 5.42
CA PRO B 195 57.66 -44.73 6.11
C PRO B 195 58.05 -43.26 6.24
N ASP B 196 57.90 -42.49 5.16
CA ASP B 196 58.24 -41.07 5.22
C ASP B 196 57.24 -40.28 6.07
N PRO B 197 57.71 -39.75 7.21
CA PRO B 197 56.88 -38.96 8.12
C PRO B 197 56.37 -37.65 7.48
N ARG B 198 57.00 -37.25 6.38
CA ARG B 198 56.62 -36.00 5.73
C ARG B 198 55.93 -36.21 4.38
N ALA B 199 55.39 -37.39 4.17
CA ALA B 199 54.68 -37.71 2.94
C ALA B 199 53.55 -36.70 2.66
N VAL B 200 53.39 -36.32 1.40
CA VAL B 200 52.30 -35.43 1.10
C VAL B 200 51.06 -36.33 1.01
N ASN B 201 49.88 -35.75 1.20
CA ASN B 201 48.66 -36.50 1.18
C ASN B 201 48.52 -37.56 0.08
N GLN B 202 48.88 -37.19 -1.14
CA GLN B 202 48.79 -38.08 -2.31
C GLN B 202 49.45 -39.46 -2.11
N ASP B 203 50.47 -39.50 -1.26
CA ASP B 203 51.16 -40.75 -0.96
C ASP B 203 50.72 -41.41 0.37
N LYS B 204 49.74 -40.84 1.06
CA LYS B 204 49.27 -41.48 2.29
C LYS B 204 48.25 -42.52 1.85
N LYS B 205 48.74 -43.56 1.19
CA LYS B 205 47.85 -44.59 0.68
C LYS B 205 47.14 -45.42 1.75
N ASN B 206 47.41 -45.14 3.03
CA ASN B 206 46.75 -45.88 4.10
C ASN B 206 45.91 -44.94 4.92
N MET B 207 45.65 -43.76 4.37
CA MET B 207 44.83 -42.79 5.07
C MET B 207 43.52 -42.44 4.36
N LEU B 208 42.50 -42.11 5.14
CA LEU B 208 41.23 -41.66 4.60
C LEU B 208 41.13 -40.21 5.11
N PHE B 209 40.75 -39.28 4.23
CA PHE B 209 40.66 -37.87 4.58
C PHE B 209 39.22 -37.41 4.73
N SER B 210 38.93 -36.80 5.87
CA SER B 210 37.61 -36.28 6.15
C SER B 210 37.14 -35.39 4.98
N GLY B 211 35.95 -35.67 4.46
CA GLY B 211 35.39 -34.89 3.36
C GLY B 211 35.45 -35.63 2.04
N THR B 212 36.21 -36.72 2.00
CA THR B 212 36.36 -37.55 0.80
C THR B 212 35.26 -38.64 0.77
N ASN B 213 35.10 -39.32 -0.36
CA ASN B 213 34.07 -40.36 -0.53
C ASN B 213 34.62 -41.73 -0.89
N ILE B 214 33.95 -42.76 -0.40
CA ILE B 214 34.36 -44.12 -0.70
C ILE B 214 33.71 -44.51 -2.01
N ALA B 215 34.51 -44.77 -3.03
CA ALA B 215 33.99 -45.14 -4.34
C ALA B 215 33.63 -46.61 -4.35
N ALA B 216 34.46 -47.42 -3.70
CA ALA B 216 34.24 -48.85 -3.63
C ALA B 216 34.90 -49.47 -2.40
N GLY B 217 34.34 -50.59 -1.96
CA GLY B 217 34.90 -51.31 -0.84
C GLY B 217 34.27 -50.97 0.48
N LYS B 218 34.85 -51.50 1.54
CA LYS B 218 34.41 -51.31 2.92
C LYS B 218 35.65 -51.46 3.81
N ALA B 219 35.87 -50.53 4.73
CA ALA B 219 37.06 -50.63 5.57
C ALA B 219 36.81 -50.20 7.01
N LEU B 220 37.73 -50.61 7.86
CA LEU B 220 37.65 -50.26 9.26
C LEU B 220 39.00 -49.57 9.55
N GLY B 221 38.94 -48.48 10.30
CA GLY B 221 40.17 -47.78 10.63
C GLY B 221 40.04 -47.06 11.96
N ILE B 222 41.11 -46.37 12.35
CA ILE B 222 41.11 -45.63 13.59
C ILE B 222 41.28 -44.14 13.25
N VAL B 223 40.55 -43.28 13.96
CA VAL B 223 40.60 -41.85 13.75
C VAL B 223 41.92 -41.27 14.26
N ALA B 224 42.66 -40.62 13.37
CA ALA B 224 43.96 -40.01 13.67
C ALA B 224 43.79 -38.59 14.13
N THR B 225 42.96 -37.83 13.43
CA THR B 225 42.69 -36.44 13.76
C THR B 225 41.26 -36.06 13.45
N THR B 226 40.81 -34.93 13.99
CA THR B 226 39.46 -34.46 13.75
C THR B 226 39.51 -32.95 13.84
N GLY B 227 38.38 -32.32 13.56
CA GLY B 227 38.31 -30.88 13.65
C GLY B 227 39.28 -30.12 12.76
N VAL B 228 39.90 -29.07 13.31
CA VAL B 228 40.80 -28.27 12.52
C VAL B 228 42.13 -28.96 12.31
N SER B 229 42.28 -30.14 12.89
CA SER B 229 43.52 -30.89 12.75
C SER B 229 43.59 -31.82 11.54
N THR B 230 42.48 -31.95 10.82
CA THR B 230 42.46 -32.81 9.63
C THR B 230 43.07 -32.02 8.47
N GLU B 231 43.34 -32.71 7.38
CA GLU B 231 43.91 -32.03 6.23
C GLU B 231 43.02 -30.86 5.81
N ILE B 232 41.72 -31.11 5.72
CA ILE B 232 40.77 -30.08 5.33
C ILE B 232 40.67 -29.00 6.42
N GLY B 233 40.79 -29.42 7.68
CA GLY B 233 40.72 -28.46 8.77
C GLY B 233 41.92 -27.53 8.76
N LYS B 234 43.07 -28.02 8.33
CA LYS B 234 44.27 -27.19 8.26
C LYS B 234 44.11 -26.17 7.12
N ILE B 235 43.39 -26.57 6.07
CA ILE B 235 43.15 -25.71 4.92
C ILE B 235 42.23 -24.59 5.37
N ARG B 236 41.32 -24.91 6.28
CA ARG B 236 40.38 -23.94 6.83
C ARG B 236 41.14 -22.91 7.69
N ASP B 237 42.15 -23.36 8.43
CA ASP B 237 42.92 -22.44 9.27
C ASP B 237 43.84 -21.55 8.43
N GLN B 238 44.37 -22.09 7.33
CA GLN B 238 45.23 -21.30 6.46
C GLN B 238 44.41 -20.17 5.85
N MET B 239 43.20 -20.49 5.40
CA MET B 239 42.31 -19.49 4.82
C MET B 239 41.82 -18.50 5.88
N ALA B 240 41.50 -18.99 7.07
CA ALA B 240 41.01 -18.14 8.14
C ALA B 240 42.06 -17.13 8.60
N ALA B 241 43.33 -17.46 8.39
CA ALA B 241 44.44 -16.59 8.76
C ALA B 241 44.85 -15.66 7.61
N THR B 242 44.25 -15.84 6.43
CA THR B 242 44.62 -14.99 5.30
C THR B 242 43.97 -13.62 5.41
N GLU B 243 44.80 -12.58 5.46
CA GLU B 243 44.32 -11.22 5.55
C GLU B 243 44.09 -10.69 4.13
N GLN B 244 42.86 -10.33 3.81
CA GLN B 244 42.55 -9.84 2.46
C GLN B 244 42.55 -8.32 2.35
N ASP B 245 43.48 -7.80 1.58
CA ASP B 245 43.59 -6.35 1.39
C ASP B 245 42.51 -5.78 0.47
N LYS B 246 42.23 -4.48 0.65
CA LYS B 246 41.25 -3.76 -0.16
C LYS B 246 41.91 -3.46 -1.51
N THR B 247 41.10 -3.33 -2.55
CA THR B 247 41.64 -3.03 -3.88
C THR B 247 42.28 -1.65 -3.90
N PRO B 248 43.13 -1.38 -4.90
CA PRO B 248 43.78 -0.08 -4.99
C PRO B 248 42.80 1.10 -5.02
N LEU B 249 41.63 0.90 -5.63
CA LEU B 249 40.64 1.97 -5.72
C LEU B 249 40.03 2.23 -4.36
N GLN B 250 39.73 1.13 -3.65
CA GLN B 250 39.15 1.22 -2.33
C GLN B 250 40.09 1.97 -1.41
N GLN B 251 41.39 1.78 -1.62
CA GLN B 251 42.36 2.46 -0.79
C GLN B 251 42.48 3.93 -1.15
N LYS B 252 42.45 4.24 -2.45
CA LYS B 252 42.51 5.63 -2.89
C LYS B 252 41.23 6.32 -2.44
N LEU B 253 40.12 5.59 -2.56
CA LEU B 253 38.80 6.09 -2.21
C LEU B 253 38.66 6.38 -0.72
N ASP B 254 39.23 5.53 0.12
CA ASP B 254 39.16 5.73 1.57
C ASP B 254 40.05 6.90 1.98
N GLU B 255 41.16 7.10 1.29
CA GLU B 255 42.04 8.20 1.62
C GLU B 255 41.34 9.51 1.25
N PHE B 256 40.60 9.49 0.14
CA PHE B 256 39.86 10.66 -0.31
C PHE B 256 38.82 11.06 0.74
N GLY B 257 38.27 10.06 1.44
CA GLY B 257 37.29 10.33 2.46
C GLY B 257 37.94 11.07 3.63
N GLU B 258 39.01 10.49 4.18
CA GLU B 258 39.72 11.10 5.30
C GLU B 258 39.99 12.56 4.96
N GLN B 259 40.71 12.76 3.86
CA GLN B 259 41.05 14.09 3.39
C GLN B 259 39.84 14.97 3.22
N LEU B 260 38.79 14.43 2.61
CA LEU B 260 37.57 15.21 2.40
C LEU B 260 37.04 15.67 3.74
N SER B 261 37.09 14.79 4.74
CA SER B 261 36.64 15.14 6.07
C SER B 261 37.56 16.20 6.69
N LYS B 262 38.87 15.97 6.59
CA LYS B 262 39.82 16.90 7.14
C LYS B 262 39.70 18.28 6.50
N VAL B 263 39.28 18.33 5.23
CA VAL B 263 39.14 19.62 4.53
C VAL B 263 37.85 20.35 4.93
N ILE B 264 36.78 19.59 5.09
CA ILE B 264 35.51 20.17 5.46
C ILE B 264 35.68 20.96 6.74
N SER B 265 36.21 20.30 7.78
CA SER B 265 36.42 20.96 9.06
C SER B 265 37.26 22.22 8.86
N LEU B 266 38.30 22.10 8.04
CA LEU B 266 39.19 23.22 7.75
C LEU B 266 38.48 24.40 7.08
N ILE B 267 37.46 24.13 6.28
CA ILE B 267 36.74 25.23 5.63
C ILE B 267 35.78 25.88 6.62
N CYS B 268 35.36 25.13 7.64
CA CYS B 268 34.46 25.68 8.66
C CYS B 268 35.27 26.69 9.49
N VAL B 269 36.51 26.35 9.80
CA VAL B 269 37.35 27.25 10.56
C VAL B 269 37.68 28.43 9.66
N ALA B 270 37.69 28.19 8.36
CA ALA B 270 37.98 29.24 7.39
C ALA B 270 36.81 30.21 7.35
N VAL B 271 35.60 29.69 7.38
CA VAL B 271 34.40 30.51 7.37
C VAL B 271 34.31 31.29 8.67
N TRP B 272 35.03 30.81 9.68
CA TRP B 272 35.03 31.46 10.99
C TRP B 272 36.09 32.57 11.05
N LEU B 273 37.30 32.26 10.60
CA LEU B 273 38.38 33.23 10.62
C LEU B 273 38.10 34.44 9.73
N ILE B 274 37.13 34.30 8.84
CA ILE B 274 36.76 35.38 7.94
C ILE B 274 35.67 36.27 8.55
N ASN B 275 35.00 35.77 9.58
CA ASN B 275 33.95 36.51 10.25
C ASN B 275 34.39 36.94 11.64
N ILE B 276 35.70 36.93 11.87
CA ILE B 276 36.25 37.32 13.16
C ILE B 276 35.92 38.79 13.42
N GLY B 277 35.51 39.48 12.36
CA GLY B 277 35.18 40.89 12.46
C GLY B 277 33.90 41.12 13.25
N HIS B 278 33.15 40.07 13.52
CA HIS B 278 31.91 40.20 14.27
C HIS B 278 32.19 40.44 15.75
N PHE B 279 33.44 40.27 16.17
CA PHE B 279 33.80 40.52 17.57
C PHE B 279 33.83 42.03 17.79
N ASN B 280 33.80 42.78 16.70
CA ASN B 280 33.81 44.23 16.77
C ASN B 280 32.45 44.85 16.57
N ASP B 281 31.40 44.04 16.68
CA ASP B 281 30.05 44.55 16.52
C ASP B 281 29.51 44.96 17.88
N PRO B 282 28.46 45.80 17.91
CA PRO B 282 27.87 46.26 19.17
C PRO B 282 27.28 45.11 19.98
N VAL B 283 27.36 45.23 21.29
CA VAL B 283 26.83 44.20 22.18
C VAL B 283 25.34 44.04 21.95
N HIS B 284 24.65 45.14 21.66
CA HIS B 284 23.21 45.11 21.40
C HIS B 284 22.95 45.20 19.90
N GLY B 285 22.03 44.38 19.41
CA GLY B 285 21.70 44.38 18.00
C GLY B 285 21.85 43.05 17.30
N GLY B 286 21.22 42.93 16.13
CA GLY B 286 21.29 41.69 15.37
C GLY B 286 20.72 40.51 16.12
N SER B 287 20.60 39.37 15.45
CA SER B 287 20.06 38.17 16.08
C SER B 287 21.11 37.07 16.21
N TRP B 288 21.53 36.82 17.45
CA TRP B 288 22.53 35.80 17.72
C TRP B 288 21.98 34.42 17.39
N ILE B 289 20.69 34.35 17.14
CA ILE B 289 20.07 33.09 16.80
C ILE B 289 20.09 32.94 15.28
N ARG B 290 19.95 34.07 14.57
CA ARG B 290 19.97 34.03 13.12
C ARG B 290 21.38 33.83 12.59
N GLY B 291 22.36 34.30 13.36
CA GLY B 291 23.75 34.12 12.95
C GLY B 291 24.09 32.66 13.04
N ALA B 292 23.74 32.06 14.17
CA ALA B 292 23.99 30.65 14.43
C ALA B 292 23.32 29.82 13.34
N ILE B 293 22.06 30.13 13.04
CA ILE B 293 21.33 29.40 12.01
C ILE B 293 22.05 29.52 10.67
N TYR B 294 22.61 30.70 10.39
CA TYR B 294 23.33 30.93 9.15
C TYR B 294 24.51 29.97 9.06
N TYR B 295 25.41 30.07 10.04
CA TYR B 295 26.61 29.23 10.11
C TYR B 295 26.28 27.74 10.02
N PHE B 296 25.25 27.30 10.74
CA PHE B 296 24.84 25.90 10.73
C PHE B 296 24.24 25.49 9.39
N LYS B 297 23.57 26.44 8.74
CA LYS B 297 22.96 26.19 7.45
C LYS B 297 24.01 25.92 6.37
N ILE B 298 25.14 26.62 6.45
CA ILE B 298 26.17 26.42 5.44
C ILE B 298 27.01 25.18 5.70
N ALA B 299 27.01 24.69 6.93
CA ALA B 299 27.76 23.49 7.25
C ALA B 299 27.06 22.38 6.47
N VAL B 300 25.74 22.34 6.59
CA VAL B 300 24.92 21.35 5.89
C VAL B 300 25.21 21.37 4.39
N ALA B 301 25.29 22.57 3.83
CA ALA B 301 25.57 22.75 2.41
C ALA B 301 27.00 22.35 2.07
N LEU B 302 27.91 22.63 3.01
CA LEU B 302 29.32 22.30 2.84
C LEU B 302 29.37 20.79 2.76
N ALA B 303 28.82 20.16 3.79
CA ALA B 303 28.82 18.71 3.89
C ALA B 303 28.17 18.05 2.68
N VAL B 304 27.06 18.59 2.23
CA VAL B 304 26.39 17.99 1.08
C VAL B 304 27.08 18.30 -0.24
N ALA B 305 27.82 19.41 -0.29
CA ALA B 305 28.51 19.82 -1.49
C ALA B 305 29.85 19.11 -1.71
N ALA B 306 30.50 18.72 -0.61
CA ALA B 306 31.79 18.05 -0.69
C ALA B 306 31.65 16.56 -0.96
N ILE B 307 30.49 15.99 -0.63
CA ILE B 307 30.28 14.57 -0.83
C ILE B 307 29.66 14.19 -2.16
N PRO B 308 30.36 13.37 -2.95
CA PRO B 308 29.74 13.00 -4.23
C PRO B 308 28.75 11.88 -3.86
N GLU B 309 27.55 12.28 -3.47
CA GLU B 309 26.50 11.35 -3.05
C GLU B 309 26.20 10.20 -4.01
N GLY B 310 26.23 10.47 -5.31
CA GLY B 310 25.91 9.44 -6.28
C GLY B 310 27.07 8.63 -6.83
N LEU B 311 28.28 8.86 -6.34
CA LEU B 311 29.46 8.15 -6.83
C LEU B 311 29.41 6.65 -6.57
N PRO B 312 28.96 6.25 -5.37
CA PRO B 312 28.89 4.82 -5.03
C PRO B 312 27.92 4.03 -5.93
N ALA B 313 26.89 4.71 -6.44
CA ALA B 313 25.92 4.04 -7.30
C ALA B 313 26.38 3.98 -8.74
N VAL B 314 27.10 5.01 -9.17
CA VAL B 314 27.58 5.03 -10.54
C VAL B 314 28.63 3.95 -10.67
N ILE B 315 29.55 3.92 -9.71
CA ILE B 315 30.60 2.90 -9.70
C ILE B 315 29.94 1.53 -9.74
N THR B 316 28.94 1.33 -8.90
CA THR B 316 28.24 0.06 -8.83
C THR B 316 27.55 -0.33 -10.13
N THR B 317 26.97 0.64 -10.82
CA THR B 317 26.28 0.36 -12.09
C THR B 317 27.27 -0.01 -13.18
N CYS B 318 28.39 0.71 -13.24
CA CYS B 318 29.39 0.44 -14.26
C CYS B 318 29.93 -0.98 -14.10
N LEU B 319 30.23 -1.33 -12.86
CA LEU B 319 30.76 -2.64 -12.50
C LEU B 319 29.78 -3.76 -12.86
N ALA B 320 28.50 -3.58 -12.51
CA ALA B 320 27.52 -4.61 -12.82
C ALA B 320 27.42 -4.80 -14.32
N LEU B 321 27.36 -3.68 -15.04
CA LEU B 321 27.26 -3.71 -16.50
C LEU B 321 28.50 -4.39 -17.10
N GLY B 322 29.68 -3.99 -16.64
CA GLY B 322 30.90 -4.60 -17.15
C GLY B 322 30.94 -6.09 -16.86
N THR B 323 30.46 -6.48 -15.68
CA THR B 323 30.42 -7.88 -15.27
C THR B 323 29.60 -8.73 -16.23
N ARG B 324 28.39 -8.28 -16.57
CA ARG B 324 27.56 -9.03 -17.51
C ARG B 324 28.27 -9.10 -18.85
N ARG B 325 29.14 -8.11 -19.09
CA ARG B 325 29.91 -8.03 -20.33
C ARG B 325 31.04 -9.04 -20.33
N MET B 326 31.65 -9.22 -19.16
CA MET B 326 32.75 -10.17 -19.02
C MET B 326 32.26 -11.61 -19.07
N ALA B 327 31.05 -11.83 -18.58
CA ALA B 327 30.47 -13.17 -18.61
C ALA B 327 30.23 -13.59 -20.06
N LYS B 328 30.11 -12.63 -20.96
CA LYS B 328 29.89 -12.94 -22.36
C LYS B 328 31.17 -13.49 -22.98
N LYS B 329 32.31 -13.18 -22.34
CA LYS B 329 33.60 -13.65 -22.82
C LYS B 329 34.08 -14.77 -21.92
N ASN B 330 33.14 -15.44 -21.27
CA ASN B 330 33.45 -16.56 -20.39
C ASN B 330 34.21 -16.26 -19.10
N ALA B 331 34.19 -15.01 -18.67
CA ALA B 331 34.87 -14.63 -17.43
C ALA B 331 33.81 -14.25 -16.39
N ILE B 332 33.69 -15.09 -15.36
CA ILE B 332 32.72 -14.90 -14.28
C ILE B 332 33.39 -14.25 -13.08
N VAL B 333 33.16 -12.95 -12.92
CA VAL B 333 33.73 -12.18 -11.84
C VAL B 333 32.77 -12.26 -10.69
N ARG B 334 33.26 -12.68 -9.53
CA ARG B 334 32.39 -12.83 -8.38
C ARG B 334 32.37 -11.55 -7.56
N SER B 335 33.55 -10.99 -7.35
CA SER B 335 33.72 -9.76 -6.58
C SER B 335 33.72 -8.52 -7.50
N LEU B 336 32.73 -7.65 -7.32
CA LEU B 336 32.64 -6.43 -8.13
C LEU B 336 33.93 -5.61 -8.10
N PRO B 337 34.48 -5.38 -6.89
CA PRO B 337 35.72 -4.61 -6.74
C PRO B 337 36.92 -5.32 -7.35
N SER B 338 36.69 -6.50 -7.90
CA SER B 338 37.76 -7.26 -8.51
C SER B 338 38.09 -6.82 -9.93
N VAL B 339 37.08 -6.29 -10.65
CA VAL B 339 37.30 -5.82 -12.01
C VAL B 339 38.45 -4.83 -12.06
N GLU B 340 38.59 -4.01 -11.02
CA GLU B 340 39.68 -3.05 -11.01
C GLU B 340 41.00 -3.79 -10.87
N THR B 341 41.16 -4.44 -9.73
CA THR B 341 42.37 -5.17 -9.43
C THR B 341 42.78 -6.09 -10.59
N LEU B 342 41.79 -6.56 -11.35
CA LEU B 342 42.05 -7.43 -12.49
C LEU B 342 42.79 -6.64 -13.58
N GLY B 343 42.34 -5.41 -13.82
CA GLY B 343 43.00 -4.56 -14.80
C GLY B 343 44.47 -4.33 -14.46
N CYS B 344 44.82 -4.40 -13.17
CA CYS B 344 46.20 -4.18 -12.71
C CYS B 344 47.04 -5.44 -12.65
N THR B 345 46.44 -6.58 -12.97
CA THR B 345 47.17 -7.85 -12.92
C THR B 345 48.60 -7.62 -13.40
N SER B 346 49.56 -8.00 -12.57
CA SER B 346 50.99 -7.85 -12.84
C SER B 346 51.60 -9.20 -13.24
N VAL B 347 51.18 -10.26 -12.55
CA VAL B 347 51.67 -11.61 -12.82
C VAL B 347 50.51 -12.59 -12.87
N ILE B 348 50.55 -13.50 -13.83
CA ILE B 348 49.52 -14.52 -13.97
C ILE B 348 50.09 -15.94 -13.86
N CYS B 349 49.77 -16.65 -12.76
CA CYS B 349 50.23 -18.02 -12.54
C CYS B 349 49.16 -18.96 -13.04
N SER B 350 49.47 -19.76 -14.05
CA SER B 350 48.47 -20.66 -14.60
C SER B 350 48.89 -22.10 -14.59
N ASP B 351 47.93 -22.98 -14.36
CA ASP B 351 48.18 -24.42 -14.36
C ASP B 351 48.19 -24.73 -15.83
N LYS B 352 48.98 -25.74 -16.24
CA LYS B 352 49.00 -26.10 -17.64
C LYS B 352 47.80 -26.96 -18.08
N THR B 353 47.75 -28.20 -17.61
CA THR B 353 46.68 -29.12 -18.02
C THR B 353 45.25 -28.58 -17.98
N GLY B 354 44.64 -28.47 -19.17
CA GLY B 354 43.25 -28.01 -19.27
C GLY B 354 43.04 -26.52 -19.34
N THR B 355 44.08 -25.74 -19.05
CA THR B 355 43.99 -24.29 -19.08
C THR B 355 44.89 -23.68 -20.18
N LEU B 356 46.10 -24.20 -20.30
CA LEU B 356 47.04 -23.78 -21.33
C LEU B 356 46.90 -24.84 -22.41
N THR B 357 46.51 -26.03 -21.98
CA THR B 357 46.34 -27.16 -22.90
C THR B 357 44.88 -27.57 -22.93
N THR B 358 44.53 -28.43 -23.89
CA THR B 358 43.15 -28.89 -24.04
C THR B 358 42.85 -30.08 -23.12
N ASN B 359 43.89 -30.86 -22.84
CA ASN B 359 43.78 -32.02 -21.97
C ASN B 359 43.15 -33.15 -22.77
N GLN B 360 43.29 -33.06 -24.10
CA GLN B 360 42.76 -34.09 -25.00
C GLN B 360 43.99 -34.83 -25.51
N MET B 361 44.39 -35.86 -24.78
CA MET B 361 45.57 -36.66 -25.08
C MET B 361 45.53 -37.45 -26.39
N SER B 362 46.69 -37.59 -27.02
CA SER B 362 46.78 -38.37 -28.24
C SER B 362 48.21 -38.84 -28.45
N VAL B 363 48.35 -40.09 -28.89
CA VAL B 363 49.67 -40.65 -29.16
C VAL B 363 50.05 -40.30 -30.61
N CYS B 364 51.22 -39.76 -30.84
CA CYS B 364 51.60 -39.44 -32.23
C CYS B 364 52.91 -40.08 -32.65
N LYS B 365 53.55 -40.74 -31.71
CA LYS B 365 54.79 -41.42 -32.01
C LYS B 365 54.92 -42.61 -31.07
N MET B 366 55.71 -43.58 -31.49
CA MET B 366 55.97 -44.78 -30.69
C MET B 366 57.04 -45.56 -31.41
N PHE B 367 57.98 -46.14 -30.68
CA PHE B 367 59.00 -46.94 -31.35
C PHE B 367 59.31 -48.24 -30.61
N ILE B 368 59.77 -49.23 -31.37
CA ILE B 368 60.13 -50.55 -30.85
C ILE B 368 61.57 -50.79 -31.29
N ILE B 369 62.19 -51.87 -30.83
CA ILE B 369 63.55 -52.15 -31.26
C ILE B 369 63.46 -52.94 -32.55
N ASP B 370 64.16 -52.45 -33.57
CA ASP B 370 64.17 -53.07 -34.89
C ASP B 370 65.14 -54.26 -34.91
N LYS B 371 66.31 -54.06 -34.33
CA LYS B 371 67.28 -55.13 -34.27
C LYS B 371 68.50 -54.69 -33.51
N VAL B 372 69.13 -55.64 -32.82
CA VAL B 372 70.34 -55.38 -32.04
C VAL B 372 71.36 -56.43 -32.45
N ASP B 373 72.54 -55.97 -32.85
CA ASP B 373 73.59 -56.88 -33.26
C ASP B 373 74.92 -56.24 -32.88
N GLY B 374 75.45 -56.68 -31.74
CA GLY B 374 76.71 -56.16 -31.24
C GLY B 374 76.59 -54.69 -30.93
N ASP B 375 77.49 -53.89 -31.47
CA ASP B 375 77.46 -52.47 -31.22
C ASP B 375 76.47 -51.76 -32.14
N PHE B 376 75.93 -52.50 -33.11
CA PHE B 376 74.98 -51.95 -34.07
C PHE B 376 73.56 -52.00 -33.52
N CYS B 377 72.77 -50.99 -33.82
CA CYS B 377 71.42 -50.95 -33.30
C CYS B 377 70.45 -50.06 -34.06
N SER B 378 69.28 -50.59 -34.39
CA SER B 378 68.27 -49.82 -35.09
C SER B 378 66.91 -49.92 -34.38
N LEU B 379 66.18 -48.80 -34.34
CA LEU B 379 64.87 -48.75 -33.72
C LEU B 379 63.85 -48.67 -34.83
N ASN B 380 62.57 -48.80 -34.49
CA ASN B 380 61.54 -48.72 -35.50
C ASN B 380 60.52 -47.65 -35.15
N GLU B 381 60.93 -46.40 -35.30
CA GLU B 381 60.12 -45.23 -35.00
C GLU B 381 58.87 -45.13 -35.91
N PHE B 382 57.73 -44.75 -35.35
CA PHE B 382 56.47 -44.57 -36.10
C PHE B 382 55.80 -43.22 -35.81
N SER B 383 54.65 -42.99 -36.45
CA SER B 383 53.86 -41.76 -36.26
C SER B 383 52.42 -42.19 -36.35
N ILE B 384 51.54 -41.41 -35.73
CA ILE B 384 50.11 -41.70 -35.68
C ILE B 384 49.35 -40.39 -35.89
N THR B 385 48.34 -40.40 -36.76
CA THR B 385 47.55 -39.19 -36.99
C THR B 385 46.23 -39.32 -36.27
N GLY B 386 45.62 -38.18 -35.94
CA GLY B 386 44.34 -38.19 -35.25
C GLY B 386 44.53 -37.61 -33.86
N SER B 387 44.10 -36.37 -33.66
CA SER B 387 44.27 -35.71 -32.38
C SER B 387 43.07 -35.82 -31.46
N THR B 388 42.08 -36.61 -31.85
CA THR B 388 40.90 -36.81 -31.03
C THR B 388 41.00 -38.20 -30.41
N TYR B 389 40.01 -38.56 -29.59
CA TYR B 389 40.01 -39.88 -28.99
C TYR B 389 39.42 -40.86 -30.00
N ALA B 390 38.76 -40.30 -31.01
CA ALA B 390 38.14 -41.08 -32.08
C ALA B 390 39.15 -42.08 -32.64
N PRO B 391 38.72 -43.33 -32.90
CA PRO B 391 39.61 -44.36 -33.44
C PRO B 391 40.06 -44.02 -34.85
N GLU B 392 39.50 -42.93 -35.39
CA GLU B 392 39.83 -42.46 -36.72
C GLU B 392 41.28 -41.97 -36.80
N GLY B 393 42.07 -42.64 -37.63
CA GLY B 393 43.46 -42.27 -37.79
C GLY B 393 44.24 -43.41 -38.42
N GLU B 394 45.55 -43.26 -38.51
CA GLU B 394 46.38 -44.30 -39.09
C GLU B 394 47.84 -44.20 -38.63
N VAL B 395 48.54 -45.31 -38.70
CA VAL B 395 49.94 -45.41 -38.32
C VAL B 395 50.79 -45.26 -39.57
N LEU B 396 52.02 -44.78 -39.40
CA LEU B 396 52.92 -44.61 -40.52
C LEU B 396 54.38 -44.67 -40.09
N LYS B 397 55.23 -45.09 -41.03
CA LYS B 397 56.67 -45.15 -40.80
C LYS B 397 57.23 -44.29 -41.93
N ASN B 398 58.32 -43.58 -41.66
CA ASN B 398 58.91 -42.70 -42.65
C ASN B 398 57.84 -41.85 -43.34
N ASP B 399 56.75 -41.60 -42.61
CA ASP B 399 55.62 -40.79 -43.06
C ASP B 399 54.69 -41.52 -44.00
N LYS B 400 55.06 -42.74 -44.37
CA LYS B 400 54.22 -43.54 -45.25
C LYS B 400 53.48 -44.53 -44.35
N PRO B 401 52.18 -44.75 -44.62
CA PRO B 401 51.37 -45.68 -43.83
C PRO B 401 51.78 -47.16 -43.97
N ILE B 402 51.74 -47.88 -42.87
CA ILE B 402 52.06 -49.31 -42.85
C ILE B 402 50.98 -50.03 -42.06
N ARG B 403 51.16 -51.33 -41.88
CA ARG B 403 50.21 -52.13 -41.11
C ARG B 403 50.92 -52.53 -39.83
N SER B 404 50.45 -52.04 -38.70
CA SER B 404 51.06 -52.35 -37.42
C SER B 404 51.21 -53.86 -37.24
N GLY B 405 50.32 -54.63 -37.87
CA GLY B 405 50.37 -56.08 -37.76
C GLY B 405 51.63 -56.74 -38.31
N GLN B 406 52.20 -56.16 -39.36
CA GLN B 406 53.42 -56.69 -39.98
C GLN B 406 54.63 -56.61 -39.06
N PHE B 407 54.48 -55.98 -37.90
CA PHE B 407 55.57 -55.86 -36.93
C PHE B 407 55.11 -56.52 -35.62
N ASP B 408 55.78 -57.59 -35.22
CA ASP B 408 55.38 -58.27 -34.00
C ASP B 408 55.49 -57.37 -32.79
N GLY B 409 56.64 -56.71 -32.66
CA GLY B 409 56.85 -55.81 -31.54
C GLY B 409 55.67 -54.88 -31.35
N LEU B 410 55.03 -54.47 -32.44
CA LEU B 410 53.89 -53.56 -32.35
C LEU B 410 52.64 -54.27 -31.88
N VAL B 411 52.60 -55.60 -32.02
CA VAL B 411 51.44 -56.35 -31.58
C VAL B 411 51.46 -56.42 -30.06
N GLU B 412 52.63 -56.76 -29.49
CA GLU B 412 52.79 -56.84 -28.05
C GLU B 412 52.65 -55.41 -27.51
N LEU B 413 53.31 -54.47 -28.18
CA LEU B 413 53.27 -53.06 -27.81
C LEU B 413 51.80 -52.72 -27.60
N ALA B 414 50.97 -53.12 -28.56
CA ALA B 414 49.54 -52.86 -28.50
C ALA B 414 48.81 -53.74 -27.47
N THR B 415 49.38 -54.88 -27.15
CA THR B 415 48.77 -55.76 -26.20
C THR B 415 48.89 -55.10 -24.83
N ILE B 416 50.06 -54.55 -24.56
CA ILE B 416 50.35 -53.85 -23.33
C ILE B 416 49.43 -52.64 -23.15
N CYS B 417 49.36 -51.79 -24.17
CA CYS B 417 48.52 -50.61 -24.12
C CYS B 417 47.05 -50.94 -23.84
N ALA B 418 46.62 -52.14 -24.22
CA ALA B 418 45.22 -52.49 -24.01
C ALA B 418 44.99 -53.14 -22.65
N LEU B 419 45.81 -54.14 -22.33
CA LEU B 419 45.65 -54.83 -21.06
C LEU B 419 46.02 -54.00 -19.83
N CYS B 420 47.13 -53.30 -19.93
CA CYS B 420 47.61 -52.45 -18.82
C CYS B 420 46.88 -51.11 -18.96
N ASN B 421 45.58 -51.13 -18.71
CA ASN B 421 44.74 -49.94 -18.89
C ASN B 421 43.46 -50.11 -18.05
N ASP B 422 42.99 -49.03 -17.46
CA ASP B 422 41.76 -49.06 -16.65
C ASP B 422 40.70 -48.14 -17.25
N SER B 423 40.89 -47.77 -18.52
CA SER B 423 39.95 -46.88 -19.18
C SER B 423 39.45 -47.43 -20.51
N SER B 424 38.45 -46.76 -21.08
CA SER B 424 37.89 -47.19 -22.36
C SER B 424 37.32 -46.00 -23.16
N LEU B 425 36.54 -46.33 -24.19
CA LEU B 425 35.92 -45.33 -25.04
C LEU B 425 34.42 -45.53 -25.04
N ASP B 426 33.69 -44.48 -25.40
CA ASP B 426 32.24 -44.52 -25.47
C ASP B 426 31.77 -43.48 -26.49
N PHE B 427 31.00 -43.93 -27.48
CA PHE B 427 30.51 -43.00 -28.49
C PHE B 427 29.20 -42.38 -27.99
N ASN B 428 29.21 -41.06 -27.84
CA ASN B 428 28.03 -40.33 -27.36
C ASN B 428 27.04 -40.06 -28.49
N GLU B 429 25.87 -40.69 -28.42
CA GLU B 429 24.83 -40.51 -29.41
C GLU B 429 24.54 -39.03 -29.63
N THR B 430 24.32 -38.31 -28.54
CA THR B 430 24.02 -36.89 -28.57
C THR B 430 25.10 -36.10 -29.32
N LYS B 431 26.23 -35.85 -28.64
CA LYS B 431 27.34 -35.11 -29.25
C LYS B 431 27.75 -35.70 -30.59
N GLY B 432 27.57 -37.00 -30.74
CA GLY B 432 27.96 -37.66 -31.99
C GLY B 432 29.47 -37.77 -32.14
N VAL B 433 30.16 -37.84 -31.00
CA VAL B 433 31.62 -37.96 -31.00
C VAL B 433 32.09 -38.89 -29.89
N TYR B 434 33.25 -39.51 -30.09
CA TYR B 434 33.81 -40.43 -29.11
C TYR B 434 34.27 -39.70 -27.85
N GLU B 435 33.68 -40.07 -26.71
CA GLU B 435 34.00 -39.50 -25.41
C GLU B 435 34.92 -40.48 -24.69
N LYS B 436 35.77 -39.97 -23.80
CA LYS B 436 36.68 -40.83 -23.05
C LYS B 436 36.03 -41.29 -21.76
N VAL B 437 36.53 -42.40 -21.21
CA VAL B 437 36.01 -42.92 -19.97
C VAL B 437 37.17 -43.31 -19.07
N GLY B 438 37.55 -42.39 -18.18
CA GLY B 438 38.65 -42.68 -17.28
C GLY B 438 39.74 -41.64 -17.37
N GLU B 439 40.98 -42.10 -17.45
CA GLU B 439 42.14 -41.24 -17.54
C GLU B 439 42.39 -40.79 -18.98
N ALA B 440 42.74 -39.52 -19.16
CA ALA B 440 43.00 -38.99 -20.50
C ALA B 440 44.21 -39.73 -21.08
N THR B 441 45.22 -39.92 -20.26
CA THR B 441 46.42 -40.61 -20.69
C THR B 441 46.16 -42.05 -21.11
N GLU B 442 45.30 -42.73 -20.36
CA GLU B 442 44.97 -44.12 -20.61
C GLU B 442 44.08 -44.29 -21.84
N THR B 443 43.09 -43.40 -21.98
CA THR B 443 42.19 -43.47 -23.12
C THR B 443 43.00 -43.30 -24.40
N ALA B 444 44.04 -42.47 -24.32
CA ALA B 444 44.91 -42.22 -25.46
C ALA B 444 45.51 -43.54 -25.93
N LEU B 445 45.83 -44.40 -24.98
CA LEU B 445 46.42 -45.69 -25.32
C LEU B 445 45.33 -46.54 -25.96
N THR B 446 44.13 -46.40 -25.45
CA THR B 446 42.99 -47.12 -25.97
C THR B 446 42.78 -46.71 -27.42
N THR B 447 42.74 -45.40 -27.66
CA THR B 447 42.56 -44.88 -29.01
C THR B 447 43.67 -45.37 -29.92
N LEU B 448 44.85 -45.56 -29.34
CA LEU B 448 46.00 -46.04 -30.10
C LEU B 448 45.82 -47.46 -30.63
N VAL B 449 45.43 -48.39 -29.76
CA VAL B 449 45.24 -49.78 -30.20
C VAL B 449 44.21 -49.87 -31.33
N GLU B 450 43.22 -49.01 -31.31
CA GLU B 450 42.18 -49.03 -32.33
C GLU B 450 42.69 -48.55 -33.70
N LYS B 451 43.66 -47.63 -33.68
CA LYS B 451 44.22 -47.13 -34.92
C LYS B 451 45.24 -48.11 -35.47
N MET B 452 45.92 -48.82 -34.57
CA MET B 452 46.94 -49.81 -34.94
C MET B 452 46.33 -51.06 -35.54
N ASN B 453 45.35 -51.63 -34.83
CA ASN B 453 44.64 -52.82 -35.27
C ASN B 453 45.62 -53.93 -35.64
N VAL B 454 46.54 -54.23 -34.74
CA VAL B 454 47.57 -55.24 -34.99
C VAL B 454 47.07 -56.60 -35.47
N PHE B 455 45.77 -56.85 -35.36
CA PHE B 455 45.22 -58.12 -35.81
C PHE B 455 44.31 -58.04 -37.04
N ASN B 456 44.34 -56.88 -37.70
CA ASN B 456 43.53 -56.68 -38.90
C ASN B 456 42.09 -57.14 -38.72
N THR B 457 41.53 -56.85 -37.55
CA THR B 457 40.16 -57.20 -37.23
C THR B 457 39.23 -56.36 -38.12
N GLU B 458 38.10 -56.93 -38.53
CA GLU B 458 37.14 -56.21 -39.36
C GLU B 458 36.29 -55.26 -38.54
N VAL B 459 36.73 -54.00 -38.50
CA VAL B 459 36.04 -52.97 -37.73
C VAL B 459 35.24 -52.02 -38.62
N ARG B 460 35.38 -52.16 -39.93
CA ARG B 460 34.67 -51.29 -40.87
C ARG B 460 33.27 -51.83 -41.16
N ASN B 461 32.84 -52.81 -40.35
CA ASN B 461 31.52 -53.41 -40.48
C ASN B 461 30.68 -52.96 -39.30
N LEU B 462 31.38 -52.58 -38.23
CA LEU B 462 30.74 -52.13 -37.00
C LEU B 462 30.43 -50.64 -37.08
N SER B 463 29.47 -50.19 -36.27
CA SER B 463 29.07 -48.80 -36.25
C SER B 463 30.10 -47.97 -35.47
N LYS B 464 29.65 -46.83 -34.95
CA LYS B 464 30.51 -45.95 -34.17
C LYS B 464 30.69 -46.49 -32.76
N VAL B 465 29.57 -46.80 -32.10
CA VAL B 465 29.57 -47.31 -30.74
C VAL B 465 30.08 -48.74 -30.67
N GLU B 466 30.17 -49.39 -31.82
CA GLU B 466 30.62 -50.77 -31.87
C GLU B 466 32.10 -50.93 -32.16
N ARG B 467 32.67 -50.00 -32.92
CA ARG B 467 34.10 -50.09 -33.25
C ARG B 467 34.96 -49.29 -32.28
N ALA B 468 34.30 -48.62 -31.33
CA ALA B 468 35.01 -47.83 -30.33
C ALA B 468 36.08 -48.67 -29.66
N ASN B 469 35.65 -49.76 -29.01
CA ASN B 469 36.57 -50.64 -28.30
C ASN B 469 36.78 -51.98 -29.01
N ALA B 470 36.65 -51.99 -30.33
CA ALA B 470 36.82 -53.22 -31.11
C ALA B 470 38.18 -53.90 -30.96
N CYS B 471 39.23 -53.27 -31.50
CA CYS B 471 40.58 -53.84 -31.43
C CYS B 471 41.06 -54.17 -30.02
N ASN B 472 40.53 -53.45 -29.04
CA ASN B 472 40.89 -53.71 -27.65
C ASN B 472 40.28 -55.04 -27.24
N SER B 473 38.95 -55.11 -27.37
CA SER B 473 38.17 -56.30 -27.03
C SER B 473 38.80 -57.56 -27.59
N VAL B 474 39.39 -57.44 -28.78
CA VAL B 474 40.06 -58.57 -29.40
C VAL B 474 41.25 -58.96 -28.53
N ILE B 475 42.04 -57.97 -28.13
CA ILE B 475 43.22 -58.22 -27.31
C ILE B 475 42.83 -58.74 -25.94
N ARG B 476 41.67 -58.30 -25.45
CA ARG B 476 41.19 -58.74 -24.14
C ARG B 476 40.81 -60.22 -24.12
N GLN B 477 40.89 -60.88 -25.27
CA GLN B 477 40.53 -62.30 -25.35
C GLN B 477 41.76 -63.21 -25.35
N LEU B 478 42.91 -62.66 -25.68
CA LEU B 478 44.13 -63.45 -25.70
C LEU B 478 44.69 -63.65 -24.30
N MET B 479 44.38 -62.72 -23.41
CA MET B 479 44.87 -62.82 -22.05
C MET B 479 43.78 -62.57 -21.02
N LYS B 480 43.86 -63.30 -19.92
CA LYS B 480 42.92 -63.15 -18.82
C LYS B 480 43.64 -62.25 -17.83
N LYS B 481 43.09 -61.07 -17.54
CA LYS B 481 43.73 -60.17 -16.61
C LYS B 481 43.44 -60.63 -15.18
N GLU B 482 44.39 -61.33 -14.58
CA GLU B 482 44.25 -61.83 -13.22
C GLU B 482 43.98 -60.72 -12.24
N PHE B 483 44.94 -59.81 -12.11
CA PHE B 483 44.83 -58.67 -11.19
C PHE B 483 45.74 -57.56 -11.67
N THR B 484 45.62 -56.37 -11.07
CA THR B 484 46.48 -55.27 -11.46
C THR B 484 47.16 -54.59 -10.28
N LEU B 485 48.45 -54.26 -10.44
CA LEU B 485 49.27 -53.58 -9.44
C LEU B 485 49.27 -52.07 -9.77
N GLU B 486 48.40 -51.32 -9.10
CA GLU B 486 48.26 -49.89 -9.36
C GLU B 486 49.54 -49.06 -9.43
N PHE B 487 49.37 -47.87 -9.99
CA PHE B 487 50.44 -46.89 -10.14
C PHE B 487 50.72 -46.20 -8.80
N SER B 488 51.98 -45.86 -8.55
CA SER B 488 52.35 -45.14 -7.34
C SER B 488 53.55 -44.25 -7.68
N ARG B 489 53.44 -42.97 -7.37
CA ARG B 489 54.50 -41.99 -7.62
C ARG B 489 55.84 -42.52 -7.16
N ASP B 490 55.75 -43.48 -6.27
CA ASP B 490 56.93 -44.13 -5.74
C ASP B 490 57.78 -44.74 -6.87
N ARG B 491 57.21 -45.69 -7.62
CA ARG B 491 57.92 -46.35 -8.71
C ARG B 491 57.51 -45.77 -10.07
N LYS B 492 56.50 -44.91 -10.07
CA LYS B 492 56.02 -44.29 -11.30
C LYS B 492 55.75 -45.29 -12.45
N SER B 493 54.96 -46.31 -12.15
CA SER B 493 54.58 -47.29 -13.17
C SER B 493 53.45 -48.15 -12.63
N MET B 494 52.90 -48.99 -13.49
CA MET B 494 51.81 -49.88 -13.12
C MET B 494 51.86 -51.13 -13.99
N SER B 495 51.37 -52.25 -13.48
CA SER B 495 51.39 -53.48 -14.28
C SER B 495 50.15 -54.34 -14.08
N VAL B 496 50.00 -55.31 -14.97
CA VAL B 496 48.88 -56.23 -14.92
C VAL B 496 49.38 -57.65 -15.14
N TYR B 497 48.98 -58.54 -14.25
CA TYR B 497 49.35 -59.96 -14.32
C TYR B 497 48.31 -60.60 -15.24
N CYS B 498 48.79 -61.34 -16.22
CA CYS B 498 47.87 -61.98 -17.17
C CYS B 498 48.23 -63.42 -17.46
N SER B 499 47.20 -64.25 -17.59
CA SER B 499 47.38 -65.68 -17.87
C SER B 499 46.73 -65.95 -19.21
N PRO B 500 47.31 -66.85 -20.00
CA PRO B 500 46.77 -67.20 -21.31
C PRO B 500 45.28 -67.51 -21.23
N ALA B 501 44.59 -67.28 -22.35
CA ALA B 501 43.15 -67.55 -22.34
C ALA B 501 42.89 -69.06 -22.40
N LYS B 502 43.06 -69.60 -23.60
CA LYS B 502 42.86 -71.04 -23.86
C LYS B 502 43.98 -71.86 -23.22
N SER B 503 43.77 -72.08 -21.94
CA SER B 503 44.67 -72.84 -21.07
C SER B 503 43.87 -73.40 -19.91
N SER B 504 44.46 -74.36 -19.24
CA SER B 504 43.85 -75.00 -18.09
C SER B 504 44.83 -75.94 -17.41
N ARG B 505 45.04 -75.62 -16.16
CA ARG B 505 45.92 -76.39 -15.25
C ARG B 505 47.40 -76.42 -15.67
N ALA B 506 47.86 -75.34 -16.26
CA ALA B 506 49.29 -75.25 -16.68
C ALA B 506 50.06 -74.52 -15.58
N ALA B 507 51.34 -74.81 -15.50
CA ALA B 507 52.23 -74.20 -14.48
C ALA B 507 53.14 -73.14 -15.13
N VAL B 508 52.90 -72.81 -16.38
CA VAL B 508 53.67 -71.79 -17.09
C VAL B 508 52.79 -71.05 -18.11
N GLY B 509 53.21 -69.85 -18.50
CA GLY B 509 52.47 -69.07 -19.47
C GLY B 509 52.11 -67.66 -19.02
N ASN B 510 52.07 -67.43 -17.71
CA ASN B 510 51.72 -66.12 -17.15
C ASN B 510 52.62 -65.00 -17.64
N LYS B 511 52.03 -63.79 -17.75
CA LYS B 511 52.79 -62.63 -18.25
C LYS B 511 52.41 -61.37 -17.48
N MET B 512 53.40 -60.51 -17.34
CA MET B 512 53.21 -59.22 -16.66
C MET B 512 53.55 -58.10 -17.63
N PHE B 513 52.58 -57.25 -17.85
CA PHE B 513 52.70 -56.09 -18.76
C PHE B 513 52.79 -54.81 -17.92
N VAL B 514 53.90 -54.11 -18.07
CA VAL B 514 54.16 -52.87 -17.31
C VAL B 514 54.13 -51.61 -18.19
N LYS B 515 53.73 -50.54 -17.55
CA LYS B 515 53.61 -49.23 -18.18
C LYS B 515 54.03 -48.17 -17.16
N GLY B 516 54.75 -47.14 -17.62
CA GLY B 516 55.19 -46.06 -16.70
C GLY B 516 56.29 -45.18 -17.32
N ALA B 517 56.75 -44.25 -16.43
CA ALA B 517 57.79 -43.30 -16.81
C ALA B 517 59.00 -44.09 -17.20
N PRO B 518 59.66 -43.70 -18.30
CA PRO B 518 60.84 -44.29 -18.93
C PRO B 518 62.08 -44.58 -18.09
N GLU B 519 62.52 -43.63 -17.27
CA GLU B 519 63.73 -43.84 -16.48
C GLU B 519 63.67 -45.14 -15.68
N GLY B 520 62.78 -45.18 -14.70
CA GLY B 520 62.66 -46.36 -13.87
C GLY B 520 62.25 -47.63 -14.61
N VAL B 521 61.24 -47.54 -15.48
CA VAL B 521 60.83 -48.75 -16.20
C VAL B 521 61.95 -49.34 -17.02
N ILE B 522 62.74 -48.49 -17.67
CA ILE B 522 63.87 -48.98 -18.46
C ILE B 522 64.98 -49.48 -17.55
N ASP B 523 65.22 -48.83 -16.43
CA ASP B 523 66.26 -49.30 -15.53
C ASP B 523 65.99 -50.71 -15.00
N ARG B 524 64.72 -51.12 -14.98
CA ARG B 524 64.40 -52.46 -14.47
C ARG B 524 64.30 -53.50 -15.57
N CYS B 525 64.63 -53.11 -16.80
CA CYS B 525 64.59 -54.01 -17.94
C CYS B 525 65.99 -54.64 -18.06
N ASN B 526 66.05 -55.96 -18.13
CA ASN B 526 67.35 -56.64 -18.29
C ASN B 526 67.42 -57.21 -19.69
N TYR B 527 66.32 -57.12 -20.42
CA TYR B 527 66.22 -57.64 -21.77
C TYR B 527 65.50 -56.62 -22.67
N VAL B 528 65.67 -56.80 -23.98
CA VAL B 528 65.06 -55.93 -24.98
C VAL B 528 64.37 -56.82 -26.00
N ARG B 529 63.19 -56.43 -26.46
CA ARG B 529 62.51 -57.25 -27.43
C ARG B 529 62.77 -56.81 -28.86
N VAL B 530 62.95 -57.80 -29.74
CA VAL B 530 63.22 -57.58 -31.15
C VAL B 530 62.34 -58.53 -31.94
N GLY B 531 61.13 -58.08 -32.24
CA GLY B 531 60.20 -58.91 -32.98
C GLY B 531 59.56 -59.85 -31.98
N THR B 532 59.98 -61.12 -32.00
CA THR B 532 59.47 -62.11 -31.07
C THR B 532 60.62 -62.58 -30.18
N THR B 533 61.84 -62.21 -30.57
CA THR B 533 63.03 -62.60 -29.85
C THR B 533 63.40 -61.61 -28.75
N ARG B 534 64.41 -61.94 -27.96
CA ARG B 534 64.84 -61.08 -26.87
C ARG B 534 66.34 -61.15 -26.66
N VAL B 535 66.96 -60.07 -26.20
CA VAL B 535 68.40 -60.04 -25.99
C VAL B 535 68.78 -59.15 -24.81
N PRO B 536 69.86 -59.49 -24.11
CA PRO B 536 70.30 -58.69 -22.96
C PRO B 536 70.37 -57.18 -23.21
N MET B 537 69.86 -56.40 -22.28
CA MET B 537 69.88 -54.95 -22.39
C MET B 537 71.35 -54.53 -22.41
N THR B 538 71.79 -53.90 -23.50
CA THR B 538 73.19 -53.48 -23.57
C THR B 538 73.26 -52.00 -23.29
N GLY B 539 74.28 -51.59 -22.52
CA GLY B 539 74.45 -50.19 -22.17
C GLY B 539 74.21 -49.25 -23.34
N PRO B 540 74.85 -49.49 -24.48
CA PRO B 540 74.65 -48.62 -25.64
C PRO B 540 73.21 -48.56 -26.11
N VAL B 541 72.59 -49.71 -26.37
CA VAL B 541 71.21 -49.76 -26.85
C VAL B 541 70.26 -49.03 -25.89
N LYS B 542 70.64 -48.97 -24.62
CA LYS B 542 69.83 -48.30 -23.62
C LYS B 542 69.92 -46.79 -23.83
N GLU B 543 71.07 -46.31 -24.31
CA GLU B 543 71.25 -44.89 -24.55
C GLU B 543 70.47 -44.51 -25.79
N LYS B 544 70.38 -45.43 -26.74
CA LYS B 544 69.62 -45.18 -27.95
C LYS B 544 68.19 -44.90 -27.51
N ILE B 545 67.63 -45.83 -26.73
CA ILE B 545 66.27 -45.68 -26.22
C ILE B 545 66.12 -44.37 -25.47
N LEU B 546 67.05 -44.10 -24.56
CA LEU B 546 67.00 -42.89 -23.75
C LEU B 546 67.14 -41.62 -24.59
N SER B 547 68.03 -41.64 -25.58
CA SER B 547 68.24 -40.45 -26.42
C SER B 547 66.98 -40.04 -27.17
N VAL B 548 66.29 -41.02 -27.76
CA VAL B 548 65.06 -40.72 -28.48
C VAL B 548 63.98 -40.18 -27.54
N ILE B 549 63.93 -40.74 -26.33
CA ILE B 549 62.95 -40.31 -25.35
C ILE B 549 63.23 -38.85 -25.03
N LYS B 550 64.50 -38.51 -24.79
CA LYS B 550 64.89 -37.15 -24.47
C LYS B 550 64.50 -36.19 -25.60
N GLU B 551 64.66 -36.67 -26.83
CA GLU B 551 64.32 -35.93 -28.05
C GLU B 551 62.83 -35.61 -28.10
N TRP B 552 62.01 -36.64 -27.94
CA TRP B 552 60.56 -36.46 -27.97
C TRP B 552 60.06 -35.60 -26.79
N GLY B 553 60.65 -35.78 -25.63
CA GLY B 553 60.17 -35.03 -24.48
C GLY B 553 60.74 -33.63 -24.34
N THR B 554 61.98 -33.43 -24.76
CA THR B 554 62.62 -32.13 -24.63
C THR B 554 62.70 -31.33 -25.94
N GLY B 555 62.35 -31.98 -27.05
CA GLY B 555 62.38 -31.31 -28.34
C GLY B 555 61.06 -30.57 -28.56
N ARG B 556 60.85 -30.06 -29.77
CA ARG B 556 59.63 -29.32 -30.09
C ARG B 556 58.35 -30.13 -30.02
N ASP B 557 58.46 -31.46 -30.02
CA ASP B 557 57.26 -32.30 -29.94
C ASP B 557 56.59 -32.21 -28.57
N THR B 558 57.37 -31.87 -27.54
CA THR B 558 56.86 -31.80 -26.16
C THR B 558 55.92 -32.94 -25.84
N LEU B 559 56.36 -34.17 -26.06
CA LEU B 559 55.52 -35.33 -25.82
C LEU B 559 55.79 -35.99 -24.46
N ARG B 560 54.72 -36.53 -23.86
CA ARG B 560 54.84 -37.22 -22.58
C ARG B 560 55.13 -38.65 -22.98
N CYS B 561 56.27 -39.18 -22.54
CA CYS B 561 56.62 -40.54 -22.89
C CYS B 561 56.32 -41.62 -21.84
N LEU B 562 55.92 -42.79 -22.33
CA LEU B 562 55.61 -43.94 -21.50
C LEU B 562 56.44 -45.14 -22.01
N ALA B 563 57.05 -45.87 -21.10
CA ALA B 563 57.84 -47.04 -21.48
C ALA B 563 56.93 -48.26 -21.32
N LEU B 564 57.01 -49.19 -22.26
CA LEU B 564 56.18 -50.38 -22.21
C LEU B 564 57.07 -51.62 -22.12
N ALA B 565 56.81 -52.46 -21.12
CA ALA B 565 57.60 -53.68 -20.96
C ALA B 565 56.77 -54.84 -20.44
N THR B 566 57.33 -56.04 -20.56
CA THR B 566 56.65 -57.21 -20.08
C THR B 566 57.66 -58.06 -19.33
N ARG B 567 57.26 -58.56 -18.17
CA ARG B 567 58.13 -59.45 -17.40
C ARG B 567 57.80 -60.82 -18.00
N ASP B 568 58.68 -61.32 -18.86
CA ASP B 568 58.44 -62.62 -19.50
C ASP B 568 58.14 -63.75 -18.49
N THR B 569 58.95 -63.85 -17.44
CA THR B 569 58.76 -64.87 -16.43
C THR B 569 58.34 -64.19 -15.12
N PRO B 570 57.05 -63.86 -14.98
CA PRO B 570 56.60 -63.21 -13.75
C PRO B 570 56.73 -64.17 -12.56
N PRO B 571 56.89 -63.65 -11.33
CA PRO B 571 57.01 -64.58 -10.20
C PRO B 571 55.76 -65.44 -10.02
N LYS B 572 55.94 -66.58 -9.33
CA LYS B 572 54.82 -67.48 -9.07
C LYS B 572 53.70 -66.68 -8.42
N ARG B 573 52.48 -66.92 -8.85
CA ARG B 573 51.35 -66.18 -8.32
C ARG B 573 51.23 -66.31 -6.80
N GLU B 574 51.56 -67.48 -6.26
CA GLU B 574 51.45 -67.67 -4.81
C GLU B 574 52.50 -66.84 -4.10
N GLU B 575 53.63 -66.63 -4.77
CA GLU B 575 54.73 -65.87 -4.17
C GLU B 575 54.52 -64.36 -4.16
N MET B 576 53.31 -63.91 -4.44
CA MET B 576 53.06 -62.47 -4.45
C MET B 576 52.00 -62.04 -3.45
N VAL B 577 52.24 -60.89 -2.83
CA VAL B 577 51.30 -60.32 -1.89
C VAL B 577 50.77 -59.05 -2.52
N LEU B 578 49.49 -59.08 -2.89
CA LEU B 578 48.81 -57.96 -3.53
C LEU B 578 48.41 -56.84 -2.57
N ASP B 579 48.83 -56.93 -1.30
CA ASP B 579 48.47 -55.93 -0.30
C ASP B 579 49.54 -54.89 0.02
N ASP B 580 50.80 -55.25 -0.20
CA ASP B 580 51.89 -54.35 0.12
C ASP B 580 52.38 -53.66 -1.13
N SER B 581 51.74 -52.55 -1.47
CA SER B 581 52.13 -51.82 -2.66
C SER B 581 53.64 -51.61 -2.69
N SER B 582 54.28 -51.78 -1.53
CA SER B 582 55.74 -51.60 -1.43
C SER B 582 56.54 -52.65 -2.18
N ARG B 583 55.93 -53.82 -2.40
CA ARG B 583 56.60 -54.90 -3.11
C ARG B 583 56.32 -54.89 -4.60
N PHE B 584 55.56 -53.90 -5.07
CA PHE B 584 55.22 -53.82 -6.49
C PHE B 584 56.40 -53.57 -7.42
N MET B 585 57.29 -52.66 -7.06
CA MET B 585 58.45 -52.42 -7.90
C MET B 585 59.17 -53.74 -8.10
N GLU B 586 59.49 -54.41 -6.99
CA GLU B 586 60.18 -55.71 -7.02
C GLU B 586 59.51 -56.70 -7.96
N TYR B 587 58.18 -56.74 -7.95
CA TYR B 587 57.47 -57.66 -8.82
C TYR B 587 57.72 -57.27 -10.27
N GLU B 588 57.87 -55.96 -10.52
CA GLU B 588 58.10 -55.45 -11.87
C GLU B 588 59.59 -55.35 -12.11
N THR B 589 60.29 -56.48 -11.98
CA THR B 589 61.72 -56.53 -12.18
C THR B 589 62.04 -57.52 -13.27
N ASP B 590 63.27 -57.48 -13.78
CA ASP B 590 63.66 -58.41 -14.84
C ASP B 590 62.72 -58.27 -16.03
N LEU B 591 62.45 -57.01 -16.42
CA LEU B 591 61.50 -56.74 -17.51
C LEU B 591 62.17 -56.73 -18.85
N THR B 592 61.31 -56.72 -19.84
CA THR B 592 61.70 -56.68 -21.22
C THR B 592 61.15 -55.45 -21.86
N PHE B 593 62.04 -54.66 -22.39
CA PHE B 593 61.64 -53.44 -23.05
C PHE B 593 60.94 -53.78 -24.36
N VAL B 594 59.72 -53.33 -24.48
CA VAL B 594 58.99 -53.57 -25.70
C VAL B 594 59.05 -52.32 -26.56
N GLY B 595 58.66 -51.18 -25.98
CA GLY B 595 58.69 -49.96 -26.75
C GLY B 595 58.38 -48.71 -25.94
N VAL B 596 58.11 -47.63 -26.68
CA VAL B 596 57.81 -46.34 -26.09
C VAL B 596 56.73 -45.68 -26.92
N VAL B 597 55.85 -44.95 -26.24
CA VAL B 597 54.79 -44.22 -26.91
C VAL B 597 54.87 -42.80 -26.36
N GLY B 598 54.77 -41.81 -27.25
CA GLY B 598 54.85 -40.44 -26.83
C GLY B 598 53.54 -39.78 -27.15
N MET B 599 52.88 -39.22 -26.13
CA MET B 599 51.60 -38.57 -26.34
C MET B 599 51.62 -37.07 -26.11
N LEU B 600 50.66 -36.38 -26.73
CA LEU B 600 50.58 -34.93 -26.63
C LEU B 600 49.31 -34.38 -26.05
N ASP B 601 49.48 -33.37 -25.20
CA ASP B 601 48.34 -32.65 -24.62
C ASP B 601 48.51 -31.27 -25.25
N PRO B 602 47.94 -31.07 -26.44
CA PRO B 602 48.01 -29.84 -27.21
C PRO B 602 47.62 -28.53 -26.52
N PRO B 603 48.45 -27.49 -26.70
CA PRO B 603 48.21 -26.16 -26.14
C PRO B 603 46.92 -25.63 -26.75
N ARG B 604 46.14 -24.86 -25.99
CA ARG B 604 44.90 -24.27 -26.51
C ARG B 604 45.27 -23.49 -27.75
N LYS B 605 44.40 -23.52 -28.76
CA LYS B 605 44.70 -22.79 -29.99
C LYS B 605 44.86 -21.28 -29.84
N GLU B 606 44.51 -20.73 -28.67
CA GLU B 606 44.63 -19.29 -28.47
C GLU B 606 45.75 -18.87 -27.54
N VAL B 607 46.30 -19.82 -26.79
CA VAL B 607 47.32 -19.50 -25.83
C VAL B 607 48.56 -18.83 -26.41
N MET B 608 48.96 -19.22 -27.61
CA MET B 608 50.14 -18.60 -28.23
C MET B 608 49.90 -17.08 -28.30
N GLY B 609 48.75 -16.72 -28.86
CA GLY B 609 48.40 -15.32 -28.98
C GLY B 609 48.29 -14.59 -27.66
N SER B 610 47.45 -15.10 -26.76
CA SER B 610 47.27 -14.48 -25.45
C SER B 610 48.59 -14.32 -24.68
N ILE B 611 49.45 -15.34 -24.73
CA ILE B 611 50.72 -15.24 -24.01
C ILE B 611 51.44 -14.00 -24.55
N GLN B 612 51.37 -13.82 -25.88
CA GLN B 612 52.01 -12.69 -26.55
C GLN B 612 51.38 -11.37 -26.11
N LEU B 613 50.06 -11.36 -26.00
CA LEU B 613 49.39 -10.15 -25.54
C LEU B 613 49.93 -9.76 -24.16
N CYS B 614 50.17 -10.76 -23.31
CA CYS B 614 50.66 -10.50 -21.98
C CYS B 614 52.04 -9.83 -21.98
N ARG B 615 52.89 -10.23 -22.93
CA ARG B 615 54.22 -9.66 -23.04
C ARG B 615 54.06 -8.21 -23.49
N ASP B 616 53.12 -7.97 -24.39
CA ASP B 616 52.87 -6.62 -24.89
C ASP B 616 52.33 -5.74 -23.77
N ALA B 617 51.62 -6.35 -22.82
CA ALA B 617 51.04 -5.62 -21.70
C ALA B 617 51.94 -5.57 -20.48
N GLY B 618 53.12 -6.16 -20.56
CA GLY B 618 54.00 -6.15 -19.41
C GLY B 618 53.52 -7.08 -18.29
N ILE B 619 52.67 -8.04 -18.63
CA ILE B 619 52.17 -8.98 -17.66
C ILE B 619 52.95 -10.29 -17.74
N ARG B 620 53.58 -10.68 -16.64
CA ARG B 620 54.35 -11.92 -16.61
C ARG B 620 53.42 -13.13 -16.53
N VAL B 621 53.84 -14.21 -17.17
CA VAL B 621 53.08 -15.46 -17.19
C VAL B 621 53.94 -16.58 -16.60
N ILE B 622 53.43 -17.25 -15.57
CA ILE B 622 54.16 -18.36 -14.95
C ILE B 622 53.33 -19.63 -15.09
N MET B 623 53.93 -20.66 -15.67
CA MET B 623 53.26 -21.93 -15.85
C MET B 623 53.53 -22.87 -14.66
N ILE B 624 52.48 -23.49 -14.13
CA ILE B 624 52.65 -24.45 -13.05
C ILE B 624 52.18 -25.78 -13.65
N THR B 625 53.10 -26.73 -13.77
CA THR B 625 52.79 -28.04 -14.37
C THR B 625 53.35 -29.25 -13.62
N GLY B 626 52.75 -30.40 -13.90
CA GLY B 626 53.20 -31.64 -13.29
C GLY B 626 54.20 -32.34 -14.19
N ASP B 627 54.49 -31.77 -15.36
CA ASP B 627 55.46 -32.35 -16.27
C ASP B 627 56.82 -32.30 -15.59
N ASN B 628 57.76 -33.12 -16.05
CA ASN B 628 59.07 -33.05 -15.44
C ASN B 628 59.65 -31.70 -15.92
N LYS B 629 60.72 -31.25 -15.26
CA LYS B 629 61.34 -29.98 -15.59
C LYS B 629 61.59 -29.80 -17.10
N GLY B 630 62.20 -30.82 -17.71
CA GLY B 630 62.53 -30.76 -19.14
C GLY B 630 61.40 -30.49 -20.10
N THR B 631 60.40 -31.36 -20.10
CA THR B 631 59.26 -31.19 -20.99
C THR B 631 58.56 -29.88 -20.64
N ALA B 632 58.60 -29.50 -19.35
CA ALA B 632 57.95 -28.27 -18.91
C ALA B 632 58.57 -27.06 -19.62
N ILE B 633 59.90 -27.04 -19.68
CA ILE B 633 60.59 -25.94 -20.35
C ILE B 633 60.24 -25.99 -21.84
N ALA B 634 60.26 -27.20 -22.39
CA ALA B 634 59.96 -27.39 -23.80
C ALA B 634 58.56 -26.89 -24.14
N ILE B 635 57.63 -27.03 -23.21
CA ILE B 635 56.27 -26.57 -23.44
C ILE B 635 56.23 -25.04 -23.39
N CYS B 636 57.04 -24.48 -22.50
CA CYS B 636 57.12 -23.04 -22.33
C CYS B 636 57.72 -22.41 -23.59
N ARG B 637 58.76 -23.04 -24.14
CA ARG B 637 59.37 -22.53 -25.35
C ARG B 637 58.34 -22.61 -26.46
N ARG B 638 57.58 -23.70 -26.47
CA ARG B 638 56.56 -23.91 -27.50
C ARG B 638 55.40 -22.94 -27.49
N ILE B 639 54.90 -22.58 -26.32
CA ILE B 639 53.78 -21.63 -26.28
C ILE B 639 54.27 -20.18 -26.21
N GLY B 640 55.58 -20.02 -26.17
CA GLY B 640 56.14 -18.69 -26.16
C GLY B 640 56.44 -18.05 -24.83
N ILE B 641 56.40 -18.81 -23.75
CA ILE B 641 56.71 -18.26 -22.43
C ILE B 641 58.20 -17.96 -22.44
N PHE B 642 58.96 -18.89 -23.00
CA PHE B 642 60.40 -18.76 -23.14
C PHE B 642 60.70 -18.71 -24.63
N GLY B 643 61.80 -18.07 -24.99
CA GLY B 643 62.21 -18.02 -26.38
C GLY B 643 62.87 -19.34 -26.72
N GLU B 644 62.65 -19.80 -27.95
CA GLU B 644 63.20 -21.04 -28.43
C GLU B 644 64.64 -21.37 -28.00
N ASN B 645 65.50 -20.35 -27.94
CA ASN B 645 66.90 -20.58 -27.59
C ASN B 645 67.44 -19.77 -26.41
N GLU B 646 66.58 -19.10 -25.65
CA GLU B 646 67.08 -18.32 -24.53
C GLU B 646 67.43 -19.20 -23.33
N GLU B 647 68.27 -18.69 -22.45
CA GLU B 647 68.66 -19.42 -21.26
C GLU B 647 67.55 -19.33 -20.21
N VAL B 648 67.31 -20.44 -19.53
CA VAL B 648 66.25 -20.48 -18.52
C VAL B 648 66.70 -21.18 -17.24
N ALA B 649 68.01 -21.40 -17.11
CA ALA B 649 68.57 -22.07 -15.94
C ALA B 649 67.91 -21.68 -14.62
N ASP B 650 67.77 -20.37 -14.40
CA ASP B 650 67.18 -19.84 -13.17
C ASP B 650 65.81 -19.23 -13.39
N ARG B 651 65.08 -19.75 -14.36
CA ARG B 651 63.75 -19.21 -14.63
C ARG B 651 62.71 -20.32 -14.56
N ALA B 652 63.19 -21.53 -14.30
CA ALA B 652 62.33 -22.70 -14.21
C ALA B 652 62.78 -23.56 -13.04
N TYR B 653 61.83 -24.00 -12.23
CA TYR B 653 62.17 -24.84 -11.07
C TYR B 653 61.12 -25.92 -10.79
N THR B 654 61.60 -27.04 -10.23
CA THR B 654 60.72 -28.13 -9.84
C THR B 654 60.51 -27.91 -8.35
N GLY B 655 59.46 -28.52 -7.79
CA GLY B 655 59.22 -28.37 -6.37
C GLY B 655 60.51 -28.61 -5.60
N ARG B 656 61.09 -29.79 -5.77
CA ARG B 656 62.33 -30.18 -5.09
C ARG B 656 63.38 -29.05 -5.09
N GLU B 657 63.78 -28.61 -6.28
CA GLU B 657 64.78 -27.55 -6.41
C GLU B 657 64.41 -26.31 -5.62
N PHE B 658 63.12 -25.99 -5.64
CA PHE B 658 62.61 -24.82 -4.93
C PHE B 658 62.82 -24.94 -3.41
N ASP B 659 62.49 -26.10 -2.86
CA ASP B 659 62.65 -26.31 -1.42
C ASP B 659 64.10 -26.22 -0.98
N ASP B 660 65.02 -26.64 -1.85
CA ASP B 660 66.44 -26.63 -1.52
C ASP B 660 67.00 -25.22 -1.44
N LEU B 661 66.21 -24.24 -1.86
CA LEU B 661 66.65 -22.85 -1.81
C LEU B 661 66.21 -22.23 -0.49
N PRO B 662 67.05 -21.37 0.10
CA PRO B 662 66.74 -20.69 1.36
C PRO B 662 65.71 -19.57 1.14
N LEU B 663 64.92 -19.29 2.17
CA LEU B 663 63.88 -18.26 2.12
C LEU B 663 64.24 -16.98 1.36
N ALA B 664 65.52 -16.67 1.28
CA ALA B 664 65.96 -15.47 0.56
C ALA B 664 66.08 -15.73 -0.94
N GLU B 665 66.55 -16.92 -1.28
CA GLU B 665 66.72 -17.30 -2.68
C GLU B 665 65.41 -17.71 -3.33
N GLN B 666 64.47 -18.19 -2.53
CA GLN B 666 63.16 -18.59 -3.04
C GLN B 666 62.43 -17.34 -3.49
N ARG B 667 62.51 -16.30 -2.66
CA ARG B 667 61.89 -15.01 -2.96
C ARG B 667 62.45 -14.52 -4.30
N GLU B 668 63.78 -14.52 -4.37
CA GLU B 668 64.48 -14.06 -5.55
C GLU B 668 64.03 -14.84 -6.80
N ALA B 669 63.96 -16.16 -6.68
CA ALA B 669 63.55 -17.00 -7.80
C ALA B 669 62.16 -16.68 -8.32
N CYS B 670 61.25 -16.28 -7.43
CA CYS B 670 59.88 -15.99 -7.87
C CYS B 670 59.74 -14.73 -8.70
N ARG B 671 60.69 -13.82 -8.60
CA ARG B 671 60.59 -12.58 -9.37
C ARG B 671 61.03 -12.84 -10.79
N ARG B 672 61.84 -13.87 -10.98
CA ARG B 672 62.38 -14.23 -12.30
C ARG B 672 61.79 -15.48 -12.96
N ALA B 673 61.33 -16.44 -12.16
CA ALA B 673 60.79 -17.69 -12.69
C ALA B 673 59.52 -17.56 -13.51
N CYS B 674 59.39 -18.44 -14.49
CA CYS B 674 58.22 -18.46 -15.35
C CYS B 674 57.75 -19.89 -15.56
N CYS B 675 58.39 -20.81 -14.87
CA CYS B 675 58.06 -22.21 -15.00
C CYS B 675 58.28 -23.00 -13.70
N PHE B 676 57.20 -23.45 -13.08
CA PHE B 676 57.30 -24.27 -11.88
C PHE B 676 56.77 -25.67 -12.20
N ALA B 677 57.65 -26.67 -12.07
CA ALA B 677 57.28 -28.04 -12.37
C ALA B 677 57.31 -28.94 -11.13
N ARG B 678 56.38 -29.88 -11.04
CA ARG B 678 56.31 -30.82 -9.90
C ARG B 678 56.37 -30.04 -8.59
N VAL B 679 55.36 -29.19 -8.40
CA VAL B 679 55.23 -28.33 -7.23
C VAL B 679 54.57 -29.01 -6.04
N GLU B 680 55.05 -28.65 -4.85
CA GLU B 680 54.53 -29.20 -3.59
C GLU B 680 53.20 -28.58 -3.21
N PRO B 681 52.47 -29.21 -2.28
CA PRO B 681 51.16 -28.70 -1.83
C PRO B 681 51.17 -27.28 -1.28
N SER B 682 52.29 -26.90 -0.69
CA SER B 682 52.44 -25.59 -0.08
C SER B 682 53.25 -24.61 -0.94
N HIS B 683 53.23 -24.77 -2.26
CA HIS B 683 54.02 -23.85 -3.07
C HIS B 683 53.24 -22.72 -3.71
N LYS B 684 52.06 -23.02 -4.23
CA LYS B 684 51.27 -21.97 -4.85
C LYS B 684 51.14 -20.81 -3.87
N SER B 685 50.96 -21.12 -2.58
CA SER B 685 50.82 -20.10 -1.55
C SER B 685 52.12 -19.35 -1.32
N LYS B 686 53.22 -20.07 -1.24
CA LYS B 686 54.48 -19.39 -1.03
C LYS B 686 54.79 -18.49 -2.22
N ILE B 687 54.52 -19.00 -3.43
CA ILE B 687 54.80 -18.22 -4.62
C ILE B 687 53.99 -16.92 -4.68
N VAL B 688 52.72 -16.98 -4.30
CA VAL B 688 51.89 -15.80 -4.31
C VAL B 688 52.44 -14.81 -3.29
N GLU B 689 52.86 -15.35 -2.15
CA GLU B 689 53.42 -14.52 -1.10
C GLU B 689 54.68 -13.82 -1.55
N TYR B 690 55.62 -14.57 -2.12
CA TYR B 690 56.88 -13.99 -2.59
C TYR B 690 56.63 -12.98 -3.69
N LEU B 691 55.66 -13.25 -4.54
CA LEU B 691 55.31 -12.33 -5.61
C LEU B 691 54.77 -11.03 -5.02
N GLN B 692 53.95 -11.15 -3.97
CA GLN B 692 53.39 -9.98 -3.35
C GLN B 692 54.42 -9.17 -2.56
N SER B 693 55.57 -9.79 -2.28
CA SER B 693 56.63 -9.10 -1.55
C SER B 693 57.38 -8.15 -2.50
N TYR B 694 56.96 -8.14 -3.76
CA TYR B 694 57.54 -7.27 -4.78
C TYR B 694 56.40 -6.42 -5.28
N ASP B 695 55.37 -6.34 -4.44
CA ASP B 695 54.18 -5.53 -4.73
C ASP B 695 53.43 -5.88 -6.04
N GLU B 696 53.63 -7.08 -6.55
CA GLU B 696 52.95 -7.49 -7.77
C GLU B 696 51.51 -7.97 -7.56
N ILE B 697 50.57 -7.47 -8.36
CA ILE B 697 49.19 -7.90 -8.25
C ILE B 697 49.19 -9.26 -8.95
N THR B 698 49.07 -10.32 -8.16
CA THR B 698 49.11 -11.67 -8.69
C THR B 698 47.78 -12.38 -8.91
N ALA B 699 47.69 -13.04 -10.06
CA ALA B 699 46.50 -13.82 -10.42
C ALA B 699 46.99 -15.28 -10.36
N MET B 700 46.19 -16.14 -9.73
CA MET B 700 46.56 -17.55 -9.57
C MET B 700 45.36 -18.46 -9.86
N THR B 701 45.60 -19.55 -10.59
CA THR B 701 44.55 -20.50 -10.95
C THR B 701 44.66 -21.75 -10.08
N GLY B 702 43.61 -22.56 -10.05
CA GLY B 702 43.64 -23.80 -9.29
C GLY B 702 42.29 -24.36 -8.92
N ASP B 703 42.26 -25.50 -8.25
CA ASP B 703 41.01 -26.06 -7.77
C ASP B 703 41.22 -26.94 -6.56
N GLY B 704 40.13 -27.55 -6.09
CA GLY B 704 40.19 -28.38 -4.91
C GLY B 704 40.49 -27.54 -3.69
N VAL B 705 40.34 -28.12 -2.50
CA VAL B 705 40.60 -27.41 -1.27
C VAL B 705 42.09 -27.09 -1.16
N ASN B 706 42.93 -27.92 -1.76
CA ASN B 706 44.37 -27.68 -1.71
C ASN B 706 44.72 -26.29 -2.23
N ASP B 707 44.02 -25.82 -3.26
CA ASP B 707 44.35 -24.52 -3.83
C ASP B 707 43.60 -23.36 -3.22
N ALA B 708 42.59 -23.67 -2.42
CA ALA B 708 41.79 -22.61 -1.79
C ALA B 708 42.66 -21.56 -1.12
N PRO B 709 43.61 -21.99 -0.28
CA PRO B 709 44.46 -21.00 0.39
C PRO B 709 45.08 -20.01 -0.59
N ALA B 710 45.79 -20.55 -1.57
CA ALA B 710 46.47 -19.76 -2.59
C ALA B 710 45.48 -18.89 -3.35
N LEU B 711 44.33 -19.46 -3.69
CA LEU B 711 43.31 -18.70 -4.41
C LEU B 711 42.87 -17.53 -3.53
N LYS B 712 42.69 -17.79 -2.25
CA LYS B 712 42.27 -16.73 -1.36
C LYS B 712 43.33 -15.65 -1.25
N LYS B 713 44.60 -16.03 -1.16
CA LYS B 713 45.68 -15.06 -1.03
C LYS B 713 45.99 -14.18 -2.24
N ALA B 714 46.17 -14.79 -3.42
CA ALA B 714 46.45 -14.00 -4.62
C ALA B 714 45.40 -12.90 -4.74
N GLU B 715 45.72 -11.84 -5.49
CA GLU B 715 44.78 -10.74 -5.64
C GLU B 715 43.58 -11.15 -6.47
N ILE B 716 43.84 -12.00 -7.47
CA ILE B 716 42.79 -12.53 -8.34
C ILE B 716 42.89 -14.05 -8.41
N GLY B 717 42.33 -14.73 -7.42
CA GLY B 717 42.34 -16.18 -7.45
C GLY B 717 41.40 -16.57 -8.57
N ILE B 718 41.80 -17.52 -9.40
CA ILE B 718 40.96 -17.91 -10.52
C ILE B 718 40.60 -19.39 -10.49
N ALA B 719 39.32 -19.69 -10.70
CA ALA B 719 38.87 -21.08 -10.67
C ALA B 719 38.37 -21.52 -12.03
N MET B 720 38.30 -22.82 -12.23
CA MET B 720 37.80 -23.36 -13.48
C MET B 720 36.31 -23.55 -13.32
N GLY B 721 35.56 -23.42 -14.40
CA GLY B 721 34.12 -23.60 -14.31
C GLY B 721 33.86 -25.05 -13.92
N SER B 722 34.72 -25.94 -14.42
CA SER B 722 34.61 -27.36 -14.15
C SER B 722 35.34 -27.72 -12.86
N GLY B 723 35.58 -26.72 -12.03
CA GLY B 723 36.30 -26.91 -10.78
C GLY B 723 35.36 -27.15 -9.62
N THR B 724 35.90 -27.41 -8.43
CA THR B 724 35.06 -27.68 -7.25
C THR B 724 34.39 -26.42 -6.72
N ALA B 725 33.25 -26.60 -6.06
CA ALA B 725 32.49 -25.50 -5.49
C ALA B 725 33.32 -24.66 -4.54
N VAL B 726 34.21 -25.29 -3.78
CA VAL B 726 35.03 -24.54 -2.85
C VAL B 726 36.06 -23.65 -3.53
N ALA B 727 36.75 -24.17 -4.54
CA ALA B 727 37.75 -23.36 -5.25
C ALA B 727 37.07 -22.10 -5.81
N LYS B 728 35.86 -22.29 -6.34
CA LYS B 728 35.10 -21.20 -6.92
C LYS B 728 34.82 -20.12 -5.91
N THR B 729 34.25 -20.51 -4.78
CA THR B 729 33.88 -19.56 -3.73
C THR B 729 35.11 -18.88 -3.15
N ALA B 730 36.27 -19.48 -3.33
CA ALA B 730 37.51 -18.89 -2.83
C ALA B 730 38.13 -17.99 -3.90
N SER B 731 37.49 -17.92 -5.07
CA SER B 731 38.07 -17.11 -6.14
C SER B 731 37.35 -15.83 -6.52
N GLU B 732 38.12 -14.89 -7.07
CA GLU B 732 37.56 -13.63 -7.54
C GLU B 732 36.94 -13.88 -8.92
N MET B 733 37.50 -14.82 -9.66
CA MET B 733 37.02 -15.12 -11.02
C MET B 733 36.87 -16.60 -11.33
N VAL B 734 35.87 -16.92 -12.14
CA VAL B 734 35.65 -18.31 -12.58
C VAL B 734 35.75 -18.37 -14.12
N LEU B 735 36.42 -19.39 -14.66
CA LEU B 735 36.53 -19.53 -16.10
C LEU B 735 35.52 -20.55 -16.65
N ALA B 736 34.40 -20.04 -17.14
CA ALA B 736 33.34 -20.91 -17.69
C ALA B 736 33.94 -21.89 -18.67
N ASP B 737 34.93 -21.46 -19.46
CA ASP B 737 35.57 -22.36 -20.43
C ASP B 737 36.96 -22.93 -20.04
N ASP B 738 37.42 -22.62 -18.83
CA ASP B 738 38.71 -23.13 -18.33
C ASP B 738 39.93 -22.61 -19.10
N ASN B 739 39.70 -21.79 -20.12
CA ASN B 739 40.75 -21.26 -20.99
C ASN B 739 41.63 -20.12 -20.45
N PHE B 740 42.94 -20.36 -20.41
CA PHE B 740 43.87 -19.34 -19.97
C PHE B 740 43.60 -18.00 -20.69
N SER B 741 43.30 -18.06 -21.98
CA SER B 741 43.07 -16.82 -22.74
C SER B 741 41.92 -15.95 -22.21
N THR B 742 41.00 -16.55 -21.46
CA THR B 742 39.89 -15.81 -20.88
C THR B 742 40.48 -14.85 -19.85
N ILE B 743 41.44 -15.34 -19.08
CA ILE B 743 42.06 -14.50 -18.06
C ILE B 743 42.55 -13.19 -18.71
N VAL B 744 43.34 -13.33 -19.78
CA VAL B 744 43.92 -12.20 -20.50
C VAL B 744 42.83 -11.26 -20.97
N ALA B 745 41.82 -11.81 -21.64
CA ALA B 745 40.72 -11.01 -22.15
C ALA B 745 40.03 -10.25 -21.03
N ALA B 746 39.97 -10.85 -19.84
CA ALA B 746 39.31 -10.20 -18.73
C ALA B 746 40.22 -9.11 -18.13
N VAL B 747 41.52 -9.32 -18.17
CA VAL B 747 42.42 -8.28 -17.63
C VAL B 747 42.24 -7.05 -18.52
N GLU B 748 42.16 -7.28 -19.83
CA GLU B 748 41.98 -6.17 -20.75
C GLU B 748 40.65 -5.48 -20.45
N GLU B 749 39.57 -6.24 -20.43
CA GLU B 749 38.27 -5.65 -20.11
C GLU B 749 38.44 -4.83 -18.82
N GLY B 750 39.17 -5.40 -17.87
CA GLY B 750 39.42 -4.71 -16.62
C GLY B 750 40.17 -3.39 -16.80
N ARG B 751 41.07 -3.31 -17.78
CA ARG B 751 41.82 -2.08 -18.00
C ARG B 751 40.89 -1.02 -18.59
N ALA B 752 39.97 -1.48 -19.43
CA ALA B 752 39.01 -0.59 -20.09
C ALA B 752 37.99 0.03 -19.15
N ILE B 753 37.52 -0.74 -18.16
CA ILE B 753 36.54 -0.24 -17.21
C ILE B 753 37.18 0.84 -16.35
N TYR B 754 38.34 0.53 -15.80
CA TYR B 754 39.02 1.49 -14.94
C TYR B 754 39.28 2.84 -15.62
N ASN B 755 39.82 2.83 -16.84
CA ASN B 755 40.09 4.08 -17.54
C ASN B 755 38.83 4.94 -17.56
N ASN B 756 37.70 4.32 -17.86
CA ASN B 756 36.43 5.02 -17.89
C ASN B 756 35.98 5.40 -16.48
N MET B 757 36.25 4.53 -15.51
CA MET B 757 35.85 4.80 -14.14
C MET B 757 36.64 6.01 -13.69
N LYS B 758 37.93 6.01 -13.97
CA LYS B 758 38.81 7.09 -13.58
C LYS B 758 38.25 8.42 -14.12
N GLN B 759 37.50 8.32 -15.21
CA GLN B 759 36.93 9.50 -15.84
C GLN B 759 35.63 9.96 -15.19
N PHE B 760 34.72 9.03 -14.89
CA PHE B 760 33.50 9.52 -14.27
C PHE B 760 33.78 9.86 -12.83
N ILE B 761 34.81 9.27 -12.27
CA ILE B 761 35.18 9.56 -10.88
C ILE B 761 35.73 10.98 -10.83
N ARG B 762 36.66 11.30 -11.72
CA ARG B 762 37.23 12.64 -11.73
C ARG B 762 36.18 13.69 -12.10
N TYR B 763 35.18 13.28 -12.87
CA TYR B 763 34.10 14.17 -13.30
C TYR B 763 33.25 14.59 -12.12
N LEU B 764 32.88 13.61 -11.29
CA LEU B 764 32.03 13.88 -10.14
C LEU B 764 32.73 14.56 -8.99
N ILE B 765 33.93 14.11 -8.63
CA ILE B 765 34.60 14.74 -7.50
C ILE B 765 34.90 16.18 -7.87
N SER B 766 35.22 16.36 -9.14
CA SER B 766 35.49 17.68 -9.69
C SER B 766 34.33 18.63 -9.40
N SER B 767 33.11 18.17 -9.64
CA SER B 767 31.94 19.01 -9.41
C SER B 767 31.71 19.29 -7.92
N ASN B 768 32.15 18.37 -7.05
CA ASN B 768 31.97 18.60 -5.62
C ASN B 768 32.93 19.71 -5.20
N VAL B 769 34.12 19.72 -5.79
CA VAL B 769 35.07 20.78 -5.49
C VAL B 769 34.40 22.11 -5.83
N GLY B 770 33.93 22.24 -7.07
CA GLY B 770 33.27 23.47 -7.49
C GLY B 770 32.09 23.85 -6.60
N GLU B 771 31.38 22.82 -6.12
CA GLU B 771 30.23 23.06 -5.24
C GLU B 771 30.67 23.65 -3.91
N VAL B 772 31.81 23.21 -3.39
CA VAL B 772 32.28 23.73 -2.11
C VAL B 772 32.84 25.15 -2.25
N VAL B 773 33.29 25.51 -3.44
CA VAL B 773 33.82 26.85 -3.68
C VAL B 773 32.67 27.83 -3.66
N CYS B 774 31.56 27.44 -4.27
CA CYS B 774 30.38 28.29 -4.32
C CYS B 774 29.79 28.49 -2.92
N ILE B 775 29.83 27.45 -2.10
CA ILE B 775 29.31 27.54 -0.73
C ILE B 775 30.30 28.34 0.12
N PHE B 776 31.58 28.19 -0.15
CA PHE B 776 32.58 28.92 0.61
C PHE B 776 32.53 30.39 0.26
N LEU B 777 32.49 30.68 -1.04
CA LEU B 777 32.42 32.05 -1.54
C LEU B 777 31.25 32.78 -0.91
N THR B 778 30.07 32.21 -1.11
CA THR B 778 28.81 32.75 -0.61
C THR B 778 28.82 32.95 0.90
N ALA B 779 29.77 32.31 1.59
CA ALA B 779 29.87 32.46 3.05
C ALA B 779 30.93 33.49 3.41
N ALA B 780 32.01 33.51 2.63
CA ALA B 780 33.10 34.46 2.86
C ALA B 780 32.69 35.86 2.42
N LEU B 781 31.61 35.95 1.66
CA LEU B 781 31.13 37.24 1.20
C LEU B 781 29.88 37.62 2.00
N GLY B 782 29.25 36.64 2.63
CA GLY B 782 28.05 36.90 3.41
C GLY B 782 26.81 37.05 2.54
N LEU B 783 26.92 36.61 1.29
CA LEU B 783 25.81 36.68 0.35
C LEU B 783 24.76 35.64 0.68
N PRO B 784 23.56 35.79 0.11
CA PRO B 784 22.46 34.84 0.36
C PRO B 784 22.82 33.50 -0.29
N GLU B 785 22.46 32.41 0.36
CA GLU B 785 22.75 31.08 -0.18
C GLU B 785 22.35 30.99 -1.65
N ALA B 786 23.33 30.73 -2.51
CA ALA B 786 23.06 30.59 -3.94
C ALA B 786 22.45 29.21 -4.20
N LEU B 787 22.91 28.22 -3.46
CA LEU B 787 22.41 26.85 -3.60
C LEU B 787 22.18 26.20 -2.23
N ILE B 788 21.15 25.36 -2.16
CA ILE B 788 20.80 24.65 -0.95
C ILE B 788 20.95 23.13 -1.09
N PRO B 789 21.11 22.41 0.04
CA PRO B 789 21.26 20.96 0.08
C PRO B 789 20.38 20.16 -0.88
N VAL B 790 19.07 20.38 -0.83
CA VAL B 790 18.18 19.65 -1.71
C VAL B 790 18.55 19.80 -3.19
N GLN B 791 18.95 21.00 -3.60
CA GLN B 791 19.35 21.26 -4.98
C GLN B 791 20.62 20.49 -5.34
N LEU B 792 21.68 20.69 -4.56
CA LEU B 792 22.92 20.01 -4.81
C LEU B 792 22.69 18.49 -4.92
N LEU B 793 21.97 17.93 -3.95
CA LEU B 793 21.69 16.50 -3.92
C LEU B 793 21.01 15.92 -5.17
N TRP B 794 20.16 16.71 -5.82
CA TRP B 794 19.49 16.23 -7.04
C TRP B 794 20.57 16.17 -8.11
N VAL B 795 21.40 17.20 -8.15
CA VAL B 795 22.47 17.27 -9.13
C VAL B 795 23.48 16.14 -8.97
N ASN B 796 23.87 15.85 -7.73
CA ASN B 796 24.86 14.81 -7.49
C ASN B 796 24.27 13.40 -7.54
N LEU B 797 22.96 13.31 -7.62
CA LEU B 797 22.30 12.02 -7.66
C LEU B 797 21.70 11.75 -9.01
N VAL B 798 21.03 12.76 -9.56
CA VAL B 798 20.39 12.58 -10.87
C VAL B 798 21.10 13.28 -12.01
N THR B 799 21.06 14.61 -11.99
CA THR B 799 21.65 15.40 -13.07
C THR B 799 23.03 14.97 -13.51
N ASP B 800 23.97 14.89 -12.57
CA ASP B 800 25.35 14.51 -12.89
C ASP B 800 25.59 13.01 -12.93
N GLY B 801 24.62 12.25 -12.44
CA GLY B 801 24.76 10.82 -12.40
C GLY B 801 24.64 10.21 -13.78
N LEU B 802 23.63 10.62 -14.55
CA LEU B 802 23.44 10.07 -15.88
C LEU B 802 24.69 10.25 -16.73
N PRO B 803 25.26 11.46 -16.75
CA PRO B 803 26.48 11.73 -17.53
C PRO B 803 27.65 10.94 -16.97
N ALA B 804 27.74 10.88 -15.65
CA ALA B 804 28.82 10.15 -14.98
C ALA B 804 28.80 8.70 -15.45
N THR B 805 27.61 8.12 -15.40
CA THR B 805 27.39 6.76 -15.82
C THR B 805 27.71 6.59 -17.31
N ALA B 806 27.13 7.44 -18.16
CA ALA B 806 27.38 7.36 -19.61
C ALA B 806 28.87 7.37 -19.90
N LEU B 807 29.63 8.11 -19.09
CA LEU B 807 31.08 8.18 -19.24
C LEU B 807 31.73 6.83 -19.02
N GLY B 808 30.99 5.92 -18.39
CA GLY B 808 31.50 4.59 -18.14
C GLY B 808 31.51 3.79 -19.43
N PHE B 809 30.95 4.36 -20.50
CA PHE B 809 30.92 3.68 -21.78
C PHE B 809 31.82 4.36 -22.82
N ASN B 810 32.78 5.14 -22.32
CA ASN B 810 33.74 5.82 -23.17
C ASN B 810 34.53 4.79 -23.95
N PRO B 811 34.69 4.99 -25.27
CA PRO B 811 35.44 4.04 -26.10
C PRO B 811 36.84 3.83 -25.50
N PRO B 812 37.38 2.61 -25.62
CA PRO B 812 38.71 2.33 -25.06
C PRO B 812 39.89 2.70 -25.96
N ASP B 813 40.96 3.19 -25.35
CA ASP B 813 42.15 3.55 -26.11
C ASP B 813 42.59 2.29 -26.85
N LEU B 814 43.15 2.47 -28.05
CA LEU B 814 43.59 1.35 -28.89
C LEU B 814 44.91 0.73 -28.43
N ASP B 815 45.66 1.49 -27.65
CA ASP B 815 46.96 1.06 -27.12
C ASP B 815 46.76 0.43 -25.73
N ILE B 816 45.50 0.13 -25.41
CA ILE B 816 45.12 -0.46 -24.11
C ILE B 816 46.08 -1.54 -23.60
N MET B 817 46.27 -2.61 -24.38
CA MET B 817 47.16 -3.71 -23.99
C MET B 817 48.58 -3.56 -24.49
N ASP B 818 48.94 -2.37 -24.97
CA ASP B 818 50.29 -2.14 -25.48
C ASP B 818 51.09 -1.35 -24.47
N ARG B 819 50.57 -1.26 -23.25
CA ARG B 819 51.30 -0.55 -22.19
C ARG B 819 51.37 -1.42 -20.93
N PRO B 820 52.38 -1.18 -20.10
CA PRO B 820 52.55 -1.96 -18.86
C PRO B 820 51.39 -1.88 -17.90
N PRO B 821 51.39 -2.75 -16.87
CA PRO B 821 50.31 -2.76 -15.87
C PRO B 821 50.37 -1.44 -15.09
N ARG B 822 49.21 -0.85 -14.86
CA ARG B 822 49.13 0.39 -14.10
C ARG B 822 49.67 0.15 -12.69
N SER B 823 50.29 1.17 -12.10
CA SER B 823 50.79 1.03 -10.74
C SER B 823 49.61 1.20 -9.78
N PRO B 824 49.57 0.39 -8.71
CA PRO B 824 48.49 0.49 -7.73
C PRO B 824 48.48 1.85 -7.06
N LYS B 825 49.67 2.38 -6.80
CA LYS B 825 49.84 3.69 -6.14
C LYS B 825 49.33 4.83 -7.01
N GLU B 826 49.21 4.60 -8.32
CA GLU B 826 48.77 5.63 -9.24
C GLU B 826 47.54 6.39 -8.76
N PRO B 827 47.74 7.63 -8.25
CA PRO B 827 46.63 8.44 -7.76
C PRO B 827 45.74 8.83 -8.93
N LEU B 828 44.48 9.14 -8.64
CA LEU B 828 43.59 9.50 -9.72
C LEU B 828 43.80 10.92 -10.17
N ILE B 829 44.00 11.82 -9.22
CA ILE B 829 44.18 13.23 -9.52
C ILE B 829 45.41 13.78 -8.85
N SER B 830 46.23 14.51 -9.60
CA SER B 830 47.45 15.10 -9.06
C SER B 830 48.15 15.86 -10.18
N GLY B 831 49.07 16.74 -9.83
CA GLY B 831 49.79 17.47 -10.85
C GLY B 831 48.95 18.45 -11.66
N TRP B 832 49.19 18.51 -12.97
CA TRP B 832 48.46 19.46 -13.79
C TRP B 832 46.96 19.21 -13.77
N LEU B 833 46.57 17.96 -13.54
CA LEU B 833 45.15 17.64 -13.48
C LEU B 833 44.59 18.19 -12.16
N PHE B 834 45.43 18.26 -11.14
CA PHE B 834 45.04 18.77 -9.83
C PHE B 834 44.76 20.26 -9.99
N PHE B 835 45.74 20.96 -10.55
CA PHE B 835 45.61 22.39 -10.78
C PHE B 835 44.44 22.67 -11.71
N ARG B 836 44.25 21.81 -12.71
CA ARG B 836 43.17 21.97 -13.67
C ARG B 836 41.79 21.99 -13.01
N TYR B 837 41.53 21.01 -12.15
CA TYR B 837 40.24 20.92 -11.49
C TYR B 837 40.10 21.99 -10.42
N MET B 838 41.24 22.55 -10.04
CA MET B 838 41.29 23.62 -9.06
C MET B 838 40.70 24.82 -9.81
N ALA B 839 41.24 25.08 -11.00
CA ALA B 839 40.78 26.19 -11.82
C ALA B 839 39.30 26.03 -12.05
N ILE B 840 38.91 24.87 -12.60
CA ILE B 840 37.52 24.57 -12.88
C ILE B 840 36.70 24.75 -11.61
N GLY B 841 37.27 24.35 -10.49
CA GLY B 841 36.58 24.50 -9.23
C GLY B 841 36.25 25.95 -8.96
N GLY B 842 37.29 26.79 -8.96
CA GLY B 842 37.11 28.20 -8.73
C GLY B 842 36.21 28.81 -9.79
N TYR B 843 36.22 28.24 -10.99
CA TYR B 843 35.38 28.75 -12.04
C TYR B 843 33.93 28.50 -11.66
N VAL B 844 33.59 27.23 -11.39
CA VAL B 844 32.22 26.91 -11.02
C VAL B 844 31.76 27.73 -9.82
N GLY B 845 32.62 27.82 -8.81
CA GLY B 845 32.28 28.59 -7.63
C GLY B 845 31.90 30.01 -8.01
N ALA B 846 32.81 30.67 -8.73
CA ALA B 846 32.57 32.04 -9.16
C ALA B 846 31.31 32.13 -10.03
N ALA B 847 31.23 31.29 -11.05
CA ALA B 847 30.09 31.29 -11.96
C ALA B 847 28.73 31.09 -11.32
N THR B 848 28.61 30.17 -10.36
CA THR B 848 27.31 29.94 -9.74
C THR B 848 26.94 31.00 -8.71
N VAL B 849 27.95 31.61 -8.09
CA VAL B 849 27.67 32.64 -7.11
C VAL B 849 27.30 33.92 -7.84
N GLY B 850 28.09 34.29 -8.84
CA GLY B 850 27.78 35.48 -9.59
C GLY B 850 26.44 35.33 -10.29
N ALA B 851 26.20 34.19 -10.91
CA ALA B 851 24.93 33.95 -11.61
C ALA B 851 23.73 34.35 -10.77
N ALA B 852 23.78 34.08 -9.48
CA ALA B 852 22.68 34.40 -8.57
C ALA B 852 22.80 35.85 -8.09
N ALA B 853 24.03 36.25 -7.77
CA ALA B 853 24.30 37.62 -7.31
C ALA B 853 24.04 38.61 -8.45
N TRP B 854 23.94 38.09 -9.67
CA TRP B 854 23.67 38.89 -10.86
C TRP B 854 22.19 39.27 -10.84
N TRP B 855 21.35 38.25 -10.85
CA TRP B 855 19.91 38.44 -10.84
C TRP B 855 19.52 39.51 -9.84
N PHE B 856 20.23 39.54 -8.71
CA PHE B 856 19.95 40.52 -7.67
C PHE B 856 20.28 41.94 -8.10
N MET B 857 21.38 42.12 -8.80
CA MET B 857 21.81 43.45 -9.19
C MET B 857 21.56 43.93 -10.63
N TYR B 858 22.02 43.14 -11.60
CA TYR B 858 21.89 43.55 -13.00
C TYR B 858 20.71 42.98 -13.77
N ALA B 859 19.93 42.12 -13.13
CA ALA B 859 18.77 41.51 -13.79
C ALA B 859 17.66 42.53 -14.03
N GLU B 860 16.91 42.33 -15.11
CA GLU B 860 15.81 43.21 -15.46
C GLU B 860 14.59 42.98 -14.58
N ASP B 861 14.13 41.75 -14.51
CA ASP B 861 12.97 41.41 -13.69
C ASP B 861 13.37 41.15 -12.25
N GLY B 862 14.51 41.69 -11.86
CA GLY B 862 14.98 41.49 -10.50
C GLY B 862 15.28 42.77 -9.75
N PRO B 863 15.32 42.70 -8.42
CA PRO B 863 15.58 43.83 -7.50
C PRO B 863 16.92 44.52 -7.77
N GLY B 864 17.10 45.00 -8.99
CA GLY B 864 18.34 45.67 -9.36
C GLY B 864 18.95 46.46 -8.21
N VAL B 865 20.04 45.95 -7.65
CA VAL B 865 20.70 46.61 -6.55
C VAL B 865 22.22 46.59 -6.72
N THR B 866 22.69 47.26 -7.79
CA THR B 866 24.11 47.33 -8.13
C THR B 866 25.07 47.65 -6.97
N TYR B 867 25.66 46.62 -6.39
CA TYR B 867 26.60 46.77 -5.29
C TYR B 867 25.86 47.20 -4.02
N HIS B 868 24.59 46.82 -3.93
CA HIS B 868 23.76 47.20 -2.79
C HIS B 868 24.27 46.69 -1.45
N GLN B 869 25.56 46.39 -1.37
CA GLN B 869 26.13 45.92 -0.12
C GLN B 869 25.34 44.72 0.40
N LEU B 870 25.21 43.68 -0.43
CA LEU B 870 24.49 42.48 0.00
C LEU B 870 25.30 41.97 1.18
N THR B 871 26.60 42.24 1.11
CA THR B 871 27.55 41.85 2.14
C THR B 871 27.22 42.58 3.44
N HIS B 872 27.27 43.91 3.38
CA HIS B 872 27.00 44.76 4.54
C HIS B 872 25.90 44.17 5.40
N PHE B 873 24.81 43.75 4.79
CA PHE B 873 23.72 43.17 5.58
C PHE B 873 22.73 42.22 4.92
N MET B 874 21.93 41.64 5.80
CA MET B 874 20.88 40.68 5.51
C MET B 874 20.29 40.54 6.90
N GLN B 875 20.04 41.68 7.53
CA GLN B 875 19.49 41.74 8.88
C GLN B 875 18.12 42.42 8.83
N CYS B 876 17.99 43.41 7.94
CA CYS B 876 16.74 44.15 7.79
C CYS B 876 16.27 44.77 9.10
N THR B 877 17.10 44.62 10.13
CA THR B 877 16.78 45.17 11.45
C THR B 877 16.89 46.68 11.35
N GLU B 878 17.71 47.14 10.41
CA GLU B 878 17.89 48.57 10.20
C GLU B 878 16.93 49.07 9.13
N ASP B 879 17.01 48.45 7.94
CA ASP B 879 16.14 48.82 6.83
C ASP B 879 16.46 50.24 6.39
N HIS B 880 17.58 50.76 6.88
CA HIS B 880 18.02 52.12 6.56
C HIS B 880 18.62 52.23 5.16
N PRO B 881 19.44 51.25 4.75
CA PRO B 881 20.06 51.28 3.43
C PRO B 881 19.01 51.30 2.31
N HIS B 882 17.77 51.04 2.70
CA HIS B 882 16.64 51.05 1.77
C HIS B 882 15.51 51.84 2.42
N PHE B 883 15.50 53.16 2.21
CA PHE B 883 14.49 54.05 2.79
C PHE B 883 13.05 53.60 2.52
N GLU B 884 12.45 54.15 1.47
CA GLU B 884 11.07 53.84 1.11
C GLU B 884 10.97 52.40 0.59
N GLY B 885 9.93 51.70 1.03
CA GLY B 885 9.73 50.31 0.61
C GLY B 885 9.51 49.41 1.80
N LEU B 886 8.84 48.28 1.56
CA LEU B 886 8.55 47.32 2.63
C LEU B 886 8.71 45.88 2.13
N ASP B 887 9.96 45.48 1.85
CA ASP B 887 10.21 44.12 1.38
C ASP B 887 11.67 43.70 1.47
N CYS B 888 11.95 42.75 2.36
CA CYS B 888 13.30 42.25 2.58
C CYS B 888 13.46 40.78 2.22
N GLU B 889 12.36 40.02 2.28
CA GLU B 889 12.43 38.61 1.96
C GLU B 889 12.63 38.32 0.47
N ILE B 890 12.81 39.36 -0.33
CA ILE B 890 13.02 39.16 -1.76
C ILE B 890 14.37 38.46 -1.93
N PHE B 891 15.12 38.41 -0.84
CA PHE B 891 16.42 37.75 -0.81
C PHE B 891 16.18 36.26 -0.88
N GLU B 892 15.08 35.82 -0.29
CA GLU B 892 14.70 34.42 -0.27
C GLU B 892 14.00 34.04 -1.57
N ALA B 893 14.16 34.87 -2.60
CA ALA B 893 13.54 34.63 -3.89
C ALA B 893 14.18 33.41 -4.55
N PRO B 894 13.37 32.58 -5.21
CA PRO B 894 13.88 31.38 -5.89
C PRO B 894 14.67 31.66 -7.17
N GLU B 895 14.37 32.77 -7.83
CA GLU B 895 15.03 33.17 -9.07
C GLU B 895 16.56 33.07 -9.03
N PRO B 896 17.20 33.79 -8.10
CA PRO B 896 18.66 33.77 -7.99
C PRO B 896 19.25 32.38 -7.78
N MET B 897 18.51 31.51 -7.10
CA MET B 897 18.99 30.15 -6.87
C MET B 897 18.79 29.34 -8.13
N THR B 898 17.67 29.55 -8.79
CA THR B 898 17.40 28.83 -10.02
C THR B 898 18.46 29.20 -11.04
N MET B 899 18.94 30.43 -10.96
CA MET B 899 19.98 30.92 -11.86
C MET B 899 21.29 30.22 -11.52
N ALA B 900 21.51 29.99 -10.24
CA ALA B 900 22.72 29.32 -9.77
C ALA B 900 22.67 27.85 -10.15
N LEU B 901 21.53 27.23 -9.84
CA LEU B 901 21.35 25.82 -10.14
C LEU B 901 21.49 25.56 -11.63
N SER B 902 20.75 26.31 -12.43
CA SER B 902 20.80 26.17 -13.88
C SER B 902 22.21 26.31 -14.43
N VAL B 903 22.98 27.18 -13.82
CA VAL B 903 24.37 27.39 -14.22
C VAL B 903 25.18 26.13 -13.93
N LEU B 904 25.05 25.62 -12.71
CA LEU B 904 25.76 24.42 -12.31
C LEU B 904 25.44 23.28 -13.28
N VAL B 905 24.15 23.05 -13.51
CA VAL B 905 23.73 22.00 -14.42
C VAL B 905 24.38 22.15 -15.80
N THR B 906 24.31 23.35 -16.36
CA THR B 906 24.89 23.57 -17.69
C THR B 906 26.41 23.38 -17.70
N ILE B 907 27.10 23.96 -16.72
CA ILE B 907 28.54 23.80 -16.66
C ILE B 907 28.88 22.32 -16.55
N GLU B 908 28.16 21.60 -15.70
CA GLU B 908 28.42 20.16 -15.52
C GLU B 908 28.15 19.32 -16.77
N MET B 909 27.19 19.74 -17.59
CA MET B 909 26.92 18.97 -18.82
C MET B 909 28.11 19.28 -19.74
N CYS B 910 28.69 20.47 -19.57
CA CYS B 910 29.85 20.88 -20.35
C CYS B 910 31.07 20.14 -19.86
N ASN B 911 31.23 20.03 -18.56
CA ASN B 911 32.39 19.35 -18.01
C ASN B 911 32.34 17.85 -18.29
N ALA B 912 31.13 17.34 -18.57
CA ALA B 912 30.96 15.93 -18.88
C ALA B 912 31.69 15.72 -20.20
N LEU B 913 31.49 16.67 -21.13
CA LEU B 913 32.14 16.61 -22.42
C LEU B 913 33.65 16.84 -22.25
N ASN B 914 34.03 17.59 -21.23
CA ASN B 914 35.44 17.82 -20.97
C ASN B 914 36.06 16.54 -20.38
N SER B 915 35.24 15.52 -20.15
CA SER B 915 35.72 14.28 -19.57
C SER B 915 35.84 13.09 -20.50
N LEU B 916 35.48 13.26 -21.77
CA LEU B 916 35.61 12.14 -22.70
C LEU B 916 37.09 11.73 -22.80
N SER B 917 37.97 12.70 -22.54
CA SER B 917 39.40 12.45 -22.62
C SER B 917 40.10 13.38 -21.68
N GLU B 918 41.11 12.88 -21.00
CA GLU B 918 41.83 13.71 -20.06
C GLU B 918 42.56 14.86 -20.76
N ASN B 919 43.13 14.58 -21.94
CA ASN B 919 43.91 15.58 -22.65
C ASN B 919 43.53 15.95 -24.07
N GLN B 920 42.72 15.13 -24.72
CA GLN B 920 42.32 15.40 -26.09
C GLN B 920 41.19 16.42 -26.20
N SER B 921 41.45 17.50 -26.92
CA SER B 921 40.45 18.55 -27.10
C SER B 921 39.22 18.01 -27.80
N LEU B 922 38.09 18.68 -27.58
CA LEU B 922 36.85 18.26 -28.20
C LEU B 922 36.94 18.44 -29.71
N MET B 923 38.08 18.97 -30.16
CA MET B 923 38.37 19.19 -31.59
C MET B 923 38.82 17.90 -32.26
N ARG B 924 39.67 17.14 -31.56
CA ARG B 924 40.19 15.86 -32.06
C ARG B 924 39.36 14.71 -31.50
N MET B 925 38.84 14.89 -30.28
CA MET B 925 38.01 13.89 -29.64
C MET B 925 36.63 14.52 -29.61
N PRO B 926 35.82 14.29 -30.65
CA PRO B 926 34.46 14.82 -30.81
C PRO B 926 33.48 14.40 -29.73
N PRO B 927 32.57 15.31 -29.35
CA PRO B 927 31.56 15.05 -28.32
C PRO B 927 30.72 13.83 -28.65
N TRP B 928 30.49 13.60 -29.95
CA TRP B 928 29.68 12.48 -30.39
C TRP B 928 30.42 11.14 -30.36
N VAL B 929 31.68 11.18 -29.93
CA VAL B 929 32.49 9.97 -29.80
C VAL B 929 31.83 9.00 -28.82
N ASN B 930 31.01 9.54 -27.93
CA ASN B 930 30.27 8.73 -26.96
C ASN B 930 28.80 9.14 -27.11
N ILE B 931 28.07 8.41 -27.93
CA ILE B 931 26.66 8.73 -28.17
C ILE B 931 25.82 8.64 -26.89
N TRP B 932 26.17 7.71 -26.02
CA TRP B 932 25.42 7.55 -24.78
C TRP B 932 25.49 8.83 -23.96
N LEU B 933 26.68 9.43 -23.91
CA LEU B 933 26.87 10.66 -23.16
C LEU B 933 25.98 11.78 -23.69
N LEU B 934 26.01 12.02 -24.98
CA LEU B 934 25.15 13.07 -25.55
C LEU B 934 23.72 12.82 -25.10
N GLY B 935 23.27 11.59 -25.28
CA GLY B 935 21.92 11.23 -24.89
C GLY B 935 21.66 11.42 -23.39
N SER B 936 22.65 11.16 -22.56
CA SER B 936 22.44 11.31 -21.13
C SER B 936 22.19 12.80 -20.83
N ILE B 937 22.94 13.67 -21.48
CA ILE B 937 22.80 15.11 -21.26
C ILE B 937 21.41 15.60 -21.62
N CYS B 938 20.88 15.12 -22.74
CA CYS B 938 19.54 15.54 -23.17
C CYS B 938 18.54 15.15 -22.08
N LEU B 939 18.73 13.96 -21.52
CA LEU B 939 17.85 13.45 -20.48
C LEU B 939 17.99 14.22 -19.16
N SER B 940 19.21 14.65 -18.84
CA SER B 940 19.48 15.43 -17.63
C SER B 940 18.87 16.81 -17.76
N MET B 941 18.94 17.40 -18.96
CA MET B 941 18.37 18.71 -19.18
C MET B 941 16.85 18.61 -19.10
N SER B 942 16.29 17.60 -19.75
CA SER B 942 14.84 17.44 -19.71
C SER B 942 14.38 17.26 -18.27
N LEU B 943 15.17 16.54 -17.48
CA LEU B 943 14.84 16.32 -16.08
C LEU B 943 14.90 17.63 -15.29
N HIS B 944 15.84 18.49 -15.67
CA HIS B 944 16.00 19.77 -14.99
C HIS B 944 14.75 20.63 -15.22
N PHE B 945 14.27 20.63 -16.46
CA PHE B 945 13.07 21.37 -16.79
C PHE B 945 11.92 20.77 -16.01
N LEU B 946 11.99 19.47 -15.79
CA LEU B 946 10.94 18.76 -15.04
C LEU B 946 10.67 19.42 -13.69
N ILE B 947 11.71 19.53 -12.87
CA ILE B 947 11.56 20.12 -11.55
C ILE B 947 11.23 21.60 -11.62
N LEU B 948 11.50 22.21 -12.77
CA LEU B 948 11.21 23.63 -12.97
C LEU B 948 9.77 23.95 -13.37
N TYR B 949 9.02 22.96 -13.83
CA TYR B 949 7.64 23.23 -14.25
C TYR B 949 6.52 22.42 -13.61
N VAL B 950 6.76 21.14 -13.35
CA VAL B 950 5.73 20.32 -12.74
C VAL B 950 5.53 20.70 -11.28
N ASP B 951 4.68 21.70 -11.08
CA ASP B 951 4.33 22.32 -9.79
C ASP B 951 4.74 21.74 -8.43
N PRO B 952 4.51 20.44 -8.19
CA PRO B 952 4.95 20.02 -6.86
C PRO B 952 6.46 20.24 -6.71
N LEU B 953 7.18 19.92 -7.77
CA LEU B 953 8.64 20.00 -7.82
C LEU B 953 9.31 21.37 -7.65
N PRO B 954 8.90 22.38 -8.45
CA PRO B 954 9.54 23.69 -8.30
C PRO B 954 9.48 24.25 -6.88
N MET B 955 8.39 23.98 -6.18
CA MET B 955 8.22 24.46 -4.82
C MET B 955 9.07 23.64 -3.83
N ILE B 956 9.28 22.37 -4.13
CA ILE B 956 10.07 21.49 -3.26
C ILE B 956 11.55 21.86 -3.34
N PHE B 957 12.00 22.23 -4.54
CA PHE B 957 13.39 22.61 -4.76
C PHE B 957 13.64 24.11 -4.66
N LYS B 958 12.56 24.88 -4.47
CA LYS B 958 12.67 26.32 -4.39
C LYS B 958 13.19 26.88 -5.70
N LEU B 959 12.51 26.54 -6.79
CA LEU B 959 12.92 27.01 -8.12
C LEU B 959 11.80 27.76 -8.84
N LYS B 960 12.16 28.41 -9.94
CA LYS B 960 11.20 29.15 -10.75
C LYS B 960 11.71 29.26 -12.19
N ALA B 961 10.87 28.82 -13.12
CA ALA B 961 11.20 28.84 -14.55
C ALA B 961 11.86 30.15 -14.94
N LEU B 962 12.94 30.07 -15.70
CA LEU B 962 13.67 31.25 -16.14
C LEU B 962 13.14 31.84 -17.44
N ASP B 963 13.39 33.12 -17.64
CA ASP B 963 12.98 33.82 -18.85
C ASP B 963 13.97 33.43 -19.94
N LEU B 964 13.56 33.52 -21.19
CA LEU B 964 14.46 33.16 -22.29
C LEU B 964 15.70 34.03 -22.23
N THR B 965 15.63 35.08 -21.42
CA THR B 965 16.73 36.02 -21.24
C THR B 965 17.64 35.51 -20.11
N GLN B 966 17.00 34.97 -19.07
CA GLN B 966 17.74 34.44 -17.94
C GLN B 966 18.53 33.20 -18.35
N TRP B 967 17.92 32.35 -19.17
CA TRP B 967 18.58 31.15 -19.66
C TRP B 967 19.81 31.62 -20.43
N LEU B 968 19.57 32.57 -21.32
CA LEU B 968 20.60 33.15 -22.15
C LEU B 968 21.78 33.64 -21.32
N MET B 969 21.51 34.04 -20.08
CA MET B 969 22.57 34.51 -19.21
C MET B 969 23.34 33.29 -18.69
N VAL B 970 22.61 32.19 -18.48
CA VAL B 970 23.21 30.96 -17.99
C VAL B 970 24.24 30.45 -18.99
N LEU B 971 23.89 30.49 -20.28
CA LEU B 971 24.80 30.03 -21.32
C LEU B 971 26.04 30.95 -21.44
N LYS B 972 25.89 32.23 -21.10
CA LYS B 972 27.02 33.18 -21.17
C LYS B 972 28.02 32.87 -20.06
N ILE B 973 27.52 32.36 -18.95
CA ILE B 973 28.39 32.04 -17.83
C ILE B 973 28.88 30.58 -17.81
N SER B 974 28.09 29.67 -18.40
CA SER B 974 28.46 28.26 -18.43
C SER B 974 29.38 27.82 -19.57
N LEU B 975 28.87 27.85 -20.80
CA LEU B 975 29.62 27.43 -21.99
C LEU B 975 31.11 27.72 -22.02
N PRO B 976 31.53 28.91 -21.57
CA PRO B 976 32.97 29.22 -21.58
C PRO B 976 33.86 28.22 -20.85
N VAL B 977 33.27 27.39 -19.99
CA VAL B 977 34.05 26.41 -19.24
C VAL B 977 34.81 25.48 -20.21
N ILE B 978 34.15 25.12 -21.30
CA ILE B 978 34.76 24.27 -22.31
C ILE B 978 36.04 24.88 -22.87
N GLY B 979 36.06 26.20 -23.03
CA GLY B 979 37.26 26.86 -23.54
C GLY B 979 38.38 26.84 -22.51
N LEU B 980 38.03 27.12 -21.25
CA LEU B 980 38.99 27.13 -20.17
C LEU B 980 39.77 25.82 -20.09
N ASP B 981 39.05 24.70 -20.14
CA ASP B 981 39.69 23.40 -20.05
C ASP B 981 40.44 23.10 -21.34
N GLU B 982 39.87 23.54 -22.46
CA GLU B 982 40.52 23.32 -23.75
C GLU B 982 41.91 23.93 -23.72
N ILE B 983 42.02 25.10 -23.12
CA ILE B 983 43.28 25.82 -22.99
C ILE B 983 44.18 25.07 -22.02
N LEU B 984 43.60 24.62 -20.92
CA LEU B 984 44.34 23.88 -19.90
C LEU B 984 44.87 22.57 -20.46
N LYS B 985 44.10 21.95 -21.34
CA LYS B 985 44.53 20.71 -21.95
C LYS B 985 45.64 21.05 -22.92
N PHE B 986 45.44 22.13 -23.68
CA PHE B 986 46.43 22.56 -24.66
C PHE B 986 47.80 22.72 -23.97
N ILE B 987 47.77 23.20 -22.73
CA ILE B 987 49.00 23.40 -21.97
C ILE B 987 49.63 22.08 -21.54
N ALA B 988 48.81 21.10 -21.19
CA ALA B 988 49.31 19.81 -20.78
C ALA B 988 49.87 19.03 -21.97
N ARG B 989 49.40 19.35 -23.17
CA ARG B 989 49.83 18.66 -24.37
C ARG B 989 51.11 19.18 -24.99
N ASN B 990 51.22 20.51 -25.10
CA ASN B 990 52.39 21.11 -25.72
C ASN B 990 53.48 21.65 -24.81
N TYR B 991 53.25 21.66 -23.49
CA TYR B 991 54.29 22.17 -22.59
C TYR B 991 54.52 21.28 -21.40
N LEU B 992 54.03 20.05 -21.48
CA LEU B 992 54.20 19.09 -20.40
C LEU B 992 54.57 17.70 -20.91
N GLU B 993 55.06 17.62 -22.14
CA GLU B 993 55.47 16.34 -22.70
C GLU B 993 56.97 16.14 -22.59
N GLY B 994 57.37 15.15 -21.79
CA GLY B 994 58.78 14.87 -21.59
C GLY B 994 59.03 13.75 -20.58
NA NA C . -35.05 18.58 8.40
C34 TG1 D . -16.11 6.32 21.99
C11 TG1 D . -15.57 5.25 21.02
C7 TG1 D . -14.99 3.95 21.71
C8 TG1 D . -16.05 2.88 22.13
C9 TG1 D . -15.58 1.64 22.91
C10 TG1 D . -14.51 0.66 22.28
C1 TG1 D . -13.09 1.36 21.93
C2 TG1 D . -11.90 0.35 21.66
O1 TG1 D . -10.79 0.63 22.53
C13 TG1 D . -10.09 -0.39 23.07
O2 TG1 D . -10.39 -1.57 23.05
C14 TG1 D . -8.83 0.23 23.72
C15 TG1 D . -7.46 -0.17 23.18
C16 TG1 D . -6.96 -1.58 23.48
C17 TG1 D . -7.12 -2.55 22.29
C18 TG1 D . -5.79 -3.21 21.90
C19 TG1 D . -5.91 -4.69 21.50
C20 TG1 D . -4.66 -5.51 21.81
C3 TG1 D . -11.33 0.69 20.24
O3 TG1 D . -11.59 -0.47 19.34
C21 TG1 D . -10.50 -1.14 18.95
O4 TG1 D . -9.28 -0.79 19.20
C22 TG1 D . -10.81 -2.60 18.41
C23 TG1 D . -9.77 -3.60 18.81
C24 TG1 D . -11.83 -3.09 17.72
C25 TG1 D . -13.08 -2.44 17.19
C4 TG1 D . -12.12 1.91 19.80
C26 TG1 D . -11.83 2.50 18.40
C5 TG1 D . -13.03 2.31 20.71
C6 TG1 D . -14.02 3.50 20.57
O5 TG1 D . -13.42 4.76 20.19
C12 TG1 D . -14.34 5.74 20.25
O12 TG1 D . -14.21 6.88 19.78
C31 TG1 D . -15.04 -0.15 21.06
O9 TG1 D . -14.52 -0.53 23.16
C32 TG1 D . -14.11 -0.79 24.43
O10 TG1 D . -13.51 -0.02 25.16
C33 TG1 D . -14.37 -2.14 24.77
O7 TG1 D . -16.82 2.48 20.93
C27 TG1 D . -18.13 2.84 20.87
O8 TG1 D . -18.74 3.45 21.74
C28 TG1 D . -18.71 2.51 19.52
C29 TG1 D . -19.14 3.77 18.73
C30 TG1 D . -20.33 3.45 17.84
O6 TG1 D . -14.19 4.35 22.86
O11 TG1 D . -16.54 5.10 19.96
O1 BHQ E . -17.36 1.49 5.87
O2 BHQ E . -18.92 -1.43 10.34
C1 BHQ E . -17.74 0.74 6.97
C2 BHQ E . -17.65 -0.71 6.90
C3 BHQ E . -18.07 -1.36 8.09
C4 BHQ E . -18.54 -0.69 9.24
C5 BHQ E . -18.63 0.74 9.30
C6 BHQ E . -18.20 1.42 8.10
C7 BHQ E . -17.14 -1.51 5.66
C8 BHQ E . -18.02 -1.23 4.42
C9 BHQ E . -15.68 -1.16 5.32
C10 BHQ E . -17.16 -3.04 5.86
C11 BHQ E . -19.14 1.52 10.54
C12 BHQ E . -18.30 1.23 11.78
C13 BHQ E . -19.12 3.05 10.34
C14 BHQ E . -20.62 1.16 10.79
C1 PTY F . -23.67 -2.28 2.77
C2 PTY F . -21.84 3.21 6.26
C3 PTY F . -23.28 3.31 5.64
O4 PTY F . -23.10 -3.22 3.75
C5 PTY F . -25.17 -0.71 4.00
C6 PTY F . -25.17 -1.93 3.04
O7 PTY F . -25.88 -3.07 3.65
C8 PTY F . -27.07 -3.47 3.13
O10 PTY F . -28.07 -2.80 3.25
C11 PTY F . -27.12 -4.74 2.33
C30 PTY F . -22.10 -4.02 3.30
C31 PTY F . -22.44 -5.48 3.03
O30 PTY F . -20.99 -3.64 3.15
P1 PTY F . -24.93 1.98 3.94
O11 PTY F . -23.72 2.08 4.94
O12 PTY F . -26.26 2.59 4.56
O13 PTY F . -24.40 2.89 2.75
O14 PTY F . -25.27 0.54 3.34
N1 PTY F . -20.72 3.14 5.28
C1 PTY G . -26.17 -13.18 39.37
C2 PTY G . -28.43 -8.00 45.31
C3 PTY G . -28.41 -7.69 43.77
O4 PTY G . -25.35 -14.36 39.75
C5 PTY G . -27.51 -11.48 40.74
C6 PTY G . -27.58 -12.90 40.05
O7 PTY G . -28.00 -13.95 41.01
C8 PTY G . -29.30 -14.45 41.03
O10 PTY G . -30.30 -13.78 40.80
C11 PTY G . -29.41 -15.93 41.31
C30 PTY G . -24.00 -14.24 39.70
C31 PTY G . -23.28 -15.31 38.86
O30 PTY G . -23.34 -13.41 40.28
P1 PTY G . -29.08 -9.55 42.00
O11 PTY G . -28.08 -8.90 43.02
O12 PTY G . -30.57 -9.71 42.58
O13 PTY G . -29.16 -8.48 40.81
O14 PTY G . -28.57 -11.03 41.61
N1 PTY G . -27.71 -9.20 45.80
C1 PTY H . 11.59 -7.13 26.89
C2 PTY H . 8.29 -13.15 21.39
C3 PTY H . 9.17 -11.91 21.81
O4 PTY H . 11.26 -5.76 27.33
C5 PTY H . 11.55 -8.84 25.00
C6 PTY H . 10.80 -7.61 25.62
O7 PTY H . 10.61 -6.50 24.67
C8 PTY H . 9.34 -6.12 24.34
O10 PTY H . 8.56 -6.85 23.74
C11 PTY H . 8.91 -4.73 24.77
C30 PTY H . 10.71 -5.64 28.56
C31 PTY H . 9.27 -5.14 28.63
O30 PTY H . 11.28 -5.85 29.58
P1 PTY H . 10.70 -11.31 24.13
O11 PTY H . 9.48 -11.92 23.27
O12 PTY H . 10.68 -11.94 25.62
O13 PTY H . 12.08 -11.74 23.47
O14 PTY H . 10.66 -9.72 24.27
N1 PTY H . 7.78 -13.09 20.00
NA NA I . 42.16 -14.01 -3.83
C34 TG1 J . 44.75 12.24 -3.63
C11 TG1 J . 43.37 12.77 -3.19
C7 TG1 J . 42.98 14.19 -3.78
C8 TG1 J . 42.42 14.21 -5.22
C9 TG1 J . 42.13 15.58 -5.89
C10 TG1 J . 41.10 16.58 -5.24
C1 TG1 J . 41.47 17.05 -3.74
C2 TG1 J . 40.69 18.31 -3.21
O1 TG1 J . 41.61 19.33 -2.80
C13 TG1 J . 41.34 20.63 -3.06
O2 TG1 J . 40.45 21.05 -3.80
C14 TG1 J . 42.33 21.48 -2.26
C15 TG1 J . 41.79 22.43 -1.17
C16 TG1 J . 41.06 23.70 -1.65
C17 TG1 J . 39.53 23.57 -1.54
C18 TG1 J . 38.91 24.68 -0.68
C19 TG1 J . 37.56 25.20 -1.21
C20 TG1 J . 37.30 26.68 -0.88
C3 TG1 J . 39.98 17.88 -1.88
O3 TG1 J . 38.50 17.92 -2.06
C21 TG1 J . 37.86 18.88 -1.39
O4 TG1 J . 38.40 19.67 -0.54
C22 TG1 J . 36.43 19.20 -1.97
C23 TG1 J . 36.08 20.67 -1.90
C24 TG1 J . 35.49 18.44 -2.53
C25 TG1 J . 35.48 16.95 -2.83
C4 TG1 J . 40.48 16.47 -1.62
C26 TG1 J . 39.94 15.73 -0.40
C5 TG1 J . 41.31 16.02 -2.59
C6 TG1 J . 41.96 14.61 -2.67
O5 TG1 J . 42.65 14.20 -1.47
C12 TG1 J . 43.29 13.03 -1.69
O12 TG1 J . 43.77 12.31 -0.81
C31 TG1 J . 39.63 16.08 -5.31
O9 TG1 J . 40.87 17.64 -6.27
C32 TG1 J . 41.61 18.63 -6.80
O10 TG1 J . 42.73 18.97 -6.45
C33 TG1 J . 40.88 19.34 -7.79
O7 TG1 J . 41.23 13.35 -5.26
C27 TG1 J . 41.32 12.19 -6.00
O8 TG1 J . 42.31 11.82 -6.64
C28 TG1 J . 40.09 11.36 -5.82
C29 TG1 J . 40.40 10.02 -5.11
C30 TG1 J . 39.42 8.96 -5.57
O6 TG1 J . 44.16 15.07 -3.67
O11 TG1 J . 42.43 11.69 -3.32
O1 BHQ K . 29.93 6.68 2.21
O2 BHQ K . 30.83 9.15 -2.70
C1 BHQ K . 30.13 7.31 0.99
C2 BHQ K . 29.06 8.12 0.42
C3 BHQ K . 29.39 8.70 -0.83
C4 BHQ K . 30.63 8.53 -1.49
C5 BHQ K . 31.69 7.73 -0.92
C6 BHQ K . 31.36 7.13 0.35
C7 BHQ K . 27.66 8.35 1.10
C8 BHQ K . 26.93 7.01 1.30
C9 BHQ K . 27.82 9.05 2.47
C10 BHQ K . 26.72 9.24 0.28
C11 BHQ K . 33.06 7.50 -1.62
C12 BHQ K . 33.78 8.82 -1.85
C13 BHQ K . 34.00 6.61 -0.78
C14 BHQ K . 32.84 6.75 -2.95
C1 PTY L . 24.52 2.83 -2.22
C2 PTY L . 31.02 2.75 -0.38
C3 PTY L . 30.52 1.38 -1.00
O4 PTY L . 24.60 4.19 -2.78
C5 PTY L . 26.36 1.48 -3.24
C6 PTY L . 24.82 1.71 -3.27
O7 PTY L . 24.39 2.09 -4.62
C8 PTY L . 23.63 1.22 -5.33
O10 PTY L . 24.11 0.21 -5.81
C11 PTY L . 22.15 1.50 -5.52
C30 PTY L . 23.81 5.13 -2.20
C31 PTY L . 22.56 5.56 -2.95
O30 PTY L . 24.06 5.64 -1.16
P1 PTY L . 28.24 0.16 -1.79
O11 PTY L . 29.12 1.41 -1.46
O12 PTY L . 28.98 -0.84 -2.80
O13 PTY L . 28.10 -0.49 -0.36
O14 PTY L . 26.78 0.43 -2.36
N1 PTY L . 30.39 3.13 0.91
C1 PTY M . 42.18 23.57 -29.09
C2 PTY M . 49.79 21.86 -31.60
C3 PTY M . 48.94 21.00 -30.60
O4 PTY M . 41.68 24.95 -29.27
C5 PTY M . 44.22 22.32 -30.02
C6 PTY M . 42.73 22.72 -30.34
O7 PTY M . 42.62 23.43 -31.63
C8 PTY M . 42.17 22.78 -32.78
O10 PTY M . 42.39 21.61 -33.06
C11 PTY M . 41.31 23.63 -33.69
C30 PTY M . 41.86 25.83 -28.24
C31 PTY M . 40.58 26.53 -27.76
O30 PTY M . 42.91 26.10 -27.72
P1 PTY M . 46.31 20.73 -30.93
O11 PTY M . 47.58 21.56 -30.50
O12 PTY M . 46.46 20.03 -32.37
O13 PTY M . 46.24 19.56 -29.85
O14 PTY M . 45.05 21.72 -31.04
N1 PTY M . 49.36 23.25 -31.91
C1 PTY N . 41.23 41.38 6.97
C2 PTY N . 32.81 39.80 4.95
C3 PTY N . 34.07 39.94 5.89
O4 PTY N . 42.47 40.60 7.12
C5 PTY N . 38.68 41.42 7.19
C6 PTY N . 39.93 40.51 6.88
O7 PTY N . 40.02 39.33 7.78
C8 PTY N . 39.95 38.07 7.25
O10 PTY N . 38.94 37.64 6.71
C11 PTY N . 41.19 37.21 7.32
C30 PTY N . 43.37 40.69 6.10
C31 PTY N . 43.64 39.45 5.28
O30 PTY N . 43.99 41.68 5.84
P1 PTY N . 36.24 41.76 5.96
O11 PTY N . 35.11 40.83 5.30
O12 PTY N . 36.84 42.76 4.84
O13 PTY N . 35.61 42.67 7.08
O14 PTY N . 37.47 40.94 6.58
N1 PTY N . 31.83 38.78 5.39
#